data_2OF7
# 
_entry.id   2OF7 
# 
_audit_conform.dict_name       mmcif_pdbx.dic 
_audit_conform.dict_version    5.398 
_audit_conform.dict_location   http://mmcif.pdb.org/dictionaries/ascii/mmcif_pdbx.dic 
# 
loop_
_database_2.database_id 
_database_2.database_code 
_database_2.pdbx_database_accession 
_database_2.pdbx_DOI 
PDB   2OF7         pdb_00002of7 10.2210/pdb2of7/pdb 
RCSB  RCSB041059   ?            ?                   
WWPDB D_1000041059 ?            ?                   
# 
loop_
_pdbx_audit_revision_history.ordinal 
_pdbx_audit_revision_history.data_content_type 
_pdbx_audit_revision_history.major_revision 
_pdbx_audit_revision_history.minor_revision 
_pdbx_audit_revision_history.revision_date 
1 'Structure model' 1 0 2007-01-30 
2 'Structure model' 1 1 2008-05-01 
3 'Structure model' 1 2 2011-07-13 
4 'Structure model' 1 3 2023-12-27 
5 'Structure model' 1 4 2024-11-06 
# 
_pdbx_audit_revision_details.ordinal             1 
_pdbx_audit_revision_details.revision_ordinal    1 
_pdbx_audit_revision_details.data_content_type   'Structure model' 
_pdbx_audit_revision_details.provider            repository 
_pdbx_audit_revision_details.type                'Initial release' 
_pdbx_audit_revision_details.description         ? 
_pdbx_audit_revision_details.details             ? 
# 
loop_
_pdbx_audit_revision_group.ordinal 
_pdbx_audit_revision_group.revision_ordinal 
_pdbx_audit_revision_group.data_content_type 
_pdbx_audit_revision_group.group 
1 2 'Structure model' 'Version format compliance' 
2 3 'Structure model' 'Derived calculations'      
3 3 'Structure model' 'Version format compliance' 
4 4 'Structure model' 'Data collection'           
5 4 'Structure model' 'Database references'       
6 4 'Structure model' 'Derived calculations'      
7 5 'Structure model' 'Structure summary'         
# 
loop_
_pdbx_audit_revision_category.ordinal 
_pdbx_audit_revision_category.revision_ordinal 
_pdbx_audit_revision_category.data_content_type 
_pdbx_audit_revision_category.category 
1 4 'Structure model' chem_comp_atom            
2 4 'Structure model' chem_comp_bond            
3 4 'Structure model' database_2                
4 4 'Structure model' struct_conn               
5 4 'Structure model' struct_ref_seq_dif        
6 5 'Structure model' pdbx_entry_details        
7 5 'Structure model' pdbx_modification_feature 
# 
loop_
_pdbx_audit_revision_item.ordinal 
_pdbx_audit_revision_item.revision_ordinal 
_pdbx_audit_revision_item.data_content_type 
_pdbx_audit_revision_item.item 
1 4 'Structure model' '_database_2.pdbx_DOI'                
2 4 'Structure model' '_database_2.pdbx_database_accession' 
3 4 'Structure model' '_struct_conn.pdbx_leaving_atom_flag' 
4 4 'Structure model' '_struct_ref_seq_dif.details'         
# 
_pdbx_database_status.status_code                     REL 
_pdbx_database_status.entry_id                        2OF7 
_pdbx_database_status.recvd_initial_deposition_date   2007-01-02 
_pdbx_database_status.deposit_site                    RCSB 
_pdbx_database_status.process_site                    RCSB 
_pdbx_database_status.status_code_sf                  REL 
_pdbx_database_status.status_code_mr                  ? 
_pdbx_database_status.SG_entry                        Y 
_pdbx_database_status.pdb_format_compatible           Y 
_pdbx_database_status.status_code_cs                  ? 
_pdbx_database_status.status_code_nmr_data            ? 
_pdbx_database_status.methods_development_category    ? 
# 
_pdbx_database_related.db_name        TargetDB 
_pdbx_database_related.db_id          APC7240 
_pdbx_database_related.details        . 
_pdbx_database_related.content_type   unspecified 
# 
loop_
_audit_author.name 
_audit_author.pdbx_ordinal 
'Tan, K.'                                       1 
'Xu, X.'                                        2 
'Zheng, H.'                                     3 
'Savchenko, A.'                                 4 
'Edwards, A.'                                   5 
'Joachimiak, A.'                                6 
'Midwest Center for Structural Genomics (MCSG)' 7 
# 
_citation.id                        primary 
_citation.title                     
'The crystal structure of a tetR-family transcriptional regulator from Streptomyces coelicolor A3' 
_citation.journal_abbrev            'To be Published' 
_citation.journal_volume            ? 
_citation.page_first                ? 
_citation.page_last                 ? 
_citation.year                      ? 
_citation.journal_id_ASTM           ? 
_citation.country                   ? 
_citation.journal_id_ISSN           ? 
_citation.journal_id_CSD            0353 
_citation.book_publisher            ? 
_citation.pdbx_database_id_PubMed   ? 
_citation.pdbx_database_id_DOI      ? 
# 
loop_
_citation_author.citation_id 
_citation_author.name 
_citation_author.ordinal 
_citation_author.identifier_ORCID 
primary 'Tan, K.'        1 ? 
primary 'Xu, X.'         2 ? 
primary 'Zheng, H.'      3 ? 
primary 'Savchenko, A.'  4 ? 
primary 'Edwards, A.'    5 ? 
primary 'Joachimiak, A.' 6 ? 
# 
loop_
_entity.id 
_entity.type 
_entity.src_method 
_entity.pdbx_description 
_entity.formula_weight 
_entity.pdbx_number_of_molecules 
_entity.pdbx_ec 
_entity.pdbx_mutation 
_entity.pdbx_fragment 
_entity.details 
1 polymer man 'Putative tetR-family transcriptional regulator' 29412.531 1  ? ? ? ? 
2 water   nat water                                            18.015    53 ? ? ? ? 
# 
_entity_poly.entity_id                      1 
_entity_poly.type                           'polypeptide(L)' 
_entity_poly.nstd_linkage                   no 
_entity_poly.nstd_monomer                   yes 
_entity_poly.pdbx_seq_one_letter_code       
;(MSE)T(MSE)GSSHHHHHHSSGRENLYFQGH(MSE)AARSAPSPAGAPRPGLRERKKTRTREAIRAATYGLIRQQGYEA
TTVEQIAERAEVSPSTVLRYFPTREDIVLTDEYDPV(MSE)AAELAARPAGEPWSDSLRHVLRKALGLGAGEEAELIRLR
TRLLAEVPAVRAR(MSE)LEN(MSE)SDTGR(MSE)LARAIADRTGLDPDGLEVRIVS(MSE)SLVGGL(MSE)EVSRYW
AEHDHEESLAELVDRALDALENGLPALRESDRESDREGDRGGHREDRREGPRKDGS
;
_entity_poly.pdbx_seq_one_letter_code_can   
;MTMGSSHHHHHHSSGRENLYFQGHMAARSAPSPAGAPRPGLRERKKTRTREAIRAATYGLIRQQGYEATTVEQIAERAEV
SPSTVLRYFPTREDIVLTDEYDPVMAAELAARPAGEPWSDSLRHVLRKALGLGAGEEAELIRLRTRLLAEVPAVRARMLE
NMSDTGRMLARAIADRTGLDPDGLEVRIVSMSLVGGLMEVSRYWAEHDHEESLAELVDRALDALENGLPALRESDRESDR
EGDRGGHREDRREGPRKDGS
;
_entity_poly.pdbx_strand_id                 A 
_entity_poly.pdbx_target_identifier         APC7240 
# 
_pdbx_entity_nonpoly.entity_id   2 
_pdbx_entity_nonpoly.name        water 
_pdbx_entity_nonpoly.comp_id     HOH 
# 
loop_
_entity_poly_seq.entity_id 
_entity_poly_seq.num 
_entity_poly_seq.mon_id 
_entity_poly_seq.hetero 
1 1   MSE n 
1 2   THR n 
1 3   MSE n 
1 4   GLY n 
1 5   SER n 
1 6   SER n 
1 7   HIS n 
1 8   HIS n 
1 9   HIS n 
1 10  HIS n 
1 11  HIS n 
1 12  HIS n 
1 13  SER n 
1 14  SER n 
1 15  GLY n 
1 16  ARG n 
1 17  GLU n 
1 18  ASN n 
1 19  LEU n 
1 20  TYR n 
1 21  PHE n 
1 22  GLN n 
1 23  GLY n 
1 24  HIS n 
1 25  MSE n 
1 26  ALA n 
1 27  ALA n 
1 28  ARG n 
1 29  SER n 
1 30  ALA n 
1 31  PRO n 
1 32  SER n 
1 33  PRO n 
1 34  ALA n 
1 35  GLY n 
1 36  ALA n 
1 37  PRO n 
1 38  ARG n 
1 39  PRO n 
1 40  GLY n 
1 41  LEU n 
1 42  ARG n 
1 43  GLU n 
1 44  ARG n 
1 45  LYS n 
1 46  LYS n 
1 47  THR n 
1 48  ARG n 
1 49  THR n 
1 50  ARG n 
1 51  GLU n 
1 52  ALA n 
1 53  ILE n 
1 54  ARG n 
1 55  ALA n 
1 56  ALA n 
1 57  THR n 
1 58  TYR n 
1 59  GLY n 
1 60  LEU n 
1 61  ILE n 
1 62  ARG n 
1 63  GLN n 
1 64  GLN n 
1 65  GLY n 
1 66  TYR n 
1 67  GLU n 
1 68  ALA n 
1 69  THR n 
1 70  THR n 
1 71  VAL n 
1 72  GLU n 
1 73  GLN n 
1 74  ILE n 
1 75  ALA n 
1 76  GLU n 
1 77  ARG n 
1 78  ALA n 
1 79  GLU n 
1 80  VAL n 
1 81  SER n 
1 82  PRO n 
1 83  SER n 
1 84  THR n 
1 85  VAL n 
1 86  LEU n 
1 87  ARG n 
1 88  TYR n 
1 89  PHE n 
1 90  PRO n 
1 91  THR n 
1 92  ARG n 
1 93  GLU n 
1 94  ASP n 
1 95  ILE n 
1 96  VAL n 
1 97  LEU n 
1 98  THR n 
1 99  ASP n 
1 100 GLU n 
1 101 TYR n 
1 102 ASP n 
1 103 PRO n 
1 104 VAL n 
1 105 MSE n 
1 106 ALA n 
1 107 ALA n 
1 108 GLU n 
1 109 LEU n 
1 110 ALA n 
1 111 ALA n 
1 112 ARG n 
1 113 PRO n 
1 114 ALA n 
1 115 GLY n 
1 116 GLU n 
1 117 PRO n 
1 118 TRP n 
1 119 SER n 
1 120 ASP n 
1 121 SER n 
1 122 LEU n 
1 123 ARG n 
1 124 HIS n 
1 125 VAL n 
1 126 LEU n 
1 127 ARG n 
1 128 LYS n 
1 129 ALA n 
1 130 LEU n 
1 131 GLY n 
1 132 LEU n 
1 133 GLY n 
1 134 ALA n 
1 135 GLY n 
1 136 GLU n 
1 137 GLU n 
1 138 ALA n 
1 139 GLU n 
1 140 LEU n 
1 141 ILE n 
1 142 ARG n 
1 143 LEU n 
1 144 ARG n 
1 145 THR n 
1 146 ARG n 
1 147 LEU n 
1 148 LEU n 
1 149 ALA n 
1 150 GLU n 
1 151 VAL n 
1 152 PRO n 
1 153 ALA n 
1 154 VAL n 
1 155 ARG n 
1 156 ALA n 
1 157 ARG n 
1 158 MSE n 
1 159 LEU n 
1 160 GLU n 
1 161 ASN n 
1 162 MSE n 
1 163 SER n 
1 164 ASP n 
1 165 THR n 
1 166 GLY n 
1 167 ARG n 
1 168 MSE n 
1 169 LEU n 
1 170 ALA n 
1 171 ARG n 
1 172 ALA n 
1 173 ILE n 
1 174 ALA n 
1 175 ASP n 
1 176 ARG n 
1 177 THR n 
1 178 GLY n 
1 179 LEU n 
1 180 ASP n 
1 181 PRO n 
1 182 ASP n 
1 183 GLY n 
1 184 LEU n 
1 185 GLU n 
1 186 VAL n 
1 187 ARG n 
1 188 ILE n 
1 189 VAL n 
1 190 SER n 
1 191 MSE n 
1 192 SER n 
1 193 LEU n 
1 194 VAL n 
1 195 GLY n 
1 196 GLY n 
1 197 LEU n 
1 198 MSE n 
1 199 GLU n 
1 200 VAL n 
1 201 SER n 
1 202 ARG n 
1 203 TYR n 
1 204 TRP n 
1 205 ALA n 
1 206 GLU n 
1 207 HIS n 
1 208 ASP n 
1 209 HIS n 
1 210 GLU n 
1 211 GLU n 
1 212 SER n 
1 213 LEU n 
1 214 ALA n 
1 215 GLU n 
1 216 LEU n 
1 217 VAL n 
1 218 ASP n 
1 219 ARG n 
1 220 ALA n 
1 221 LEU n 
1 222 ASP n 
1 223 ALA n 
1 224 LEU n 
1 225 GLU n 
1 226 ASN n 
1 227 GLY n 
1 228 LEU n 
1 229 PRO n 
1 230 ALA n 
1 231 LEU n 
1 232 ARG n 
1 233 GLU n 
1 234 SER n 
1 235 ASP n 
1 236 ARG n 
1 237 GLU n 
1 238 SER n 
1 239 ASP n 
1 240 ARG n 
1 241 GLU n 
1 242 GLY n 
1 243 ASP n 
1 244 ARG n 
1 245 GLY n 
1 246 GLY n 
1 247 HIS n 
1 248 ARG n 
1 249 GLU n 
1 250 ASP n 
1 251 ARG n 
1 252 ARG n 
1 253 GLU n 
1 254 GLY n 
1 255 PRO n 
1 256 ARG n 
1 257 LYS n 
1 258 ASP n 
1 259 GLY n 
1 260 SER n 
# 
_entity_src_gen.entity_id                          1 
_entity_src_gen.pdbx_src_id                        1 
_entity_src_gen.pdbx_alt_source_flag               sample 
_entity_src_gen.pdbx_seq_type                      ? 
_entity_src_gen.pdbx_beg_seq_num                   ? 
_entity_src_gen.pdbx_end_seq_num                   ? 
_entity_src_gen.gene_src_common_name               ? 
_entity_src_gen.gene_src_genus                     Streptomyces 
_entity_src_gen.pdbx_gene_src_gene                 SCO4977 
_entity_src_gen.gene_src_species                   ? 
_entity_src_gen.gene_src_strain                    A3 
_entity_src_gen.gene_src_tissue                    ? 
_entity_src_gen.gene_src_tissue_fraction           ? 
_entity_src_gen.gene_src_details                   ? 
_entity_src_gen.pdbx_gene_src_fragment             ? 
_entity_src_gen.pdbx_gene_src_scientific_name      'Streptomyces coelicolor' 
_entity_src_gen.pdbx_gene_src_ncbi_taxonomy_id     1902 
_entity_src_gen.pdbx_gene_src_variant              ? 
_entity_src_gen.pdbx_gene_src_cell_line            ? 
_entity_src_gen.pdbx_gene_src_atcc                 ? 
_entity_src_gen.pdbx_gene_src_organ                ? 
_entity_src_gen.pdbx_gene_src_organelle            ? 
_entity_src_gen.pdbx_gene_src_cell                 ? 
_entity_src_gen.pdbx_gene_src_cellular_location    ? 
_entity_src_gen.host_org_common_name               ? 
_entity_src_gen.pdbx_host_org_scientific_name      'Escherichia coli BL21' 
_entity_src_gen.pdbx_host_org_ncbi_taxonomy_id     511693 
_entity_src_gen.host_org_genus                     Escherichia 
_entity_src_gen.pdbx_host_org_gene                 ? 
_entity_src_gen.pdbx_host_org_organ                ? 
_entity_src_gen.host_org_species                   'Escherichia coli' 
_entity_src_gen.pdbx_host_org_tissue               ? 
_entity_src_gen.pdbx_host_org_tissue_fraction      ? 
_entity_src_gen.pdbx_host_org_strain               BL21 
_entity_src_gen.pdbx_host_org_variant              ? 
_entity_src_gen.pdbx_host_org_cell_line            ? 
_entity_src_gen.pdbx_host_org_atcc                 ? 
_entity_src_gen.pdbx_host_org_culture_collection   ? 
_entity_src_gen.pdbx_host_org_cell                 ? 
_entity_src_gen.pdbx_host_org_organelle            ? 
_entity_src_gen.pdbx_host_org_cellular_location    ? 
_entity_src_gen.pdbx_host_org_vector_type          plasmid 
_entity_src_gen.pdbx_host_org_vector               ? 
_entity_src_gen.host_org_details                   ? 
_entity_src_gen.expression_system_id               ? 
_entity_src_gen.plasmid_name                       p15Tv 
_entity_src_gen.plasmid_details                    ? 
_entity_src_gen.pdbx_description                   ? 
# 
loop_
_chem_comp.id 
_chem_comp.type 
_chem_comp.mon_nstd_flag 
_chem_comp.name 
_chem_comp.pdbx_synonyms 
_chem_comp.formula 
_chem_comp.formula_weight 
ALA 'L-peptide linking' y ALANINE          ? 'C3 H7 N O2'     89.093  
ARG 'L-peptide linking' y ARGININE         ? 'C6 H15 N4 O2 1' 175.209 
ASN 'L-peptide linking' y ASPARAGINE       ? 'C4 H8 N2 O3'    132.118 
ASP 'L-peptide linking' y 'ASPARTIC ACID'  ? 'C4 H7 N O4'     133.103 
GLN 'L-peptide linking' y GLUTAMINE        ? 'C5 H10 N2 O3'   146.144 
GLU 'L-peptide linking' y 'GLUTAMIC ACID'  ? 'C5 H9 N O4'     147.129 
GLY 'peptide linking'   y GLYCINE          ? 'C2 H5 N O2'     75.067  
HIS 'L-peptide linking' y HISTIDINE        ? 'C6 H10 N3 O2 1' 156.162 
HOH non-polymer         . WATER            ? 'H2 O'           18.015  
ILE 'L-peptide linking' y ISOLEUCINE       ? 'C6 H13 N O2'    131.173 
LEU 'L-peptide linking' y LEUCINE          ? 'C6 H13 N O2'    131.173 
LYS 'L-peptide linking' y LYSINE           ? 'C6 H15 N2 O2 1' 147.195 
MET 'L-peptide linking' y METHIONINE       ? 'C5 H11 N O2 S'  149.211 
MSE 'L-peptide linking' n SELENOMETHIONINE ? 'C5 H11 N O2 Se' 196.106 
PHE 'L-peptide linking' y PHENYLALANINE    ? 'C9 H11 N O2'    165.189 
PRO 'L-peptide linking' y PROLINE          ? 'C5 H9 N O2'     115.130 
SER 'L-peptide linking' y SERINE           ? 'C3 H7 N O3'     105.093 
THR 'L-peptide linking' y THREONINE        ? 'C4 H9 N O3'     119.119 
TRP 'L-peptide linking' y TRYPTOPHAN       ? 'C11 H12 N2 O2'  204.225 
TYR 'L-peptide linking' y TYROSINE         ? 'C9 H11 N O3'    181.189 
VAL 'L-peptide linking' y VALINE           ? 'C5 H11 N O2'    117.146 
# 
loop_
_pdbx_poly_seq_scheme.asym_id 
_pdbx_poly_seq_scheme.entity_id 
_pdbx_poly_seq_scheme.seq_id 
_pdbx_poly_seq_scheme.mon_id 
_pdbx_poly_seq_scheme.ndb_seq_num 
_pdbx_poly_seq_scheme.pdb_seq_num 
_pdbx_poly_seq_scheme.auth_seq_num 
_pdbx_poly_seq_scheme.pdb_mon_id 
_pdbx_poly_seq_scheme.auth_mon_id 
_pdbx_poly_seq_scheme.pdb_strand_id 
_pdbx_poly_seq_scheme.pdb_ins_code 
_pdbx_poly_seq_scheme.hetero 
A 1 1   MSE 1   -22 ?   ?   ?   A . n 
A 1 2   THR 2   -21 ?   ?   ?   A . n 
A 1 3   MSE 3   -20 ?   ?   ?   A . n 
A 1 4   GLY 4   -19 ?   ?   ?   A . n 
A 1 5   SER 5   -18 ?   ?   ?   A . n 
A 1 6   SER 6   -17 ?   ?   ?   A . n 
A 1 7   HIS 7   -16 ?   ?   ?   A . n 
A 1 8   HIS 8   -15 ?   ?   ?   A . n 
A 1 9   HIS 9   -14 ?   ?   ?   A . n 
A 1 10  HIS 10  -13 ?   ?   ?   A . n 
A 1 11  HIS 11  -12 ?   ?   ?   A . n 
A 1 12  HIS 12  -11 ?   ?   ?   A . n 
A 1 13  SER 13  -10 ?   ?   ?   A . n 
A 1 14  SER 14  -9  ?   ?   ?   A . n 
A 1 15  GLY 15  -8  ?   ?   ?   A . n 
A 1 16  ARG 16  -7  ?   ?   ?   A . n 
A 1 17  GLU 17  -6  ?   ?   ?   A . n 
A 1 18  ASN 18  -5  ?   ?   ?   A . n 
A 1 19  LEU 19  -4  ?   ?   ?   A . n 
A 1 20  TYR 20  -3  ?   ?   ?   A . n 
A 1 21  PHE 21  -2  ?   ?   ?   A . n 
A 1 22  GLN 22  -1  ?   ?   ?   A . n 
A 1 23  GLY 23  0   ?   ?   ?   A . n 
A 1 24  HIS 24  1   ?   ?   ?   A . n 
A 1 25  MSE 25  2   ?   ?   ?   A . n 
A 1 26  ALA 26  3   ?   ?   ?   A . n 
A 1 27  ALA 27  4   ?   ?   ?   A . n 
A 1 28  ARG 28  5   ?   ?   ?   A . n 
A 1 29  SER 29  6   ?   ?   ?   A . n 
A 1 30  ALA 30  7   ?   ?   ?   A . n 
A 1 31  PRO 31  8   ?   ?   ?   A . n 
A 1 32  SER 32  9   ?   ?   ?   A . n 
A 1 33  PRO 33  10  ?   ?   ?   A . n 
A 1 34  ALA 34  11  ?   ?   ?   A . n 
A 1 35  GLY 35  12  ?   ?   ?   A . n 
A 1 36  ALA 36  13  ?   ?   ?   A . n 
A 1 37  PRO 37  14  ?   ?   ?   A . n 
A 1 38  ARG 38  15  ?   ?   ?   A . n 
A 1 39  PRO 39  16  ?   ?   ?   A . n 
A 1 40  GLY 40  17  17  GLY GLY A . n 
A 1 41  LEU 41  18  18  LEU LEU A . n 
A 1 42  ARG 42  19  19  ARG ARG A . n 
A 1 43  GLU 43  20  20  GLU GLU A . n 
A 1 44  ARG 44  21  21  ARG ARG A . n 
A 1 45  LYS 45  22  22  LYS LYS A . n 
A 1 46  LYS 46  23  23  LYS LYS A . n 
A 1 47  THR 47  24  24  THR THR A . n 
A 1 48  ARG 48  25  25  ARG ARG A . n 
A 1 49  THR 49  26  26  THR THR A . n 
A 1 50  ARG 50  27  27  ARG ARG A . n 
A 1 51  GLU 51  28  28  GLU GLU A . n 
A 1 52  ALA 52  29  29  ALA ALA A . n 
A 1 53  ILE 53  30  30  ILE ILE A . n 
A 1 54  ARG 54  31  31  ARG ARG A . n 
A 1 55  ALA 55  32  32  ALA ALA A . n 
A 1 56  ALA 56  33  33  ALA ALA A . n 
A 1 57  THR 57  34  34  THR THR A . n 
A 1 58  TYR 58  35  35  TYR TYR A . n 
A 1 59  GLY 59  36  36  GLY GLY A . n 
A 1 60  LEU 60  37  37  LEU LEU A . n 
A 1 61  ILE 61  38  38  ILE ILE A . n 
A 1 62  ARG 62  39  39  ARG ARG A . n 
A 1 63  GLN 63  40  40  GLN GLN A . n 
A 1 64  GLN 64  41  41  GLN GLN A . n 
A 1 65  GLY 65  42  42  GLY GLY A . n 
A 1 66  TYR 66  43  43  TYR TYR A . n 
A 1 67  GLU 67  44  44  GLU GLU A . n 
A 1 68  ALA 68  45  45  ALA ALA A . n 
A 1 69  THR 69  46  46  THR THR A . n 
A 1 70  THR 70  47  47  THR THR A . n 
A 1 71  VAL 71  48  48  VAL VAL A . n 
A 1 72  GLU 72  49  49  GLU GLU A . n 
A 1 73  GLN 73  50  50  GLN GLN A . n 
A 1 74  ILE 74  51  51  ILE ILE A . n 
A 1 75  ALA 75  52  52  ALA ALA A . n 
A 1 76  GLU 76  53  53  GLU GLU A . n 
A 1 77  ARG 77  54  54  ARG ARG A . n 
A 1 78  ALA 78  55  55  ALA ALA A . n 
A 1 79  GLU 79  56  56  GLU GLU A . n 
A 1 80  VAL 80  57  57  VAL VAL A . n 
A 1 81  SER 81  58  58  SER SER A . n 
A 1 82  PRO 82  59  59  PRO PRO A . n 
A 1 83  SER 83  60  60  SER SER A . n 
A 1 84  THR 84  61  61  THR THR A . n 
A 1 85  VAL 85  62  62  VAL VAL A . n 
A 1 86  LEU 86  63  63  LEU LEU A . n 
A 1 87  ARG 87  64  64  ARG ARG A . n 
A 1 88  TYR 88  65  65  TYR TYR A . n 
A 1 89  PHE 89  66  66  PHE PHE A . n 
A 1 90  PRO 90  67  67  PRO PRO A . n 
A 1 91  THR 91  68  68  THR THR A . n 
A 1 92  ARG 92  69  69  ARG ARG A . n 
A 1 93  GLU 93  70  70  GLU GLU A . n 
A 1 94  ASP 94  71  71  ASP ASP A . n 
A 1 95  ILE 95  72  72  ILE ILE A . n 
A 1 96  VAL 96  73  73  VAL VAL A . n 
A 1 97  LEU 97  74  74  LEU LEU A . n 
A 1 98  THR 98  75  75  THR THR A . n 
A 1 99  ASP 99  76  76  ASP ASP A . n 
A 1 100 GLU 100 77  77  GLU GLU A . n 
A 1 101 TYR 101 78  78  TYR TYR A . n 
A 1 102 ASP 102 79  79  ASP ASP A . n 
A 1 103 PRO 103 80  80  PRO PRO A . n 
A 1 104 VAL 104 81  81  VAL VAL A . n 
A 1 105 MSE 105 82  82  MSE MSE A . n 
A 1 106 ALA 106 83  83  ALA ALA A . n 
A 1 107 ALA 107 84  84  ALA ALA A . n 
A 1 108 GLU 108 85  85  GLU GLU A . n 
A 1 109 LEU 109 86  86  LEU LEU A . n 
A 1 110 ALA 110 87  87  ALA ALA A . n 
A 1 111 ALA 111 88  88  ALA ALA A . n 
A 1 112 ARG 112 89  89  ARG ARG A . n 
A 1 113 PRO 113 90  90  PRO PRO A . n 
A 1 114 ALA 114 91  91  ALA ALA A . n 
A 1 115 GLY 115 92  92  GLY GLY A . n 
A 1 116 GLU 116 93  93  GLU GLU A . n 
A 1 117 PRO 117 94  94  PRO PRO A . n 
A 1 118 TRP 118 95  95  TRP TRP A . n 
A 1 119 SER 119 96  96  SER SER A . n 
A 1 120 ASP 120 97  97  ASP ASP A . n 
A 1 121 SER 121 98  98  SER SER A . n 
A 1 122 LEU 122 99  99  LEU LEU A . n 
A 1 123 ARG 123 100 100 ARG ARG A . n 
A 1 124 HIS 124 101 101 HIS HIS A . n 
A 1 125 VAL 125 102 102 VAL VAL A . n 
A 1 126 LEU 126 103 103 LEU LEU A . n 
A 1 127 ARG 127 104 104 ARG ARG A . n 
A 1 128 LYS 128 105 105 LYS LYS A . n 
A 1 129 ALA 129 106 106 ALA ALA A . n 
A 1 130 LEU 130 107 107 LEU LEU A . n 
A 1 131 GLY 131 108 108 GLY GLY A . n 
A 1 132 LEU 132 109 109 LEU LEU A . n 
A 1 133 GLY 133 110 110 GLY GLY A . n 
A 1 134 ALA 134 111 111 ALA ALA A . n 
A 1 135 GLY 135 112 112 GLY GLY A . n 
A 1 136 GLU 136 113 113 GLU GLU A . n 
A 1 137 GLU 137 114 114 GLU GLU A . n 
A 1 138 ALA 138 115 115 ALA ALA A . n 
A 1 139 GLU 139 116 116 GLU GLU A . n 
A 1 140 LEU 140 117 117 LEU LEU A . n 
A 1 141 ILE 141 118 118 ILE ILE A . n 
A 1 142 ARG 142 119 119 ARG ARG A . n 
A 1 143 LEU 143 120 120 LEU LEU A . n 
A 1 144 ARG 144 121 121 ARG ARG A . n 
A 1 145 THR 145 122 122 THR THR A . n 
A 1 146 ARG 146 123 123 ARG ARG A . n 
A 1 147 LEU 147 124 124 LEU LEU A . n 
A 1 148 LEU 148 125 125 LEU LEU A . n 
A 1 149 ALA 149 126 126 ALA ALA A . n 
A 1 150 GLU 150 127 127 GLU GLU A . n 
A 1 151 VAL 151 128 128 VAL VAL A . n 
A 1 152 PRO 152 129 129 PRO PRO A . n 
A 1 153 ALA 153 130 130 ALA ALA A . n 
A 1 154 VAL 154 131 131 VAL VAL A . n 
A 1 155 ARG 155 132 132 ARG ARG A . n 
A 1 156 ALA 156 133 133 ALA ALA A . n 
A 1 157 ARG 157 134 134 ARG ARG A . n 
A 1 158 MSE 158 135 135 MSE MSE A . n 
A 1 159 LEU 159 136 136 LEU LEU A . n 
A 1 160 GLU 160 137 137 GLU GLU A . n 
A 1 161 ASN 161 138 138 ASN ASN A . n 
A 1 162 MSE 162 139 139 MSE MSE A . n 
A 1 163 SER 163 140 140 SER SER A . n 
A 1 164 ASP 164 141 141 ASP ASP A . n 
A 1 165 THR 165 142 142 THR THR A . n 
A 1 166 GLY 166 143 143 GLY GLY A . n 
A 1 167 ARG 167 144 144 ARG ARG A . n 
A 1 168 MSE 168 145 145 MSE MSE A . n 
A 1 169 LEU 169 146 146 LEU LEU A . n 
A 1 170 ALA 170 147 147 ALA ALA A . n 
A 1 171 ARG 171 148 148 ARG ARG A . n 
A 1 172 ALA 172 149 149 ALA ALA A . n 
A 1 173 ILE 173 150 150 ILE ILE A . n 
A 1 174 ALA 174 151 151 ALA ALA A . n 
A 1 175 ASP 175 152 152 ASP ASP A . n 
A 1 176 ARG 176 153 153 ARG ARG A . n 
A 1 177 THR 177 154 154 THR THR A . n 
A 1 178 GLY 178 155 155 GLY GLY A . n 
A 1 179 LEU 179 156 156 LEU LEU A . n 
A 1 180 ASP 180 157 157 ASP ASP A . n 
A 1 181 PRO 181 158 158 PRO PRO A . n 
A 1 182 ASP 182 159 159 ASP ASP A . n 
A 1 183 GLY 183 160 160 GLY GLY A . n 
A 1 184 LEU 184 161 161 LEU LEU A . n 
A 1 185 GLU 185 162 162 GLU GLU A . n 
A 1 186 VAL 186 163 163 VAL VAL A . n 
A 1 187 ARG 187 164 164 ARG ARG A . n 
A 1 188 ILE 188 165 165 ILE ILE A . n 
A 1 189 VAL 189 166 166 VAL VAL A . n 
A 1 190 SER 190 167 167 SER SER A . n 
A 1 191 MSE 191 168 168 MSE MSE A . n 
A 1 192 SER 192 169 169 SER SER A . n 
A 1 193 LEU 193 170 170 LEU LEU A . n 
A 1 194 VAL 194 171 171 VAL VAL A . n 
A 1 195 GLY 195 172 172 GLY GLY A . n 
A 1 196 GLY 196 173 173 GLY GLY A . n 
A 1 197 LEU 197 174 174 LEU LEU A . n 
A 1 198 MSE 198 175 175 MSE MSE A . n 
A 1 199 GLU 199 176 176 GLU GLU A . n 
A 1 200 VAL 200 177 177 VAL VAL A . n 
A 1 201 SER 201 178 178 SER SER A . n 
A 1 202 ARG 202 179 179 ARG ARG A . n 
A 1 203 TYR 203 180 180 TYR TYR A . n 
A 1 204 TRP 204 181 181 TRP TRP A . n 
A 1 205 ALA 205 182 182 ALA ALA A . n 
A 1 206 GLU 206 183 183 GLU GLU A . n 
A 1 207 HIS 207 184 184 HIS HIS A . n 
A 1 208 ASP 208 185 185 ASP ASP A . n 
A 1 209 HIS 209 186 186 HIS HIS A . n 
A 1 210 GLU 210 187 187 GLU GLU A . n 
A 1 211 GLU 211 188 188 GLU GLU A . n 
A 1 212 SER 212 189 189 SER SER A . n 
A 1 213 LEU 213 190 190 LEU LEU A . n 
A 1 214 ALA 214 191 191 ALA ALA A . n 
A 1 215 GLU 215 192 192 GLU GLU A . n 
A 1 216 LEU 216 193 193 LEU LEU A . n 
A 1 217 VAL 217 194 194 VAL VAL A . n 
A 1 218 ASP 218 195 195 ASP ASP A . n 
A 1 219 ARG 219 196 196 ARG ARG A . n 
A 1 220 ALA 220 197 197 ALA ALA A . n 
A 1 221 LEU 221 198 198 LEU LEU A . n 
A 1 222 ASP 222 199 199 ASP ASP A . n 
A 1 223 ALA 223 200 200 ALA ALA A . n 
A 1 224 LEU 224 201 201 LEU LEU A . n 
A 1 225 GLU 225 202 202 GLU GLU A . n 
A 1 226 ASN 226 203 203 ASN ASN A . n 
A 1 227 GLY 227 204 204 GLY GLY A . n 
A 1 228 LEU 228 205 205 LEU LEU A . n 
A 1 229 PRO 229 206 206 PRO PRO A . n 
A 1 230 ALA 230 207 207 ALA ALA A . n 
A 1 231 LEU 231 208 ?   ?   ?   A . n 
A 1 232 ARG 232 209 ?   ?   ?   A . n 
A 1 233 GLU 233 210 ?   ?   ?   A . n 
A 1 234 SER 234 211 ?   ?   ?   A . n 
A 1 235 ASP 235 212 ?   ?   ?   A . n 
A 1 236 ARG 236 213 ?   ?   ?   A . n 
A 1 237 GLU 237 214 ?   ?   ?   A . n 
A 1 238 SER 238 215 ?   ?   ?   A . n 
A 1 239 ASP 239 216 ?   ?   ?   A . n 
A 1 240 ARG 240 217 ?   ?   ?   A . n 
A 1 241 GLU 241 218 ?   ?   ?   A . n 
A 1 242 GLY 242 219 ?   ?   ?   A . n 
A 1 243 ASP 243 220 ?   ?   ?   A . n 
A 1 244 ARG 244 221 ?   ?   ?   A . n 
A 1 245 GLY 245 222 ?   ?   ?   A . n 
A 1 246 GLY 246 223 ?   ?   ?   A . n 
A 1 247 HIS 247 224 ?   ?   ?   A . n 
A 1 248 ARG 248 225 ?   ?   ?   A . n 
A 1 249 GLU 249 226 ?   ?   ?   A . n 
A 1 250 ASP 250 227 ?   ?   ?   A . n 
A 1 251 ARG 251 228 ?   ?   ?   A . n 
A 1 252 ARG 252 229 ?   ?   ?   A . n 
A 1 253 GLU 253 230 ?   ?   ?   A . n 
A 1 254 GLY 254 231 ?   ?   ?   A . n 
A 1 255 PRO 255 232 ?   ?   ?   A . n 
A 1 256 ARG 256 233 ?   ?   ?   A . n 
A 1 257 LYS 257 234 ?   ?   ?   A . n 
A 1 258 ASP 258 235 ?   ?   ?   A . n 
A 1 259 GLY 259 236 ?   ?   ?   A . n 
A 1 260 SER 260 237 ?   ?   ?   A . n 
# 
loop_
_pdbx_nonpoly_scheme.asym_id 
_pdbx_nonpoly_scheme.entity_id 
_pdbx_nonpoly_scheme.mon_id 
_pdbx_nonpoly_scheme.ndb_seq_num 
_pdbx_nonpoly_scheme.pdb_seq_num 
_pdbx_nonpoly_scheme.auth_seq_num 
_pdbx_nonpoly_scheme.pdb_mon_id 
_pdbx_nonpoly_scheme.auth_mon_id 
_pdbx_nonpoly_scheme.pdb_strand_id 
_pdbx_nonpoly_scheme.pdb_ins_code 
B 2 HOH 1  238 1  HOH HOH A . 
B 2 HOH 2  239 2  HOH HOH A . 
B 2 HOH 3  240 3  HOH HOH A . 
B 2 HOH 4  241 4  HOH HOH A . 
B 2 HOH 5  242 5  HOH HOH A . 
B 2 HOH 6  243 6  HOH HOH A . 
B 2 HOH 7  244 7  HOH HOH A . 
B 2 HOH 8  245 8  HOH HOH A . 
B 2 HOH 9  246 9  HOH HOH A . 
B 2 HOH 10 247 10 HOH HOH A . 
B 2 HOH 11 248 11 HOH HOH A . 
B 2 HOH 12 249 12 HOH HOH A . 
B 2 HOH 13 250 13 HOH HOH A . 
B 2 HOH 14 251 14 HOH HOH A . 
B 2 HOH 15 252 15 HOH HOH A . 
B 2 HOH 16 253 16 HOH HOH A . 
B 2 HOH 17 254 17 HOH HOH A . 
B 2 HOH 18 255 18 HOH HOH A . 
B 2 HOH 19 256 19 HOH HOH A . 
B 2 HOH 20 257 20 HOH HOH A . 
B 2 HOH 21 258 21 HOH HOH A . 
B 2 HOH 22 259 22 HOH HOH A . 
B 2 HOH 23 260 23 HOH HOH A . 
B 2 HOH 24 261 24 HOH HOH A . 
B 2 HOH 25 262 25 HOH HOH A . 
B 2 HOH 26 263 26 HOH HOH A . 
B 2 HOH 27 264 27 HOH HOH A . 
B 2 HOH 28 265 28 HOH HOH A . 
B 2 HOH 29 266 29 HOH HOH A . 
B 2 HOH 30 267 30 HOH HOH A . 
B 2 HOH 31 268 31 HOH HOH A . 
B 2 HOH 32 269 32 HOH HOH A . 
B 2 HOH 33 270 33 HOH HOH A . 
B 2 HOH 34 271 34 HOH HOH A . 
B 2 HOH 35 272 35 HOH HOH A . 
B 2 HOH 36 273 36 HOH HOH A . 
B 2 HOH 37 274 37 HOH HOH A . 
B 2 HOH 38 275 38 HOH HOH A . 
B 2 HOH 39 276 39 HOH HOH A . 
B 2 HOH 40 277 40 HOH HOH A . 
B 2 HOH 41 278 41 HOH HOH A . 
B 2 HOH 42 279 42 HOH HOH A . 
B 2 HOH 43 280 43 HOH HOH A . 
B 2 HOH 44 281 44 HOH HOH A . 
B 2 HOH 45 282 45 HOH HOH A . 
B 2 HOH 46 283 46 HOH HOH A . 
B 2 HOH 47 284 47 HOH HOH A . 
B 2 HOH 48 285 48 HOH HOH A . 
B 2 HOH 49 286 49 HOH HOH A . 
B 2 HOH 50 287 50 HOH HOH A . 
B 2 HOH 51 288 51 HOH HOH A . 
B 2 HOH 52 289 52 HOH HOH A . 
B 2 HOH 53 290 53 HOH HOH A . 
# 
loop_
_software.name 
_software.classification 
_software.version 
_software.citation_id 
_software.pdbx_ordinal 
REFMAC      refinement        5.2.0019 ? 1 
SBC-Collect 'data collection' .        ? 2 
HKL-3000    'data reduction'  .        ? 3 
HKL-3000    'data scaling'    .        ? 4 
HKL-3000    phasing           .        ? 5 
# 
_cell.entry_id           2OF7 
_cell.length_a           75.101 
_cell.length_b           73.240 
_cell.length_c           48.082 
_cell.angle_alpha        90.00 
_cell.angle_beta         107.27 
_cell.angle_gamma        90.00 
_cell.Z_PDB              4 
_cell.pdbx_unique_axis   ? 
_cell.length_a_esd       ? 
_cell.length_b_esd       ? 
_cell.length_c_esd       ? 
_cell.angle_alpha_esd    ? 
_cell.angle_beta_esd     ? 
_cell.angle_gamma_esd    ? 
# 
_symmetry.entry_id                         2OF7 
_symmetry.space_group_name_H-M             'C 1 2 1' 
_symmetry.pdbx_full_space_group_name_H-M   ? 
_symmetry.cell_setting                     ? 
_symmetry.Int_Tables_number                5 
_symmetry.space_group_name_Hall            ? 
# 
_exptl.entry_id          2OF7 
_exptl.method            'X-RAY DIFFRACTION' 
_exptl.crystals_number   1 
# 
_exptl_crystal.id                    1 
_exptl_crystal.density_meas          ? 
_exptl_crystal.density_Matthews      2.15 
_exptl_crystal.density_percent_sol   42.67 
_exptl_crystal.description           ? 
_exptl_crystal.F_000                 ? 
_exptl_crystal.preparation           ? 
# 
_exptl_crystal_grow.crystal_id      1 
_exptl_crystal_grow.method          'VAPOR DIFFUSION, SITTING DROP' 
_exptl_crystal_grow.temp            293 
_exptl_crystal_grow.temp_details    ? 
_exptl_crystal_grow.pH              7.5 
_exptl_crystal_grow.pdbx_details    
'0.2M NH4(OAC), 25% PEG3350, 0.1M HEPES, pH 7.5, VAPOR DIFFUSION, SITTING DROP, temperature 293K' 
_exptl_crystal_grow.pdbx_pH_range   . 
# 
_diffrn.id                     1 
_diffrn.ambient_temp           100 
_diffrn.ambient_temp_details   ? 
_diffrn.crystal_id             1 
# 
_diffrn_detector.diffrn_id              1 
_diffrn_detector.detector               CCD 
_diffrn_detector.type                   'ADSC QUANTUM 315' 
_diffrn_detector.pdbx_collection_date   2006-08-03 
_diffrn_detector.details                mirror 
# 
_diffrn_radiation.diffrn_id                        1 
_diffrn_radiation.wavelength_id                    1 
_diffrn_radiation.pdbx_monochromatic_or_laue_m_l   M 
_diffrn_radiation.monochromator                    'Si 111 crystal' 
_diffrn_radiation.pdbx_diffrn_protocol             'SINGLE WAVELENGTH' 
_diffrn_radiation.pdbx_scattering_type             x-ray 
# 
_diffrn_radiation_wavelength.id           1 
_diffrn_radiation_wavelength.wavelength   0.97902 
_diffrn_radiation_wavelength.wt           1.0 
# 
_diffrn_source.diffrn_id                   1 
_diffrn_source.source                      SYNCHROTRON 
_diffrn_source.type                        'APS BEAMLINE 19-ID' 
_diffrn_source.pdbx_synchrotron_site       APS 
_diffrn_source.pdbx_synchrotron_beamline   19-ID 
_diffrn_source.pdbx_wavelength             ? 
_diffrn_source.pdbx_wavelength_list        0.97902 
# 
_reflns.entry_id                     2OF7 
_reflns.observed_criterion_sigma_I   0 
_reflns.observed_criterion_sigma_F   0 
_reflns.d_resolution_low             36.61 
_reflns.d_resolution_high            2.3 
_reflns.number_obs                   10963 
_reflns.number_all                   10963 
_reflns.percent_possible_obs         98.8 
_reflns.pdbx_Rmerge_I_obs            0.07 
_reflns.pdbx_Rsym_value              ? 
_reflns.pdbx_netI_over_sigmaI        28.5 
_reflns.B_iso_Wilson_estimate        41.07 
_reflns.pdbx_redundancy              4.6 
_reflns.R_free_details               ? 
_reflns.limit_h_max                  ? 
_reflns.limit_h_min                  ? 
_reflns.limit_k_max                  ? 
_reflns.limit_k_min                  ? 
_reflns.limit_l_max                  ? 
_reflns.limit_l_min                  ? 
_reflns.observed_criterion_F_max     ? 
_reflns.observed_criterion_F_min     ? 
_reflns.pdbx_chi_squared             ? 
_reflns.pdbx_scaling_rejects         ? 
_reflns.pdbx_ordinal                 1 
_reflns.pdbx_diffrn_id               1 
# 
_reflns_shell.d_res_high             2.30 
_reflns_shell.d_res_low              2.36 
_reflns_shell.percent_possible_all   91.6 
_reflns_shell.Rmerge_I_obs           0.282 
_reflns_shell.pdbx_Rsym_value        ? 
_reflns_shell.meanI_over_sigI_obs    3.3 
_reflns_shell.pdbx_redundancy        3.2 
_reflns_shell.percent_possible_obs   ? 
_reflns_shell.number_unique_all      ? 
_reflns_shell.number_measured_all    ? 
_reflns_shell.number_measured_obs    ? 
_reflns_shell.number_unique_obs      ? 
_reflns_shell.pdbx_chi_squared       ? 
_reflns_shell.pdbx_ordinal           1 
_reflns_shell.pdbx_diffrn_id         1 
# 
_refine.entry_id                                 2OF7 
_refine.ls_number_reflns_obs                     10412 
_refine.ls_number_reflns_all                     10412 
_refine.pdbx_ls_sigma_I                          ? 
_refine.pdbx_ls_sigma_F                          0.0 
_refine.pdbx_data_cutoff_high_absF               ? 
_refine.pdbx_data_cutoff_low_absF                ? 
_refine.pdbx_data_cutoff_high_rms_absF           ? 
_refine.ls_d_res_low                             36.61 
_refine.ls_d_res_high                            2.30 
_refine.ls_percent_reflns_obs                    98.58 
_refine.ls_R_factor_obs                          0.23389 
_refine.ls_R_factor_all                          ? 
_refine.ls_R_factor_R_work                       0.23092 
_refine.ls_R_factor_R_free                       0.2927 
_refine.ls_R_factor_R_free_error                 ? 
_refine.ls_R_factor_R_free_error_details         ? 
_refine.ls_percent_reflns_R_free                 4.8 
_refine.ls_number_reflns_R_free                  526 
_refine.ls_number_parameters                     ? 
_refine.ls_number_restraints                     ? 
_refine.occupancy_min                            ? 
_refine.occupancy_max                            ? 
_refine.correlation_coeff_Fo_to_Fc               0.935 
_refine.correlation_coeff_Fo_to_Fc_free          0.915 
_refine.B_iso_mean                               48.570 
_refine.aniso_B[1][1]                            0.10 
_refine.aniso_B[2][2]                            0.09 
_refine.aniso_B[3][3]                            -0.15 
_refine.aniso_B[1][2]                            0.00 
_refine.aniso_B[1][3]                            0.05 
_refine.aniso_B[2][3]                            0.00 
_refine.solvent_model_details                    MASK 
_refine.solvent_model_param_ksol                 ? 
_refine.solvent_model_param_bsol                 ? 
_refine.pdbx_solvent_vdw_probe_radii             1.20 
_refine.pdbx_solvent_ion_probe_radii             0.80 
_refine.pdbx_solvent_shrinkage_radii             0.80 
_refine.pdbx_ls_cross_valid_method               THROUGHOUT 
_refine.details                                  'HYDROGENS HAVE BEEN ADDED IN THE RIDING POSITIONS' 
_refine.pdbx_starting_model                      ? 
_refine.pdbx_method_to_determine_struct          SAD 
_refine.pdbx_isotropic_thermal_model             ? 
_refine.pdbx_stereochemistry_target_values       'MAXIMUM LIKELIHOOD' 
_refine.pdbx_stereochem_target_val_spec_case     ? 
_refine.pdbx_R_Free_selection_details            RANDOM 
_refine.pdbx_overall_ESU_R                       0.328 
_refine.pdbx_overall_ESU_R_Free                  0.265 
_refine.overall_SU_ML                            0.202 
_refine.overall_SU_B                             8.078 
_refine.ls_redundancy_reflns_obs                 ? 
_refine.B_iso_min                                ? 
_refine.B_iso_max                                ? 
_refine.overall_SU_R_Cruickshank_DPI             ? 
_refine.overall_SU_R_free                        ? 
_refine.ls_wR_factor_R_free                      ? 
_refine.ls_wR_factor_R_work                      ? 
_refine.overall_FOM_free_R_set                   ? 
_refine.overall_FOM_work_R_set                   ? 
_refine.pdbx_refine_id                           'X-RAY DIFFRACTION' 
_refine.pdbx_diffrn_id                           1 
_refine.pdbx_TLS_residual_ADP_flag               ? 
_refine.pdbx_overall_phase_error                 ? 
_refine.pdbx_overall_SU_R_free_Cruickshank_DPI   ? 
_refine.pdbx_overall_SU_R_Blow_DPI               ? 
_refine.pdbx_overall_SU_R_free_Blow_DPI          ? 
# 
_refine_hist.pdbx_refine_id                   'X-RAY DIFFRACTION' 
_refine_hist.cycle_id                         LAST 
_refine_hist.pdbx_number_atoms_protein        1489 
_refine_hist.pdbx_number_atoms_nucleic_acid   0 
_refine_hist.pdbx_number_atoms_ligand         0 
_refine_hist.number_atoms_solvent             53 
_refine_hist.number_atoms_total               1542 
_refine_hist.d_res_high                       2.30 
_refine_hist.d_res_low                        36.61 
# 
loop_
_refine_ls_restr.type 
_refine_ls_restr.dev_ideal 
_refine_ls_restr.dev_ideal_target 
_refine_ls_restr.weight 
_refine_ls_restr.number 
_refine_ls_restr.pdbx_refine_id 
_refine_ls_restr.pdbx_restraint_function 
r_bond_refined_d             0.025  0.022  ? 1509 'X-RAY DIFFRACTION' ? 
r_bond_other_d               ?      ?      ? ?    'X-RAY DIFFRACTION' ? 
r_angle_refined_deg          2.616  1.986  ? 2041 'X-RAY DIFFRACTION' ? 
r_angle_other_deg            ?      ?      ? ?    'X-RAY DIFFRACTION' ? 
r_dihedral_angle_1_deg       10.183 5.000  ? 190  'X-RAY DIFFRACTION' ? 
r_dihedral_angle_2_deg       36.957 22.192 ? 73   'X-RAY DIFFRACTION' ? 
r_dihedral_angle_3_deg       24.955 15.000 ? 267  'X-RAY DIFFRACTION' ? 
r_dihedral_angle_4_deg       22.788 15.000 ? 23   'X-RAY DIFFRACTION' ? 
r_chiral_restr               0.181  0.200  ? 232  'X-RAY DIFFRACTION' ? 
r_gen_planes_refined         0.009  0.020  ? 1148 'X-RAY DIFFRACTION' ? 
r_gen_planes_other           ?      ?      ? ?    'X-RAY DIFFRACTION' ? 
r_nbd_refined                0.283  0.200  ? 778  'X-RAY DIFFRACTION' ? 
r_nbd_other                  ?      ?      ? ?    'X-RAY DIFFRACTION' ? 
r_nbtor_refined              0.316  0.200  ? 1008 'X-RAY DIFFRACTION' ? 
r_nbtor_other                ?      ?      ? ?    'X-RAY DIFFRACTION' ? 
r_xyhbond_nbd_refined        0.255  0.200  ? 81   'X-RAY DIFFRACTION' ? 
r_xyhbond_nbd_other          ?      ?      ? ?    'X-RAY DIFFRACTION' ? 
r_metal_ion_refined          ?      ?      ? ?    'X-RAY DIFFRACTION' ? 
r_metal_ion_other            ?      ?      ? ?    'X-RAY DIFFRACTION' ? 
r_symmetry_vdw_refined       0.344  0.200  ? 62   'X-RAY DIFFRACTION' ? 
r_symmetry_vdw_other         ?      ?      ? ?    'X-RAY DIFFRACTION' ? 
r_symmetry_hbond_refined     0.176  0.200  ? 8    'X-RAY DIFFRACTION' ? 
r_symmetry_hbond_other       ?      ?      ? ?    'X-RAY DIFFRACTION' ? 
r_symmetry_metal_ion_refined ?      ?      ? ?    'X-RAY DIFFRACTION' ? 
r_symmetry_metal_ion_other   ?      ?      ? ?    'X-RAY DIFFRACTION' ? 
r_mcbond_it                  1.441  1.500  ? 989  'X-RAY DIFFRACTION' ? 
r_mcbond_other               ?      ?      ? ?    'X-RAY DIFFRACTION' ? 
r_mcangle_it                 2.235  2.000  ? 1516 'X-RAY DIFFRACTION' ? 
r_scbond_it                  3.430  3.000  ? 598  'X-RAY DIFFRACTION' ? 
r_scangle_it                 4.847  4.500  ? 525  'X-RAY DIFFRACTION' ? 
r_rigid_bond_restr           ?      ?      ? ?    'X-RAY DIFFRACTION' ? 
r_sphericity_free            ?      ?      ? ?    'X-RAY DIFFRACTION' ? 
r_sphericity_bonded          ?      ?      ? ?    'X-RAY DIFFRACTION' ? 
# 
_refine_ls_shell.pdbx_total_number_of_bins_used   20 
_refine_ls_shell.d_res_high                       2.30 
_refine_ls_shell.d_res_low                        2.36 
_refine_ls_shell.number_reflns_R_work             685 
_refine_ls_shell.R_factor_R_work                  0.253 
_refine_ls_shell.percent_reflns_obs               90.35 
_refine_ls_shell.R_factor_R_free                  0.313 
_refine_ls_shell.R_factor_R_free_error            ? 
_refine_ls_shell.percent_reflns_R_free            ? 
_refine_ls_shell.number_reflns_R_free             45 
_refine_ls_shell.number_reflns_all                ? 
_refine_ls_shell.R_factor_all                     ? 
_refine_ls_shell.redundancy_reflns_obs            ? 
_refine_ls_shell.number_reflns_obs                ? 
_refine_ls_shell.pdbx_refine_id                   'X-RAY DIFFRACTION' 
# 
_struct.entry_id                  2OF7 
_struct.title                     
'Structural Genomics, the crystal structure of a tetR-family transcriptional regulator from Streptomyces coelicolor A3' 
_struct.pdbx_model_details        ? 
_struct.pdbx_CASP_flag            ? 
_struct.pdbx_model_type_details   ? 
# 
_struct_keywords.entry_id        2OF7 
_struct_keywords.pdbx_keywords   TRANSCRIPTION 
_struct_keywords.text            
;APC7240, tetR-family transcriptional regulator, Streptomyces coelicolor A3, structural genomics, PSI-2, protein structure initiative, midwest center for structural genomics, MCSG, TRANSCRIPTION
;
# 
loop_
_struct_asym.id 
_struct_asym.pdbx_blank_PDB_chainid_flag 
_struct_asym.pdbx_modified 
_struct_asym.entity_id 
_struct_asym.details 
A N N 1 ? 
B N N 2 ? 
# 
_struct_ref.id                         1 
_struct_ref.db_name                    UNP 
_struct_ref.db_code                    Q9EWH2_STRCO 
_struct_ref.pdbx_db_accession          Q9EWH2 
_struct_ref.entity_id                  1 
_struct_ref.pdbx_seq_one_letter_code   
;AARSAPSPAGAPRPGLRERKKTRTREAIRAATYGLIRQQGYEATTVEQIAERAEVSPSTVLRYFPTREDIVLTDEYDPVM
AAELAARPAGEPWSDSLRHVLRKALGLGAGEEAELIRLRTRLLAEVPAVRARMLENMSDTGRMLARAIADRTGLDPDGLE
VRIVSMSLVGGLMEVSRYWAEHDHEESLAELVDRALDALENGLPALRESDRESDREGDRGGHREDRREGPRKD
;
_struct_ref.pdbx_align_begin           3 
_struct_ref.pdbx_db_isoform            ? 
# 
_struct_ref_seq.align_id                      1 
_struct_ref_seq.ref_id                        1 
_struct_ref_seq.pdbx_PDB_id_code              2OF7 
_struct_ref_seq.pdbx_strand_id                A 
_struct_ref_seq.seq_align_beg                 26 
_struct_ref_seq.pdbx_seq_align_beg_ins_code   ? 
_struct_ref_seq.seq_align_end                 258 
_struct_ref_seq.pdbx_seq_align_end_ins_code   ? 
_struct_ref_seq.pdbx_db_accession             Q9EWH2 
_struct_ref_seq.db_align_beg                  3 
_struct_ref_seq.pdbx_db_align_beg_ins_code    ? 
_struct_ref_seq.db_align_end                  235 
_struct_ref_seq.pdbx_db_align_end_ins_code    ? 
_struct_ref_seq.pdbx_auth_seq_align_beg       3 
_struct_ref_seq.pdbx_auth_seq_align_end       235 
# 
loop_
_struct_ref_seq_dif.align_id 
_struct_ref_seq_dif.pdbx_pdb_id_code 
_struct_ref_seq_dif.mon_id 
_struct_ref_seq_dif.pdbx_pdb_strand_id 
_struct_ref_seq_dif.seq_num 
_struct_ref_seq_dif.pdbx_pdb_ins_code 
_struct_ref_seq_dif.pdbx_seq_db_name 
_struct_ref_seq_dif.pdbx_seq_db_accession_code 
_struct_ref_seq_dif.db_mon_id 
_struct_ref_seq_dif.pdbx_seq_db_seq_num 
_struct_ref_seq_dif.details 
_struct_ref_seq_dif.pdbx_auth_seq_num 
_struct_ref_seq_dif.pdbx_ordinal 
1 2OF7 MSE A 1   ? UNP Q9EWH2 ?   ?   'cloning artifact' -22 1  
1 2OF7 THR A 2   ? UNP Q9EWH2 ?   ?   'cloning artifact' -21 2  
1 2OF7 MSE A 3   ? UNP Q9EWH2 ?   ?   'cloning artifact' -20 3  
1 2OF7 GLY A 4   ? UNP Q9EWH2 ?   ?   'cloning artifact' -19 4  
1 2OF7 SER A 5   ? UNP Q9EWH2 ?   ?   'cloning artifact' -18 5  
1 2OF7 SER A 6   ? UNP Q9EWH2 ?   ?   'cloning artifact' -17 6  
1 2OF7 HIS A 7   ? UNP Q9EWH2 ?   ?   'cloning artifact' -16 7  
1 2OF7 HIS A 8   ? UNP Q9EWH2 ?   ?   'cloning artifact' -15 8  
1 2OF7 HIS A 9   ? UNP Q9EWH2 ?   ?   'cloning artifact' -14 9  
1 2OF7 HIS A 10  ? UNP Q9EWH2 ?   ?   'cloning artifact' -13 10 
1 2OF7 HIS A 11  ? UNP Q9EWH2 ?   ?   'cloning artifact' -12 11 
1 2OF7 HIS A 12  ? UNP Q9EWH2 ?   ?   'cloning artifact' -11 12 
1 2OF7 SER A 13  ? UNP Q9EWH2 ?   ?   'cloning artifact' -10 13 
1 2OF7 SER A 14  ? UNP Q9EWH2 ?   ?   'cloning artifact' -9  14 
1 2OF7 GLY A 15  ? UNP Q9EWH2 ?   ?   'cloning artifact' -8  15 
1 2OF7 ARG A 16  ? UNP Q9EWH2 ?   ?   'cloning artifact' -7  16 
1 2OF7 GLU A 17  ? UNP Q9EWH2 ?   ?   'cloning artifact' -6  17 
1 2OF7 ASN A 18  ? UNP Q9EWH2 ?   ?   'cloning artifact' -5  18 
1 2OF7 LEU A 19  ? UNP Q9EWH2 ?   ?   'cloning artifact' -4  19 
1 2OF7 TYR A 20  ? UNP Q9EWH2 ?   ?   'cloning artifact' -3  20 
1 2OF7 PHE A 21  ? UNP Q9EWH2 ?   ?   'cloning artifact' -2  21 
1 2OF7 GLN A 22  ? UNP Q9EWH2 ?   ?   'cloning artifact' -1  22 
1 2OF7 GLY A 23  ? UNP Q9EWH2 ?   ?   'cloning artifact' 0   23 
1 2OF7 HIS A 24  ? UNP Q9EWH2 ?   ?   'cloning artifact' 1   24 
1 2OF7 MSE A 25  ? UNP Q9EWH2 ?   ?   'cloning artifact' 2   25 
1 2OF7 MSE A 105 ? UNP Q9EWH2 MET 82  'modified residue' 82  26 
1 2OF7 MSE A 158 ? UNP Q9EWH2 MET 135 'modified residue' 135 27 
1 2OF7 MSE A 162 ? UNP Q9EWH2 MET 139 'modified residue' 139 28 
1 2OF7 MSE A 168 ? UNP Q9EWH2 MET 145 'modified residue' 145 29 
1 2OF7 MSE A 191 ? UNP Q9EWH2 MET 168 'modified residue' 168 30 
1 2OF7 MSE A 198 ? UNP Q9EWH2 MET 175 'modified residue' 175 31 
1 2OF7 GLY A 259 ? UNP Q9EWH2 ?   ?   'cloning artifact' 236 32 
1 2OF7 SER A 260 ? UNP Q9EWH2 ?   ?   'cloning artifact' 237 33 
# 
_pdbx_struct_assembly.id                   1 
_pdbx_struct_assembly.details              author_and_software_defined_assembly 
_pdbx_struct_assembly.method_details       PISA,PQS 
_pdbx_struct_assembly.oligomeric_details   dimeric 
_pdbx_struct_assembly.oligomeric_count     2 
# 
loop_
_pdbx_struct_assembly_prop.biol_id 
_pdbx_struct_assembly_prop.type 
_pdbx_struct_assembly_prop.value 
_pdbx_struct_assembly_prop.details 
1 'ABSA (A^2)' 3500  ? 
1 MORE         -18   ? 
1 'SSA (A^2)'  17120 ? 
# 
_pdbx_struct_assembly_gen.assembly_id       1 
_pdbx_struct_assembly_gen.oper_expression   1,2 
_pdbx_struct_assembly_gen.asym_id_list      A,B 
# 
loop_
_pdbx_struct_oper_list.id 
_pdbx_struct_oper_list.type 
_pdbx_struct_oper_list.name 
_pdbx_struct_oper_list.symmetry_operation 
_pdbx_struct_oper_list.matrix[1][1] 
_pdbx_struct_oper_list.matrix[1][2] 
_pdbx_struct_oper_list.matrix[1][3] 
_pdbx_struct_oper_list.vector[1] 
_pdbx_struct_oper_list.matrix[2][1] 
_pdbx_struct_oper_list.matrix[2][2] 
_pdbx_struct_oper_list.matrix[2][3] 
_pdbx_struct_oper_list.vector[2] 
_pdbx_struct_oper_list.matrix[3][1] 
_pdbx_struct_oper_list.matrix[3][2] 
_pdbx_struct_oper_list.matrix[3][3] 
_pdbx_struct_oper_list.vector[3] 
1 'identity operation'         1_555 x,y,z       1.0000000000  0.0000000000 0.0000000000  0.0000000000  0.0000000000 1.0000000000 0.0000000000  0.0000000000   0.0000000000  0.0000000000  1.0000000000  0.0000000000   
2 'crystal symmetry operation' 2_656 -x+1,y,-z+1 -0.5158654954 0.8170698741 -0.2574482696 16.0222602866 0.8170698741 0.3789621950 -0.4344933551 -14.4002189046 -0.2574482696 -0.4344933551 -0.8630966996 -15.5722779081 
# 
_struct_biol.id                    1 
_struct_biol.details               'The molecule forms a dimer with its symmetry-related molecule of the operator (-x+1,y,-z+1).' 
_struct_biol.pdbx_parent_biol_id   ? 
# 
loop_
_struct_conf.conf_type_id 
_struct_conf.id 
_struct_conf.pdbx_PDB_helix_id 
_struct_conf.beg_label_comp_id 
_struct_conf.beg_label_asym_id 
_struct_conf.beg_label_seq_id 
_struct_conf.pdbx_beg_PDB_ins_code 
_struct_conf.end_label_comp_id 
_struct_conf.end_label_asym_id 
_struct_conf.end_label_seq_id 
_struct_conf.pdbx_end_PDB_ins_code 
_struct_conf.beg_auth_comp_id 
_struct_conf.beg_auth_asym_id 
_struct_conf.beg_auth_seq_id 
_struct_conf.end_auth_comp_id 
_struct_conf.end_auth_asym_id 
_struct_conf.end_auth_seq_id 
_struct_conf.pdbx_PDB_helix_class 
_struct_conf.details 
_struct_conf.pdbx_PDB_helix_length 
HELX_P HELX_P1  1  ARG A 42  ? GLY A 65  ? ARG A 19  GLY A 42  1 ? 24 
HELX_P HELX_P2  2  THR A 70  ? GLU A 79  ? THR A 47  GLU A 56  1 ? 10 
HELX_P HELX_P3  3  SER A 81  ? PHE A 89  ? SER A 58  PHE A 66  1 ? 9  
HELX_P HELX_P4  4  THR A 91  ? LEU A 97  ? THR A 68  LEU A 74  1 ? 7  
HELX_P HELX_P5  5  TYR A 101 ? ALA A 111 ? TYR A 78  ALA A 88  1 ? 11 
HELX_P HELX_P6  6  PRO A 117 ? GLY A 131 ? PRO A 94  GLY A 108 1 ? 15 
HELX_P HELX_P7  7  GLU A 136 ? VAL A 151 ? GLU A 113 VAL A 128 1 ? 16 
HELX_P HELX_P8  8  VAL A 151 ? MSE A 162 ? VAL A 128 MSE A 139 1 ? 12 
HELX_P HELX_P9  9  ARG A 167 ? GLY A 178 ? ARG A 144 GLY A 155 1 ? 12 
HELX_P HELX_P10 10 GLY A 183 ? ASP A 208 ? GLY A 160 ASP A 185 1 ? 26 
HELX_P HELX_P11 11 SER A 212 ? GLY A 227 ? SER A 189 GLY A 204 1 ? 16 
# 
_struct_conf_type.id          HELX_P 
_struct_conf_type.criteria    ? 
_struct_conf_type.reference   ? 
# 
loop_
_struct_conn.id 
_struct_conn.conn_type_id 
_struct_conn.pdbx_leaving_atom_flag 
_struct_conn.pdbx_PDB_id 
_struct_conn.ptnr1_label_asym_id 
_struct_conn.ptnr1_label_comp_id 
_struct_conn.ptnr1_label_seq_id 
_struct_conn.ptnr1_label_atom_id 
_struct_conn.pdbx_ptnr1_label_alt_id 
_struct_conn.pdbx_ptnr1_PDB_ins_code 
_struct_conn.pdbx_ptnr1_standard_comp_id 
_struct_conn.ptnr1_symmetry 
_struct_conn.ptnr2_label_asym_id 
_struct_conn.ptnr2_label_comp_id 
_struct_conn.ptnr2_label_seq_id 
_struct_conn.ptnr2_label_atom_id 
_struct_conn.pdbx_ptnr2_label_alt_id 
_struct_conn.pdbx_ptnr2_PDB_ins_code 
_struct_conn.ptnr1_auth_asym_id 
_struct_conn.ptnr1_auth_comp_id 
_struct_conn.ptnr1_auth_seq_id 
_struct_conn.ptnr2_auth_asym_id 
_struct_conn.ptnr2_auth_comp_id 
_struct_conn.ptnr2_auth_seq_id 
_struct_conn.ptnr2_symmetry 
_struct_conn.pdbx_ptnr3_label_atom_id 
_struct_conn.pdbx_ptnr3_label_seq_id 
_struct_conn.pdbx_ptnr3_label_comp_id 
_struct_conn.pdbx_ptnr3_label_asym_id 
_struct_conn.pdbx_ptnr3_label_alt_id 
_struct_conn.pdbx_ptnr3_PDB_ins_code 
_struct_conn.details 
_struct_conn.pdbx_dist_value 
_struct_conn.pdbx_value_order 
_struct_conn.pdbx_role 
covale1  covale both ? A VAL 104 C ? ? ? 1_555 A MSE 105 N ? ? A VAL 81  A MSE 82  1_555 ? ? ? ? ? ? ? 1.337 ? ? 
covale2  covale both ? A MSE 105 C ? ? ? 1_555 A ALA 106 N ? ? A MSE 82  A ALA 83  1_555 ? ? ? ? ? ? ? 1.331 ? ? 
covale3  covale both ? A ARG 157 C ? ? ? 1_555 A MSE 158 N ? ? A ARG 134 A MSE 135 1_555 ? ? ? ? ? ? ? 1.317 ? ? 
covale4  covale both ? A MSE 158 C ? ? ? 1_555 A LEU 159 N ? ? A MSE 135 A LEU 136 1_555 ? ? ? ? ? ? ? 1.355 ? ? 
covale5  covale both ? A ASN 161 C ? ? ? 1_555 A MSE 162 N ? ? A ASN 138 A MSE 139 1_555 ? ? ? ? ? ? ? 1.333 ? ? 
covale6  covale both ? A MSE 162 C ? ? ? 1_555 A SER 163 N ? ? A MSE 139 A SER 140 1_555 ? ? ? ? ? ? ? 1.324 ? ? 
covale7  covale both ? A ARG 167 C ? ? ? 1_555 A MSE 168 N ? ? A ARG 144 A MSE 145 1_555 ? ? ? ? ? ? ? 1.343 ? ? 
covale8  covale both ? A MSE 168 C ? ? ? 1_555 A LEU 169 N ? ? A MSE 145 A LEU 146 1_555 ? ? ? ? ? ? ? 1.332 ? ? 
covale9  covale both ? A SER 190 C ? ? ? 1_555 A MSE 191 N ? ? A SER 167 A MSE 168 1_555 ? ? ? ? ? ? ? 1.343 ? ? 
covale10 covale both ? A MSE 191 C ? ? ? 1_555 A SER 192 N ? ? A MSE 168 A SER 169 1_555 ? ? ? ? ? ? ? 1.301 ? ? 
covale11 covale both ? A LEU 197 C ? ? ? 1_555 A MSE 198 N ? ? A LEU 174 A MSE 175 1_555 ? ? ? ? ? ? ? 1.317 ? ? 
covale12 covale both ? A MSE 198 C ? ? ? 1_555 A GLU 199 N ? ? A MSE 175 A GLU 176 1_555 ? ? ? ? ? ? ? 1.327 ? ? 
# 
_struct_conn_type.id          covale 
_struct_conn_type.criteria    ? 
_struct_conn_type.reference   ? 
# 
loop_
_pdbx_modification_feature.ordinal 
_pdbx_modification_feature.label_comp_id 
_pdbx_modification_feature.label_asym_id 
_pdbx_modification_feature.label_seq_id 
_pdbx_modification_feature.label_alt_id 
_pdbx_modification_feature.modified_residue_label_comp_id 
_pdbx_modification_feature.modified_residue_label_asym_id 
_pdbx_modification_feature.modified_residue_label_seq_id 
_pdbx_modification_feature.modified_residue_label_alt_id 
_pdbx_modification_feature.auth_comp_id 
_pdbx_modification_feature.auth_asym_id 
_pdbx_modification_feature.auth_seq_id 
_pdbx_modification_feature.PDB_ins_code 
_pdbx_modification_feature.symmetry 
_pdbx_modification_feature.modified_residue_auth_comp_id 
_pdbx_modification_feature.modified_residue_auth_asym_id 
_pdbx_modification_feature.modified_residue_auth_seq_id 
_pdbx_modification_feature.modified_residue_PDB_ins_code 
_pdbx_modification_feature.modified_residue_symmetry 
_pdbx_modification_feature.comp_id_linking_atom 
_pdbx_modification_feature.modified_residue_id_linking_atom 
_pdbx_modification_feature.modified_residue_id 
_pdbx_modification_feature.ref_pcm_id 
_pdbx_modification_feature.ref_comp_id 
_pdbx_modification_feature.type 
_pdbx_modification_feature.category 
1 MSE A 105 ? . . . . MSE A 82  ? 1_555 . . . . . . . MET 1 MSE Selenomethionine 'Named protein modification' 
2 MSE A 158 ? . . . . MSE A 135 ? 1_555 . . . . . . . MET 1 MSE Selenomethionine 'Named protein modification' 
3 MSE A 162 ? . . . . MSE A 139 ? 1_555 . . . . . . . MET 1 MSE Selenomethionine 'Named protein modification' 
4 MSE A 168 ? . . . . MSE A 145 ? 1_555 . . . . . . . MET 1 MSE Selenomethionine 'Named protein modification' 
5 MSE A 191 ? . . . . MSE A 168 ? 1_555 . . . . . . . MET 1 MSE Selenomethionine 'Named protein modification' 
6 MSE A 198 ? . . . . MSE A 175 ? 1_555 . . . . . . . MET 1 MSE Selenomethionine 'Named protein modification' 
# 
loop_
_struct_mon_prot_cis.pdbx_id 
_struct_mon_prot_cis.label_comp_id 
_struct_mon_prot_cis.label_seq_id 
_struct_mon_prot_cis.label_asym_id 
_struct_mon_prot_cis.label_alt_id 
_struct_mon_prot_cis.pdbx_PDB_ins_code 
_struct_mon_prot_cis.auth_comp_id 
_struct_mon_prot_cis.auth_seq_id 
_struct_mon_prot_cis.auth_asym_id 
_struct_mon_prot_cis.pdbx_label_comp_id_2 
_struct_mon_prot_cis.pdbx_label_seq_id_2 
_struct_mon_prot_cis.pdbx_label_asym_id_2 
_struct_mon_prot_cis.pdbx_PDB_ins_code_2 
_struct_mon_prot_cis.pdbx_auth_comp_id_2 
_struct_mon_prot_cis.pdbx_auth_seq_id_2 
_struct_mon_prot_cis.pdbx_auth_asym_id_2 
_struct_mon_prot_cis.pdbx_PDB_model_num 
_struct_mon_prot_cis.pdbx_omega_angle 
1 THR 165 A . ? THR 142 A GLY 166 A ? GLY 143 A 1 27.23 
2 LEU 228 A . ? LEU 205 A PRO 229 A ? PRO 206 A 1 14.27 
# 
_pdbx_entry_details.entry_id                   2OF7 
_pdbx_entry_details.compound_details           ? 
_pdbx_entry_details.source_details             ? 
_pdbx_entry_details.nonpolymer_details         ? 
_pdbx_entry_details.sequence_details           ? 
_pdbx_entry_details.has_ligand_of_interest     ? 
_pdbx_entry_details.has_protein_modification   Y 
# 
loop_
_pdbx_validate_close_contact.id 
_pdbx_validate_close_contact.PDB_model_num 
_pdbx_validate_close_contact.auth_atom_id_1 
_pdbx_validate_close_contact.auth_asym_id_1 
_pdbx_validate_close_contact.auth_comp_id_1 
_pdbx_validate_close_contact.auth_seq_id_1 
_pdbx_validate_close_contact.PDB_ins_code_1 
_pdbx_validate_close_contact.label_alt_id_1 
_pdbx_validate_close_contact.auth_atom_id_2 
_pdbx_validate_close_contact.auth_asym_id_2 
_pdbx_validate_close_contact.auth_comp_id_2 
_pdbx_validate_close_contact.auth_seq_id_2 
_pdbx_validate_close_contact.PDB_ins_code_2 
_pdbx_validate_close_contact.label_alt_id_2 
_pdbx_validate_close_contact.dist 
1 1 O   A PRO 129 ? ? N   A ALA 133 ? ? 2.05 
2 1 O   A ALA 91  ? ? N   A GLU 93  ? ? 2.06 
3 1 OE2 A GLU 85  ? ? NE2 A HIS 101 ? ? 2.19 
# 
loop_
_pdbx_validate_rmsd_bond.id 
_pdbx_validate_rmsd_bond.PDB_model_num 
_pdbx_validate_rmsd_bond.auth_atom_id_1 
_pdbx_validate_rmsd_bond.auth_asym_id_1 
_pdbx_validate_rmsd_bond.auth_comp_id_1 
_pdbx_validate_rmsd_bond.auth_seq_id_1 
_pdbx_validate_rmsd_bond.PDB_ins_code_1 
_pdbx_validate_rmsd_bond.label_alt_id_1 
_pdbx_validate_rmsd_bond.auth_atom_id_2 
_pdbx_validate_rmsd_bond.auth_asym_id_2 
_pdbx_validate_rmsd_bond.auth_comp_id_2 
_pdbx_validate_rmsd_bond.auth_seq_id_2 
_pdbx_validate_rmsd_bond.PDB_ins_code_2 
_pdbx_validate_rmsd_bond.label_alt_id_2 
_pdbx_validate_rmsd_bond.bond_value 
_pdbx_validate_rmsd_bond.bond_target_value 
_pdbx_validate_rmsd_bond.bond_deviation 
_pdbx_validate_rmsd_bond.bond_standard_deviation 
_pdbx_validate_rmsd_bond.linker_flag 
1 1 CG A GLU 113 ? ? CD A GLU 113 ? ? 1.610 1.515 0.095  0.015 N 
2 1 CG A GLU 183 ? ? CD A GLU 183 ? ? 1.626 1.515 0.111  0.015 N 
3 1 C  A GLU 192 ? ? N  A LEU 193 ? ? 1.112 1.336 -0.224 0.023 Y 
4 1 C  A LEU 193 ? ? N  A VAL 194 ? ? 1.114 1.336 -0.222 0.023 Y 
# 
loop_
_pdbx_validate_rmsd_angle.id 
_pdbx_validate_rmsd_angle.PDB_model_num 
_pdbx_validate_rmsd_angle.auth_atom_id_1 
_pdbx_validate_rmsd_angle.auth_asym_id_1 
_pdbx_validate_rmsd_angle.auth_comp_id_1 
_pdbx_validate_rmsd_angle.auth_seq_id_1 
_pdbx_validate_rmsd_angle.PDB_ins_code_1 
_pdbx_validate_rmsd_angle.label_alt_id_1 
_pdbx_validate_rmsd_angle.auth_atom_id_2 
_pdbx_validate_rmsd_angle.auth_asym_id_2 
_pdbx_validate_rmsd_angle.auth_comp_id_2 
_pdbx_validate_rmsd_angle.auth_seq_id_2 
_pdbx_validate_rmsd_angle.PDB_ins_code_2 
_pdbx_validate_rmsd_angle.label_alt_id_2 
_pdbx_validate_rmsd_angle.auth_atom_id_3 
_pdbx_validate_rmsd_angle.auth_asym_id_3 
_pdbx_validate_rmsd_angle.auth_comp_id_3 
_pdbx_validate_rmsd_angle.auth_seq_id_3 
_pdbx_validate_rmsd_angle.PDB_ins_code_3 
_pdbx_validate_rmsd_angle.label_alt_id_3 
_pdbx_validate_rmsd_angle.angle_value 
_pdbx_validate_rmsd_angle.angle_target_value 
_pdbx_validate_rmsd_angle.angle_deviation 
_pdbx_validate_rmsd_angle.angle_standard_deviation 
_pdbx_validate_rmsd_angle.linker_flag 
1  1 NE A ARG 123 ? ? CZ A ARG 123 ? ? NH2 A ARG 123 ? ? 124.37 120.30 4.07   0.50 N 
2  1 NE A ARG 144 ? ? CZ A ARG 144 ? ? NH1 A ARG 144 ? ? 124.00 120.30 3.70   0.50 N 
3  1 C  A ASP 157 ? ? N  A PRO 158 ? ? CA  A PRO 158 ? ? 130.85 119.30 11.55  1.50 Y 
4  1 CB A SER 169 ? ? CA A SER 169 ? ? C   A SER 169 ? ? 122.81 110.10 12.71  1.90 N 
5  1 CA A LEU 174 ? ? CB A LEU 174 ? ? CG  A LEU 174 ? ? 129.35 115.30 14.05  2.30 N 
6  1 CB A LEU 174 ? ? CG A LEU 174 ? ? CD1 A LEU 174 ? ? 121.94 111.00 10.94  1.70 N 
7  1 CB A LEU 174 ? ? CG A LEU 174 ? ? CD2 A LEU 174 ? ? 97.89  111.00 -13.11 1.70 N 
8  1 O  A LEU 193 ? ? C  A LEU 193 ? ? N   A VAL 194 ? ? 112.89 122.70 -9.81  1.60 Y 
9  1 NE A ARG 196 ? ? CZ A ARG 196 ? ? NH1 A ARG 196 ? ? 124.92 120.30 4.62   0.50 N 
10 1 C  A LEU 205 ? ? N  A PRO 206 ? ? CA  A PRO 206 ? ? 152.56 127.00 25.56  2.40 Y 
11 1 C  A LEU 205 ? ? N  A PRO 206 ? ? CD  A PRO 206 ? ? 102.76 120.60 -17.84 2.20 Y 
12 1 N  A PRO 206 ? ? CA A PRO 206 ? ? C   A PRO 206 ? ? 131.29 112.10 19.19  2.60 N 
# 
loop_
_pdbx_validate_torsion.id 
_pdbx_validate_torsion.PDB_model_num 
_pdbx_validate_torsion.auth_comp_id 
_pdbx_validate_torsion.auth_asym_id 
_pdbx_validate_torsion.auth_seq_id 
_pdbx_validate_torsion.PDB_ins_code 
_pdbx_validate_torsion.label_alt_id 
_pdbx_validate_torsion.phi 
_pdbx_validate_torsion.psi 
1  1 LEU A 18  ? ? -101.98 53.50   
2  1 LEU A 74  ? ? -98.17  49.59   
3  1 ASP A 76  ? ? -63.49  96.05   
4  1 TYR A 78  ? ? 95.74   -78.66  
5  1 ALA A 88  ? ? -68.07  40.95   
6  1 PRO A 94  ? ? -45.74  164.41  
7  1 SER A 140 ? ? -93.92  -64.78  
8  1 ASP A 141 ? ? -42.10  12.36   
9  1 THR A 142 ? ? 156.96  -155.52 
10 1 ARG A 144 ? ? 68.68   -7.36   
11 1 LEU A 156 ? ? -49.95  161.41  
12 1 PRO A 206 ? ? 30.13   90.45   
# 
loop_
_pdbx_validate_peptide_omega.id 
_pdbx_validate_peptide_omega.PDB_model_num 
_pdbx_validate_peptide_omega.auth_comp_id_1 
_pdbx_validate_peptide_omega.auth_asym_id_1 
_pdbx_validate_peptide_omega.auth_seq_id_1 
_pdbx_validate_peptide_omega.PDB_ins_code_1 
_pdbx_validate_peptide_omega.label_alt_id_1 
_pdbx_validate_peptide_omega.auth_comp_id_2 
_pdbx_validate_peptide_omega.auth_asym_id_2 
_pdbx_validate_peptide_omega.auth_seq_id_2 
_pdbx_validate_peptide_omega.PDB_ins_code_2 
_pdbx_validate_peptide_omega.label_alt_id_2 
_pdbx_validate_peptide_omega.omega 
1 1 ARG A 89  ? ? PRO A 90  ? ? -40.94 
2 1 ASP A 141 ? ? THR A 142 ? ? 146.31 
# 
loop_
_pdbx_validate_polymer_linkage.id 
_pdbx_validate_polymer_linkage.PDB_model_num 
_pdbx_validate_polymer_linkage.auth_atom_id_1 
_pdbx_validate_polymer_linkage.auth_asym_id_1 
_pdbx_validate_polymer_linkage.auth_comp_id_1 
_pdbx_validate_polymer_linkage.auth_seq_id_1 
_pdbx_validate_polymer_linkage.PDB_ins_code_1 
_pdbx_validate_polymer_linkage.label_alt_id_1 
_pdbx_validate_polymer_linkage.auth_atom_id_2 
_pdbx_validate_polymer_linkage.auth_asym_id_2 
_pdbx_validate_polymer_linkage.auth_comp_id_2 
_pdbx_validate_polymer_linkage.auth_seq_id_2 
_pdbx_validate_polymer_linkage.PDB_ins_code_2 
_pdbx_validate_polymer_linkage.label_alt_id_2 
_pdbx_validate_polymer_linkage.dist 
1 1 C A GLU 192 ? ? N A LEU 193 ? ? 1.11 
2 1 C A LEU 193 ? ? N A VAL 194 ? ? 1.11 
# 
_pdbx_SG_project.id                    1 
_pdbx_SG_project.project_name          'PSI, Protein Structure Initiative' 
_pdbx_SG_project.full_name_of_center   'Midwest Center for Structural Genomics' 
_pdbx_SG_project.initial_of_center     MCSG 
# 
loop_
_pdbx_struct_mod_residue.id 
_pdbx_struct_mod_residue.label_asym_id 
_pdbx_struct_mod_residue.label_comp_id 
_pdbx_struct_mod_residue.label_seq_id 
_pdbx_struct_mod_residue.auth_asym_id 
_pdbx_struct_mod_residue.auth_comp_id 
_pdbx_struct_mod_residue.auth_seq_id 
_pdbx_struct_mod_residue.PDB_ins_code 
_pdbx_struct_mod_residue.parent_comp_id 
_pdbx_struct_mod_residue.details 
1 A MSE 105 A MSE 82  ? MET SELENOMETHIONINE 
2 A MSE 158 A MSE 135 ? MET SELENOMETHIONINE 
3 A MSE 162 A MSE 139 ? MET SELENOMETHIONINE 
4 A MSE 168 A MSE 145 ? MET SELENOMETHIONINE 
5 A MSE 191 A MSE 168 ? MET SELENOMETHIONINE 
6 A MSE 198 A MSE 175 ? MET SELENOMETHIONINE 
# 
loop_
_pdbx_unobs_or_zero_occ_residues.id 
_pdbx_unobs_or_zero_occ_residues.PDB_model_num 
_pdbx_unobs_or_zero_occ_residues.polymer_flag 
_pdbx_unobs_or_zero_occ_residues.occupancy_flag 
_pdbx_unobs_or_zero_occ_residues.auth_asym_id 
_pdbx_unobs_or_zero_occ_residues.auth_comp_id 
_pdbx_unobs_or_zero_occ_residues.auth_seq_id 
_pdbx_unobs_or_zero_occ_residues.PDB_ins_code 
_pdbx_unobs_or_zero_occ_residues.label_asym_id 
_pdbx_unobs_or_zero_occ_residues.label_comp_id 
_pdbx_unobs_or_zero_occ_residues.label_seq_id 
1  1 Y 1 A MSE -22 ? A MSE 1   
2  1 Y 1 A THR -21 ? A THR 2   
3  1 Y 1 A MSE -20 ? A MSE 3   
4  1 Y 1 A GLY -19 ? A GLY 4   
5  1 Y 1 A SER -18 ? A SER 5   
6  1 Y 1 A SER -17 ? A SER 6   
7  1 Y 1 A HIS -16 ? A HIS 7   
8  1 Y 1 A HIS -15 ? A HIS 8   
9  1 Y 1 A HIS -14 ? A HIS 9   
10 1 Y 1 A HIS -13 ? A HIS 10  
11 1 Y 1 A HIS -12 ? A HIS 11  
12 1 Y 1 A HIS -11 ? A HIS 12  
13 1 Y 1 A SER -10 ? A SER 13  
14 1 Y 1 A SER -9  ? A SER 14  
15 1 Y 1 A GLY -8  ? A GLY 15  
16 1 Y 1 A ARG -7  ? A ARG 16  
17 1 Y 1 A GLU -6  ? A GLU 17  
18 1 Y 1 A ASN -5  ? A ASN 18  
19 1 Y 1 A LEU -4  ? A LEU 19  
20 1 Y 1 A TYR -3  ? A TYR 20  
21 1 Y 1 A PHE -2  ? A PHE 21  
22 1 Y 1 A GLN -1  ? A GLN 22  
23 1 Y 1 A GLY 0   ? A GLY 23  
24 1 Y 1 A HIS 1   ? A HIS 24  
25 1 Y 1 A MSE 2   ? A MSE 25  
26 1 Y 1 A ALA 3   ? A ALA 26  
27 1 Y 1 A ALA 4   ? A ALA 27  
28 1 Y 1 A ARG 5   ? A ARG 28  
29 1 Y 1 A SER 6   ? A SER 29  
30 1 Y 1 A ALA 7   ? A ALA 30  
31 1 Y 1 A PRO 8   ? A PRO 31  
32 1 Y 1 A SER 9   ? A SER 32  
33 1 Y 1 A PRO 10  ? A PRO 33  
34 1 Y 1 A ALA 11  ? A ALA 34  
35 1 Y 1 A GLY 12  ? A GLY 35  
36 1 Y 1 A ALA 13  ? A ALA 36  
37 1 Y 1 A PRO 14  ? A PRO 37  
38 1 Y 1 A ARG 15  ? A ARG 38  
39 1 Y 1 A PRO 16  ? A PRO 39  
40 1 Y 1 A LEU 208 ? A LEU 231 
41 1 Y 1 A ARG 209 ? A ARG 232 
42 1 Y 1 A GLU 210 ? A GLU 233 
43 1 Y 1 A SER 211 ? A SER 234 
44 1 Y 1 A ASP 212 ? A ASP 235 
45 1 Y 1 A ARG 213 ? A ARG 236 
46 1 Y 1 A GLU 214 ? A GLU 237 
47 1 Y 1 A SER 215 ? A SER 238 
48 1 Y 1 A ASP 216 ? A ASP 239 
49 1 Y 1 A ARG 217 ? A ARG 240 
50 1 Y 1 A GLU 218 ? A GLU 241 
51 1 Y 1 A GLY 219 ? A GLY 242 
52 1 Y 1 A ASP 220 ? A ASP 243 
53 1 Y 1 A ARG 221 ? A ARG 244 
54 1 Y 1 A GLY 222 ? A GLY 245 
55 1 Y 1 A GLY 223 ? A GLY 246 
56 1 Y 1 A HIS 224 ? A HIS 247 
57 1 Y 1 A ARG 225 ? A ARG 248 
58 1 Y 1 A GLU 226 ? A GLU 249 
59 1 Y 1 A ASP 227 ? A ASP 250 
60 1 Y 1 A ARG 228 ? A ARG 251 
61 1 Y 1 A ARG 229 ? A ARG 252 
62 1 Y 1 A GLU 230 ? A GLU 253 
63 1 Y 1 A GLY 231 ? A GLY 254 
64 1 Y 1 A PRO 232 ? A PRO 255 
65 1 Y 1 A ARG 233 ? A ARG 256 
66 1 Y 1 A LYS 234 ? A LYS 257 
67 1 Y 1 A ASP 235 ? A ASP 258 
68 1 Y 1 A GLY 236 ? A GLY 259 
69 1 Y 1 A SER 237 ? A SER 260 
# 
loop_
_chem_comp_atom.comp_id 
_chem_comp_atom.atom_id 
_chem_comp_atom.type_symbol 
_chem_comp_atom.pdbx_aromatic_flag 
_chem_comp_atom.pdbx_stereo_config 
_chem_comp_atom.pdbx_ordinal 
ALA N    N  N N 1   
ALA CA   C  N S 2   
ALA C    C  N N 3   
ALA O    O  N N 4   
ALA CB   C  N N 5   
ALA OXT  O  N N 6   
ALA H    H  N N 7   
ALA H2   H  N N 8   
ALA HA   H  N N 9   
ALA HB1  H  N N 10  
ALA HB2  H  N N 11  
ALA HB3  H  N N 12  
ALA HXT  H  N N 13  
ARG N    N  N N 14  
ARG CA   C  N S 15  
ARG C    C  N N 16  
ARG O    O  N N 17  
ARG CB   C  N N 18  
ARG CG   C  N N 19  
ARG CD   C  N N 20  
ARG NE   N  N N 21  
ARG CZ   C  N N 22  
ARG NH1  N  N N 23  
ARG NH2  N  N N 24  
ARG OXT  O  N N 25  
ARG H    H  N N 26  
ARG H2   H  N N 27  
ARG HA   H  N N 28  
ARG HB2  H  N N 29  
ARG HB3  H  N N 30  
ARG HG2  H  N N 31  
ARG HG3  H  N N 32  
ARG HD2  H  N N 33  
ARG HD3  H  N N 34  
ARG HE   H  N N 35  
ARG HH11 H  N N 36  
ARG HH12 H  N N 37  
ARG HH21 H  N N 38  
ARG HH22 H  N N 39  
ARG HXT  H  N N 40  
ASN N    N  N N 41  
ASN CA   C  N S 42  
ASN C    C  N N 43  
ASN O    O  N N 44  
ASN CB   C  N N 45  
ASN CG   C  N N 46  
ASN OD1  O  N N 47  
ASN ND2  N  N N 48  
ASN OXT  O  N N 49  
ASN H    H  N N 50  
ASN H2   H  N N 51  
ASN HA   H  N N 52  
ASN HB2  H  N N 53  
ASN HB3  H  N N 54  
ASN HD21 H  N N 55  
ASN HD22 H  N N 56  
ASN HXT  H  N N 57  
ASP N    N  N N 58  
ASP CA   C  N S 59  
ASP C    C  N N 60  
ASP O    O  N N 61  
ASP CB   C  N N 62  
ASP CG   C  N N 63  
ASP OD1  O  N N 64  
ASP OD2  O  N N 65  
ASP OXT  O  N N 66  
ASP H    H  N N 67  
ASP H2   H  N N 68  
ASP HA   H  N N 69  
ASP HB2  H  N N 70  
ASP HB3  H  N N 71  
ASP HD2  H  N N 72  
ASP HXT  H  N N 73  
GLN N    N  N N 74  
GLN CA   C  N S 75  
GLN C    C  N N 76  
GLN O    O  N N 77  
GLN CB   C  N N 78  
GLN CG   C  N N 79  
GLN CD   C  N N 80  
GLN OE1  O  N N 81  
GLN NE2  N  N N 82  
GLN OXT  O  N N 83  
GLN H    H  N N 84  
GLN H2   H  N N 85  
GLN HA   H  N N 86  
GLN HB2  H  N N 87  
GLN HB3  H  N N 88  
GLN HG2  H  N N 89  
GLN HG3  H  N N 90  
GLN HE21 H  N N 91  
GLN HE22 H  N N 92  
GLN HXT  H  N N 93  
GLU N    N  N N 94  
GLU CA   C  N S 95  
GLU C    C  N N 96  
GLU O    O  N N 97  
GLU CB   C  N N 98  
GLU CG   C  N N 99  
GLU CD   C  N N 100 
GLU OE1  O  N N 101 
GLU OE2  O  N N 102 
GLU OXT  O  N N 103 
GLU H    H  N N 104 
GLU H2   H  N N 105 
GLU HA   H  N N 106 
GLU HB2  H  N N 107 
GLU HB3  H  N N 108 
GLU HG2  H  N N 109 
GLU HG3  H  N N 110 
GLU HE2  H  N N 111 
GLU HXT  H  N N 112 
GLY N    N  N N 113 
GLY CA   C  N N 114 
GLY C    C  N N 115 
GLY O    O  N N 116 
GLY OXT  O  N N 117 
GLY H    H  N N 118 
GLY H2   H  N N 119 
GLY HA2  H  N N 120 
GLY HA3  H  N N 121 
GLY HXT  H  N N 122 
HIS N    N  N N 123 
HIS CA   C  N S 124 
HIS C    C  N N 125 
HIS O    O  N N 126 
HIS CB   C  N N 127 
HIS CG   C  Y N 128 
HIS ND1  N  Y N 129 
HIS CD2  C  Y N 130 
HIS CE1  C  Y N 131 
HIS NE2  N  Y N 132 
HIS OXT  O  N N 133 
HIS H    H  N N 134 
HIS H2   H  N N 135 
HIS HA   H  N N 136 
HIS HB2  H  N N 137 
HIS HB3  H  N N 138 
HIS HD1  H  N N 139 
HIS HD2  H  N N 140 
HIS HE1  H  N N 141 
HIS HE2  H  N N 142 
HIS HXT  H  N N 143 
HOH O    O  N N 144 
HOH H1   H  N N 145 
HOH H2   H  N N 146 
ILE N    N  N N 147 
ILE CA   C  N S 148 
ILE C    C  N N 149 
ILE O    O  N N 150 
ILE CB   C  N S 151 
ILE CG1  C  N N 152 
ILE CG2  C  N N 153 
ILE CD1  C  N N 154 
ILE OXT  O  N N 155 
ILE H    H  N N 156 
ILE H2   H  N N 157 
ILE HA   H  N N 158 
ILE HB   H  N N 159 
ILE HG12 H  N N 160 
ILE HG13 H  N N 161 
ILE HG21 H  N N 162 
ILE HG22 H  N N 163 
ILE HG23 H  N N 164 
ILE HD11 H  N N 165 
ILE HD12 H  N N 166 
ILE HD13 H  N N 167 
ILE HXT  H  N N 168 
LEU N    N  N N 169 
LEU CA   C  N S 170 
LEU C    C  N N 171 
LEU O    O  N N 172 
LEU CB   C  N N 173 
LEU CG   C  N N 174 
LEU CD1  C  N N 175 
LEU CD2  C  N N 176 
LEU OXT  O  N N 177 
LEU H    H  N N 178 
LEU H2   H  N N 179 
LEU HA   H  N N 180 
LEU HB2  H  N N 181 
LEU HB3  H  N N 182 
LEU HG   H  N N 183 
LEU HD11 H  N N 184 
LEU HD12 H  N N 185 
LEU HD13 H  N N 186 
LEU HD21 H  N N 187 
LEU HD22 H  N N 188 
LEU HD23 H  N N 189 
LEU HXT  H  N N 190 
LYS N    N  N N 191 
LYS CA   C  N S 192 
LYS C    C  N N 193 
LYS O    O  N N 194 
LYS CB   C  N N 195 
LYS CG   C  N N 196 
LYS CD   C  N N 197 
LYS CE   C  N N 198 
LYS NZ   N  N N 199 
LYS OXT  O  N N 200 
LYS H    H  N N 201 
LYS H2   H  N N 202 
LYS HA   H  N N 203 
LYS HB2  H  N N 204 
LYS HB3  H  N N 205 
LYS HG2  H  N N 206 
LYS HG3  H  N N 207 
LYS HD2  H  N N 208 
LYS HD3  H  N N 209 
LYS HE2  H  N N 210 
LYS HE3  H  N N 211 
LYS HZ1  H  N N 212 
LYS HZ2  H  N N 213 
LYS HZ3  H  N N 214 
LYS HXT  H  N N 215 
MET N    N  N N 216 
MET CA   C  N S 217 
MET C    C  N N 218 
MET O    O  N N 219 
MET CB   C  N N 220 
MET CG   C  N N 221 
MET SD   S  N N 222 
MET CE   C  N N 223 
MET OXT  O  N N 224 
MET H    H  N N 225 
MET H2   H  N N 226 
MET HA   H  N N 227 
MET HB2  H  N N 228 
MET HB3  H  N N 229 
MET HG2  H  N N 230 
MET HG3  H  N N 231 
MET HE1  H  N N 232 
MET HE2  H  N N 233 
MET HE3  H  N N 234 
MET HXT  H  N N 235 
MSE N    N  N N 236 
MSE CA   C  N S 237 
MSE C    C  N N 238 
MSE O    O  N N 239 
MSE OXT  O  N N 240 
MSE CB   C  N N 241 
MSE CG   C  N N 242 
MSE SE   SE N N 243 
MSE CE   C  N N 244 
MSE H    H  N N 245 
MSE H2   H  N N 246 
MSE HA   H  N N 247 
MSE HXT  H  N N 248 
MSE HB2  H  N N 249 
MSE HB3  H  N N 250 
MSE HG2  H  N N 251 
MSE HG3  H  N N 252 
MSE HE1  H  N N 253 
MSE HE2  H  N N 254 
MSE HE3  H  N N 255 
PHE N    N  N N 256 
PHE CA   C  N S 257 
PHE C    C  N N 258 
PHE O    O  N N 259 
PHE CB   C  N N 260 
PHE CG   C  Y N 261 
PHE CD1  C  Y N 262 
PHE CD2  C  Y N 263 
PHE CE1  C  Y N 264 
PHE CE2  C  Y N 265 
PHE CZ   C  Y N 266 
PHE OXT  O  N N 267 
PHE H    H  N N 268 
PHE H2   H  N N 269 
PHE HA   H  N N 270 
PHE HB2  H  N N 271 
PHE HB3  H  N N 272 
PHE HD1  H  N N 273 
PHE HD2  H  N N 274 
PHE HE1  H  N N 275 
PHE HE2  H  N N 276 
PHE HZ   H  N N 277 
PHE HXT  H  N N 278 
PRO N    N  N N 279 
PRO CA   C  N S 280 
PRO C    C  N N 281 
PRO O    O  N N 282 
PRO CB   C  N N 283 
PRO CG   C  N N 284 
PRO CD   C  N N 285 
PRO OXT  O  N N 286 
PRO H    H  N N 287 
PRO HA   H  N N 288 
PRO HB2  H  N N 289 
PRO HB3  H  N N 290 
PRO HG2  H  N N 291 
PRO HG3  H  N N 292 
PRO HD2  H  N N 293 
PRO HD3  H  N N 294 
PRO HXT  H  N N 295 
SER N    N  N N 296 
SER CA   C  N S 297 
SER C    C  N N 298 
SER O    O  N N 299 
SER CB   C  N N 300 
SER OG   O  N N 301 
SER OXT  O  N N 302 
SER H    H  N N 303 
SER H2   H  N N 304 
SER HA   H  N N 305 
SER HB2  H  N N 306 
SER HB3  H  N N 307 
SER HG   H  N N 308 
SER HXT  H  N N 309 
THR N    N  N N 310 
THR CA   C  N S 311 
THR C    C  N N 312 
THR O    O  N N 313 
THR CB   C  N R 314 
THR OG1  O  N N 315 
THR CG2  C  N N 316 
THR OXT  O  N N 317 
THR H    H  N N 318 
THR H2   H  N N 319 
THR HA   H  N N 320 
THR HB   H  N N 321 
THR HG1  H  N N 322 
THR HG21 H  N N 323 
THR HG22 H  N N 324 
THR HG23 H  N N 325 
THR HXT  H  N N 326 
TRP N    N  N N 327 
TRP CA   C  N S 328 
TRP C    C  N N 329 
TRP O    O  N N 330 
TRP CB   C  N N 331 
TRP CG   C  Y N 332 
TRP CD1  C  Y N 333 
TRP CD2  C  Y N 334 
TRP NE1  N  Y N 335 
TRP CE2  C  Y N 336 
TRP CE3  C  Y N 337 
TRP CZ2  C  Y N 338 
TRP CZ3  C  Y N 339 
TRP CH2  C  Y N 340 
TRP OXT  O  N N 341 
TRP H    H  N N 342 
TRP H2   H  N N 343 
TRP HA   H  N N 344 
TRP HB2  H  N N 345 
TRP HB3  H  N N 346 
TRP HD1  H  N N 347 
TRP HE1  H  N N 348 
TRP HE3  H  N N 349 
TRP HZ2  H  N N 350 
TRP HZ3  H  N N 351 
TRP HH2  H  N N 352 
TRP HXT  H  N N 353 
TYR N    N  N N 354 
TYR CA   C  N S 355 
TYR C    C  N N 356 
TYR O    O  N N 357 
TYR CB   C  N N 358 
TYR CG   C  Y N 359 
TYR CD1  C  Y N 360 
TYR CD2  C  Y N 361 
TYR CE1  C  Y N 362 
TYR CE2  C  Y N 363 
TYR CZ   C  Y N 364 
TYR OH   O  N N 365 
TYR OXT  O  N N 366 
TYR H    H  N N 367 
TYR H2   H  N N 368 
TYR HA   H  N N 369 
TYR HB2  H  N N 370 
TYR HB3  H  N N 371 
TYR HD1  H  N N 372 
TYR HD2  H  N N 373 
TYR HE1  H  N N 374 
TYR HE2  H  N N 375 
TYR HH   H  N N 376 
TYR HXT  H  N N 377 
VAL N    N  N N 378 
VAL CA   C  N S 379 
VAL C    C  N N 380 
VAL O    O  N N 381 
VAL CB   C  N N 382 
VAL CG1  C  N N 383 
VAL CG2  C  N N 384 
VAL OXT  O  N N 385 
VAL H    H  N N 386 
VAL H2   H  N N 387 
VAL HA   H  N N 388 
VAL HB   H  N N 389 
VAL HG11 H  N N 390 
VAL HG12 H  N N 391 
VAL HG13 H  N N 392 
VAL HG21 H  N N 393 
VAL HG22 H  N N 394 
VAL HG23 H  N N 395 
VAL HXT  H  N N 396 
# 
loop_
_chem_comp_bond.comp_id 
_chem_comp_bond.atom_id_1 
_chem_comp_bond.atom_id_2 
_chem_comp_bond.value_order 
_chem_comp_bond.pdbx_aromatic_flag 
_chem_comp_bond.pdbx_stereo_config 
_chem_comp_bond.pdbx_ordinal 
ALA N   CA   sing N N 1   
ALA N   H    sing N N 2   
ALA N   H2   sing N N 3   
ALA CA  C    sing N N 4   
ALA CA  CB   sing N N 5   
ALA CA  HA   sing N N 6   
ALA C   O    doub N N 7   
ALA C   OXT  sing N N 8   
ALA CB  HB1  sing N N 9   
ALA CB  HB2  sing N N 10  
ALA CB  HB3  sing N N 11  
ALA OXT HXT  sing N N 12  
ARG N   CA   sing N N 13  
ARG N   H    sing N N 14  
ARG N   H2   sing N N 15  
ARG CA  C    sing N N 16  
ARG CA  CB   sing N N 17  
ARG CA  HA   sing N N 18  
ARG C   O    doub N N 19  
ARG C   OXT  sing N N 20  
ARG CB  CG   sing N N 21  
ARG CB  HB2  sing N N 22  
ARG CB  HB3  sing N N 23  
ARG CG  CD   sing N N 24  
ARG CG  HG2  sing N N 25  
ARG CG  HG3  sing N N 26  
ARG CD  NE   sing N N 27  
ARG CD  HD2  sing N N 28  
ARG CD  HD3  sing N N 29  
ARG NE  CZ   sing N N 30  
ARG NE  HE   sing N N 31  
ARG CZ  NH1  sing N N 32  
ARG CZ  NH2  doub N N 33  
ARG NH1 HH11 sing N N 34  
ARG NH1 HH12 sing N N 35  
ARG NH2 HH21 sing N N 36  
ARG NH2 HH22 sing N N 37  
ARG OXT HXT  sing N N 38  
ASN N   CA   sing N N 39  
ASN N   H    sing N N 40  
ASN N   H2   sing N N 41  
ASN CA  C    sing N N 42  
ASN CA  CB   sing N N 43  
ASN CA  HA   sing N N 44  
ASN C   O    doub N N 45  
ASN C   OXT  sing N N 46  
ASN CB  CG   sing N N 47  
ASN CB  HB2  sing N N 48  
ASN CB  HB3  sing N N 49  
ASN CG  OD1  doub N N 50  
ASN CG  ND2  sing N N 51  
ASN ND2 HD21 sing N N 52  
ASN ND2 HD22 sing N N 53  
ASN OXT HXT  sing N N 54  
ASP N   CA   sing N N 55  
ASP N   H    sing N N 56  
ASP N   H2   sing N N 57  
ASP CA  C    sing N N 58  
ASP CA  CB   sing N N 59  
ASP CA  HA   sing N N 60  
ASP C   O    doub N N 61  
ASP C   OXT  sing N N 62  
ASP CB  CG   sing N N 63  
ASP CB  HB2  sing N N 64  
ASP CB  HB3  sing N N 65  
ASP CG  OD1  doub N N 66  
ASP CG  OD2  sing N N 67  
ASP OD2 HD2  sing N N 68  
ASP OXT HXT  sing N N 69  
GLN N   CA   sing N N 70  
GLN N   H    sing N N 71  
GLN N   H2   sing N N 72  
GLN CA  C    sing N N 73  
GLN CA  CB   sing N N 74  
GLN CA  HA   sing N N 75  
GLN C   O    doub N N 76  
GLN C   OXT  sing N N 77  
GLN CB  CG   sing N N 78  
GLN CB  HB2  sing N N 79  
GLN CB  HB3  sing N N 80  
GLN CG  CD   sing N N 81  
GLN CG  HG2  sing N N 82  
GLN CG  HG3  sing N N 83  
GLN CD  OE1  doub N N 84  
GLN CD  NE2  sing N N 85  
GLN NE2 HE21 sing N N 86  
GLN NE2 HE22 sing N N 87  
GLN OXT HXT  sing N N 88  
GLU N   CA   sing N N 89  
GLU N   H    sing N N 90  
GLU N   H2   sing N N 91  
GLU CA  C    sing N N 92  
GLU CA  CB   sing N N 93  
GLU CA  HA   sing N N 94  
GLU C   O    doub N N 95  
GLU C   OXT  sing N N 96  
GLU CB  CG   sing N N 97  
GLU CB  HB2  sing N N 98  
GLU CB  HB3  sing N N 99  
GLU CG  CD   sing N N 100 
GLU CG  HG2  sing N N 101 
GLU CG  HG3  sing N N 102 
GLU CD  OE1  doub N N 103 
GLU CD  OE2  sing N N 104 
GLU OE2 HE2  sing N N 105 
GLU OXT HXT  sing N N 106 
GLY N   CA   sing N N 107 
GLY N   H    sing N N 108 
GLY N   H2   sing N N 109 
GLY CA  C    sing N N 110 
GLY CA  HA2  sing N N 111 
GLY CA  HA3  sing N N 112 
GLY C   O    doub N N 113 
GLY C   OXT  sing N N 114 
GLY OXT HXT  sing N N 115 
HIS N   CA   sing N N 116 
HIS N   H    sing N N 117 
HIS N   H2   sing N N 118 
HIS CA  C    sing N N 119 
HIS CA  CB   sing N N 120 
HIS CA  HA   sing N N 121 
HIS C   O    doub N N 122 
HIS C   OXT  sing N N 123 
HIS CB  CG   sing N N 124 
HIS CB  HB2  sing N N 125 
HIS CB  HB3  sing N N 126 
HIS CG  ND1  sing Y N 127 
HIS CG  CD2  doub Y N 128 
HIS ND1 CE1  doub Y N 129 
HIS ND1 HD1  sing N N 130 
HIS CD2 NE2  sing Y N 131 
HIS CD2 HD2  sing N N 132 
HIS CE1 NE2  sing Y N 133 
HIS CE1 HE1  sing N N 134 
HIS NE2 HE2  sing N N 135 
HIS OXT HXT  sing N N 136 
HOH O   H1   sing N N 137 
HOH O   H2   sing N N 138 
ILE N   CA   sing N N 139 
ILE N   H    sing N N 140 
ILE N   H2   sing N N 141 
ILE CA  C    sing N N 142 
ILE CA  CB   sing N N 143 
ILE CA  HA   sing N N 144 
ILE C   O    doub N N 145 
ILE C   OXT  sing N N 146 
ILE CB  CG1  sing N N 147 
ILE CB  CG2  sing N N 148 
ILE CB  HB   sing N N 149 
ILE CG1 CD1  sing N N 150 
ILE CG1 HG12 sing N N 151 
ILE CG1 HG13 sing N N 152 
ILE CG2 HG21 sing N N 153 
ILE CG2 HG22 sing N N 154 
ILE CG2 HG23 sing N N 155 
ILE CD1 HD11 sing N N 156 
ILE CD1 HD12 sing N N 157 
ILE CD1 HD13 sing N N 158 
ILE OXT HXT  sing N N 159 
LEU N   CA   sing N N 160 
LEU N   H    sing N N 161 
LEU N   H2   sing N N 162 
LEU CA  C    sing N N 163 
LEU CA  CB   sing N N 164 
LEU CA  HA   sing N N 165 
LEU C   O    doub N N 166 
LEU C   OXT  sing N N 167 
LEU CB  CG   sing N N 168 
LEU CB  HB2  sing N N 169 
LEU CB  HB3  sing N N 170 
LEU CG  CD1  sing N N 171 
LEU CG  CD2  sing N N 172 
LEU CG  HG   sing N N 173 
LEU CD1 HD11 sing N N 174 
LEU CD1 HD12 sing N N 175 
LEU CD1 HD13 sing N N 176 
LEU CD2 HD21 sing N N 177 
LEU CD2 HD22 sing N N 178 
LEU CD2 HD23 sing N N 179 
LEU OXT HXT  sing N N 180 
LYS N   CA   sing N N 181 
LYS N   H    sing N N 182 
LYS N   H2   sing N N 183 
LYS CA  C    sing N N 184 
LYS CA  CB   sing N N 185 
LYS CA  HA   sing N N 186 
LYS C   O    doub N N 187 
LYS C   OXT  sing N N 188 
LYS CB  CG   sing N N 189 
LYS CB  HB2  sing N N 190 
LYS CB  HB3  sing N N 191 
LYS CG  CD   sing N N 192 
LYS CG  HG2  sing N N 193 
LYS CG  HG3  sing N N 194 
LYS CD  CE   sing N N 195 
LYS CD  HD2  sing N N 196 
LYS CD  HD3  sing N N 197 
LYS CE  NZ   sing N N 198 
LYS CE  HE2  sing N N 199 
LYS CE  HE3  sing N N 200 
LYS NZ  HZ1  sing N N 201 
LYS NZ  HZ2  sing N N 202 
LYS NZ  HZ3  sing N N 203 
LYS OXT HXT  sing N N 204 
MET N   CA   sing N N 205 
MET N   H    sing N N 206 
MET N   H2   sing N N 207 
MET CA  C    sing N N 208 
MET CA  CB   sing N N 209 
MET CA  HA   sing N N 210 
MET C   O    doub N N 211 
MET C   OXT  sing N N 212 
MET CB  CG   sing N N 213 
MET CB  HB2  sing N N 214 
MET CB  HB3  sing N N 215 
MET CG  SD   sing N N 216 
MET CG  HG2  sing N N 217 
MET CG  HG3  sing N N 218 
MET SD  CE   sing N N 219 
MET CE  HE1  sing N N 220 
MET CE  HE2  sing N N 221 
MET CE  HE3  sing N N 222 
MET OXT HXT  sing N N 223 
MSE N   CA   sing N N 224 
MSE N   H    sing N N 225 
MSE N   H2   sing N N 226 
MSE CA  C    sing N N 227 
MSE CA  CB   sing N N 228 
MSE CA  HA   sing N N 229 
MSE C   O    doub N N 230 
MSE C   OXT  sing N N 231 
MSE OXT HXT  sing N N 232 
MSE CB  CG   sing N N 233 
MSE CB  HB2  sing N N 234 
MSE CB  HB3  sing N N 235 
MSE CG  SE   sing N N 236 
MSE CG  HG2  sing N N 237 
MSE CG  HG3  sing N N 238 
MSE SE  CE   sing N N 239 
MSE CE  HE1  sing N N 240 
MSE CE  HE2  sing N N 241 
MSE CE  HE3  sing N N 242 
PHE N   CA   sing N N 243 
PHE N   H    sing N N 244 
PHE N   H2   sing N N 245 
PHE CA  C    sing N N 246 
PHE CA  CB   sing N N 247 
PHE CA  HA   sing N N 248 
PHE C   O    doub N N 249 
PHE C   OXT  sing N N 250 
PHE CB  CG   sing N N 251 
PHE CB  HB2  sing N N 252 
PHE CB  HB3  sing N N 253 
PHE CG  CD1  doub Y N 254 
PHE CG  CD2  sing Y N 255 
PHE CD1 CE1  sing Y N 256 
PHE CD1 HD1  sing N N 257 
PHE CD2 CE2  doub Y N 258 
PHE CD2 HD2  sing N N 259 
PHE CE1 CZ   doub Y N 260 
PHE CE1 HE1  sing N N 261 
PHE CE2 CZ   sing Y N 262 
PHE CE2 HE2  sing N N 263 
PHE CZ  HZ   sing N N 264 
PHE OXT HXT  sing N N 265 
PRO N   CA   sing N N 266 
PRO N   CD   sing N N 267 
PRO N   H    sing N N 268 
PRO CA  C    sing N N 269 
PRO CA  CB   sing N N 270 
PRO CA  HA   sing N N 271 
PRO C   O    doub N N 272 
PRO C   OXT  sing N N 273 
PRO CB  CG   sing N N 274 
PRO CB  HB2  sing N N 275 
PRO CB  HB3  sing N N 276 
PRO CG  CD   sing N N 277 
PRO CG  HG2  sing N N 278 
PRO CG  HG3  sing N N 279 
PRO CD  HD2  sing N N 280 
PRO CD  HD3  sing N N 281 
PRO OXT HXT  sing N N 282 
SER N   CA   sing N N 283 
SER N   H    sing N N 284 
SER N   H2   sing N N 285 
SER CA  C    sing N N 286 
SER CA  CB   sing N N 287 
SER CA  HA   sing N N 288 
SER C   O    doub N N 289 
SER C   OXT  sing N N 290 
SER CB  OG   sing N N 291 
SER CB  HB2  sing N N 292 
SER CB  HB3  sing N N 293 
SER OG  HG   sing N N 294 
SER OXT HXT  sing N N 295 
THR N   CA   sing N N 296 
THR N   H    sing N N 297 
THR N   H2   sing N N 298 
THR CA  C    sing N N 299 
THR CA  CB   sing N N 300 
THR CA  HA   sing N N 301 
THR C   O    doub N N 302 
THR C   OXT  sing N N 303 
THR CB  OG1  sing N N 304 
THR CB  CG2  sing N N 305 
THR CB  HB   sing N N 306 
THR OG1 HG1  sing N N 307 
THR CG2 HG21 sing N N 308 
THR CG2 HG22 sing N N 309 
THR CG2 HG23 sing N N 310 
THR OXT HXT  sing N N 311 
TRP N   CA   sing N N 312 
TRP N   H    sing N N 313 
TRP N   H2   sing N N 314 
TRP CA  C    sing N N 315 
TRP CA  CB   sing N N 316 
TRP CA  HA   sing N N 317 
TRP C   O    doub N N 318 
TRP C   OXT  sing N N 319 
TRP CB  CG   sing N N 320 
TRP CB  HB2  sing N N 321 
TRP CB  HB3  sing N N 322 
TRP CG  CD1  doub Y N 323 
TRP CG  CD2  sing Y N 324 
TRP CD1 NE1  sing Y N 325 
TRP CD1 HD1  sing N N 326 
TRP CD2 CE2  doub Y N 327 
TRP CD2 CE3  sing Y N 328 
TRP NE1 CE2  sing Y N 329 
TRP NE1 HE1  sing N N 330 
TRP CE2 CZ2  sing Y N 331 
TRP CE3 CZ3  doub Y N 332 
TRP CE3 HE3  sing N N 333 
TRP CZ2 CH2  doub Y N 334 
TRP CZ2 HZ2  sing N N 335 
TRP CZ3 CH2  sing Y N 336 
TRP CZ3 HZ3  sing N N 337 
TRP CH2 HH2  sing N N 338 
TRP OXT HXT  sing N N 339 
TYR N   CA   sing N N 340 
TYR N   H    sing N N 341 
TYR N   H2   sing N N 342 
TYR CA  C    sing N N 343 
TYR CA  CB   sing N N 344 
TYR CA  HA   sing N N 345 
TYR C   O    doub N N 346 
TYR C   OXT  sing N N 347 
TYR CB  CG   sing N N 348 
TYR CB  HB2  sing N N 349 
TYR CB  HB3  sing N N 350 
TYR CG  CD1  doub Y N 351 
TYR CG  CD2  sing Y N 352 
TYR CD1 CE1  sing Y N 353 
TYR CD1 HD1  sing N N 354 
TYR CD2 CE2  doub Y N 355 
TYR CD2 HD2  sing N N 356 
TYR CE1 CZ   doub Y N 357 
TYR CE1 HE1  sing N N 358 
TYR CE2 CZ   sing Y N 359 
TYR CE2 HE2  sing N N 360 
TYR CZ  OH   sing N N 361 
TYR OH  HH   sing N N 362 
TYR OXT HXT  sing N N 363 
VAL N   CA   sing N N 364 
VAL N   H    sing N N 365 
VAL N   H2   sing N N 366 
VAL CA  C    sing N N 367 
VAL CA  CB   sing N N 368 
VAL CA  HA   sing N N 369 
VAL C   O    doub N N 370 
VAL C   OXT  sing N N 371 
VAL CB  CG1  sing N N 372 
VAL CB  CG2  sing N N 373 
VAL CB  HB   sing N N 374 
VAL CG1 HG11 sing N N 375 
VAL CG1 HG12 sing N N 376 
VAL CG1 HG13 sing N N 377 
VAL CG2 HG21 sing N N 378 
VAL CG2 HG22 sing N N 379 
VAL CG2 HG23 sing N N 380 
VAL OXT HXT  sing N N 381 
# 
_atom_sites.entry_id                    2OF7 
_atom_sites.fract_transf_matrix[1][1]   0.01208910 
_atom_sites.fract_transf_matrix[1][2]   -0.00689708 
_atom_sites.fract_transf_matrix[1][3]   0.00084425 
_atom_sites.fract_transf_matrix[2][1]   -0.00671781 
_atom_sites.fract_transf_matrix[2][2]   -0.01133760 
_atom_sites.fract_transf_matrix[2][3]   0.00357233 
_atom_sites.fract_transf_matrix[3][1]   0.00396060 
_atom_sites.fract_transf_matrix[3][2]   -0.00853581 
_atom_sites.fract_transf_matrix[3][3]   -0.01964235 
_atom_sites.fract_transf_vector[1]      0.360062 
_atom_sites.fract_transf_vector[2]      0.520069 
_atom_sites.fract_transf_vector[3]      0.253881 
# 
loop_
_atom_type.symbol 
C  
N  
O  
SE 
# 
loop_
_atom_site.group_PDB 
_atom_site.id 
_atom_site.type_symbol 
_atom_site.label_atom_id 
_atom_site.label_alt_id 
_atom_site.label_comp_id 
_atom_site.label_asym_id 
_atom_site.label_entity_id 
_atom_site.label_seq_id 
_atom_site.pdbx_PDB_ins_code 
_atom_site.Cartn_x 
_atom_site.Cartn_y 
_atom_site.Cartn_z 
_atom_site.occupancy 
_atom_site.B_iso_or_equiv 
_atom_site.pdbx_formal_charge 
_atom_site.auth_seq_id 
_atom_site.auth_comp_id 
_atom_site.auth_asym_id 
_atom_site.auth_atom_id 
_atom_site.pdbx_PDB_model_num 
ATOM   1    N  N   . GLY A 1 40  ? -29.049 -4.197  -5.436  1.00 90.26 ? 17  GLY A N   1 
ATOM   2    C  CA  . GLY A 1 40  ? -28.850 -2.866  -6.090  1.00 90.65 ? 17  GLY A CA  1 
ATOM   3    C  C   . GLY A 1 40  ? -28.408 -1.730  -5.182  1.00 90.69 ? 17  GLY A C   1 
ATOM   4    O  O   . GLY A 1 40  ? -27.949 -0.685  -5.660  1.00 91.21 ? 17  GLY A O   1 
ATOM   5    N  N   . LEU A 1 41  ? -28.616 -1.910  -3.879  1.00 90.54 ? 18  LEU A N   1 
ATOM   6    C  CA  . LEU A 1 41  ? -27.804 -1.275  -2.854  1.00 90.18 ? 18  LEU A CA  1 
ATOM   7    C  C   . LEU A 1 41  ? -26.911 -2.434  -2.452  1.00 89.86 ? 18  LEU A C   1 
ATOM   8    O  O   . LEU A 1 41  ? -26.832 -2.826  -1.281  1.00 89.71 ? 18  LEU A O   1 
ATOM   9    C  CB  . LEU A 1 41  ? -28.664 -0.769  -1.693  1.00 90.30 ? 18  LEU A CB  1 
ATOM   10   C  CG  . LEU A 1 41  ? -28.204 0.452   -0.860  1.00 91.45 ? 18  LEU A CG  1 
ATOM   11   C  CD1 . LEU A 1 41  ? -27.625 1.633   -1.710  1.00 89.59 ? 18  LEU A CD1 1 
ATOM   12   C  CD2 . LEU A 1 41  ? -29.349 0.929   0.074   1.00 90.24 ? 18  LEU A CD2 1 
ATOM   13   N  N   . ARG A 1 42  ? -26.277 -2.999  -3.483  1.00 89.51 ? 19  ARG A N   1 
ATOM   14   C  CA  . ARG A 1 42  ? -25.479 -4.215  -3.394  1.00 89.24 ? 19  ARG A CA  1 
ATOM   15   C  C   . ARG A 1 42  ? -24.023 -3.859  -3.610  1.00 88.63 ? 19  ARG A C   1 
ATOM   16   O  O   . ARG A 1 42  ? -23.120 -4.595  -3.216  1.00 88.71 ? 19  ARG A O   1 
ATOM   17   C  CB  . ARG A 1 42  ? -25.910 -5.236  -4.452  1.00 89.21 ? 19  ARG A CB  1 
ATOM   18   C  CG  . ARG A 1 42  ? -25.548 -6.649  -4.071  1.00 90.44 ? 19  ARG A CG  1 
ATOM   19   C  CD  . ARG A 1 42  ? -25.079 -7.439  -5.261  1.00 92.34 ? 19  ARG A CD  1 
ATOM   20   N  NE  . ARG A 1 42  ? -24.006 -8.363  -4.883  1.00 94.84 ? 19  ARG A NE  1 
ATOM   21   C  CZ  . ARG A 1 42  ? -22.701 -8.064  -4.882  1.00 95.98 ? 19  ARG A CZ  1 
ATOM   22   N  NH1 . ARG A 1 42  ? -21.798 -8.983  -4.529  1.00 95.12 ? 19  ARG A NH1 1 
ATOM   23   N  NH2 . ARG A 1 42  ? -22.287 -6.854  -5.240  1.00 96.27 ? 19  ARG A NH2 1 
ATOM   24   N  N   . GLU A 1 43  ? -23.798 -2.725  -4.257  1.00 87.90 ? 20  GLU A N   1 
ATOM   25   C  CA  . GLU A 1 43  ? -22.447 -2.244  -4.424  1.00 86.92 ? 20  GLU A CA  1 
ATOM   26   C  C   . GLU A 1 43  ? -22.021 -1.574  -3.123  1.00 85.54 ? 20  GLU A C   1 
ATOM   27   O  O   . GLU A 1 43  ? -20.823 -1.397  -2.891  1.00 85.58 ? 20  GLU A O   1 
ATOM   28   C  CB  . GLU A 1 43  ? -22.319 -1.283  -5.619  1.00 87.45 ? 20  GLU A CB  1 
ATOM   29   C  CG  . GLU A 1 43  ? -21.202 -1.652  -6.608  1.00 88.78 ? 20  GLU A CG  1 
ATOM   30   C  CD  . GLU A 1 43  ? -19.972 -2.278  -5.943  1.00 90.89 ? 20  GLU A CD  1 
ATOM   31   O  OE1 . GLU A 1 43  ? -19.150 -1.521  -5.381  1.00 92.01 ? 20  GLU A OE1 1 
ATOM   32   O  OE2 . GLU A 1 43  ? -19.821 -3.528  -5.994  1.00 91.01 ? 20  GLU A OE2 1 
ATOM   33   N  N   . ARG A 1 44  ? -22.983 -1.220  -2.265  1.00 83.51 ? 21  ARG A N   1 
ATOM   34   C  CA  . ARG A 1 44  ? -22.604 -0.732  -0.933  1.00 81.24 ? 21  ARG A CA  1 
ATOM   35   C  C   . ARG A 1 44  ? -22.929 -1.581  0.309   1.00 79.08 ? 21  ARG A C   1 
ATOM   36   O  O   . ARG A 1 44  ? -22.464 -1.229  1.410   1.00 79.34 ? 21  ARG A O   1 
ATOM   37   C  CB  . ARG A 1 44  ? -22.920 0.753   -0.710  1.00 81.83 ? 21  ARG A CB  1 
ATOM   38   C  CG  . ARG A 1 44  ? -21.656 1.478   -0.176  1.00 82.96 ? 21  ARG A CG  1 
ATOM   39   C  CD  . ARG A 1 44  ? -21.923 2.688   0.682   1.00 84.98 ? 21  ARG A CD  1 
ATOM   40   N  NE  . ARG A 1 44  ? -22.399 2.309   2.010   1.00 87.72 ? 21  ARG A NE  1 
ATOM   41   C  CZ  . ARG A 1 44  ? -23.575 2.666   2.535   1.00 90.00 ? 21  ARG A CZ  1 
ATOM   42   N  NH1 . ARG A 1 44  ? -23.895 2.239   3.756   1.00 89.75 ? 21  ARG A NH1 1 
ATOM   43   N  NH2 . ARG A 1 44  ? -24.431 3.445   1.855   1.00 89.64 ? 21  ARG A NH2 1 
ATOM   44   N  N   . LYS A 1 45  ? -23.668 -2.687  0.187   1.00 75.61 ? 22  LYS A N   1 
ATOM   45   C  CA  . LYS A 1 45  ? -23.532 -3.665  1.266   1.00 72.86 ? 22  LYS A CA  1 
ATOM   46   C  C   . LYS A 1 45  ? -22.162 -4.290  1.062   1.00 70.98 ? 22  LYS A C   1 
ATOM   47   O  O   . LYS A 1 45  ? -21.450 -4.503  2.019   1.00 70.31 ? 22  LYS A O   1 
ATOM   48   C  CB  . LYS A 1 45  ? -24.662 -4.711  1.361   1.00 72.96 ? 22  LYS A CB  1 
ATOM   49   C  CG  . LYS A 1 45  ? -24.369 -6.155  0.848   1.00 71.89 ? 22  LYS A CG  1 
ATOM   50   C  CD  . LYS A 1 45  ? -23.631 -7.101  1.858   1.00 70.52 ? 22  LYS A CD  1 
ATOM   51   C  CE  . LYS A 1 45  ? -23.038 -8.322  1.080   1.00 71.72 ? 22  LYS A CE  1 
ATOM   52   N  NZ  . LYS A 1 45  ? -22.249 -9.359  1.825   1.00 67.35 ? 22  LYS A NZ  1 
ATOM   53   N  N   . LYS A 1 46  ? -21.809 -4.544  -0.199  1.00 69.21 ? 23  LYS A N   1 
ATOM   54   C  CA  . LYS A 1 46  ? -20.499 -5.073  -0.595  1.00 67.87 ? 23  LYS A CA  1 
ATOM   55   C  C   . LYS A 1 46  ? -19.327 -4.301  0.057   1.00 66.85 ? 23  LYS A C   1 
ATOM   56   O  O   . LYS A 1 46  ? -18.531 -4.887  0.791   1.00 65.42 ? 23  LYS A O   1 
ATOM   57   C  CB  . LYS A 1 46  ? -20.371 -5.144  -2.131  1.00 67.55 ? 23  LYS A CB  1 
ATOM   58   C  CG  . LYS A 1 46  ? -18.981 -5.578  -2.666  1.00 68.33 ? 23  LYS A CG  1 
ATOM   59   C  CD  . LYS A 1 46  ? -19.108 -6.341  -3.990  1.00 68.08 ? 23  LYS A CD  1 
ATOM   60   C  CE  . LYS A 1 46  ? -18.222 -7.589  -4.004  1.00 69.16 ? 23  LYS A CE  1 
ATOM   61   N  NZ  . LYS A 1 46  ? -18.697 -8.724  -4.886  1.00 70.65 ? 23  LYS A NZ  1 
ATOM   62   N  N   . THR A 1 47  ? -19.249 -2.991  -0.166  1.00 66.37 ? 24  THR A N   1 
ATOM   63   C  CA  . THR A 1 47  ? -18.130 -2.248  0.382   1.00 65.80 ? 24  THR A CA  1 
ATOM   64   C  C   . THR A 1 47  ? -18.211 -2.195  1.894   1.00 64.84 ? 24  THR A C   1 
ATOM   65   O  O   . THR A 1 47  ? -17.233 -2.462  2.565   1.00 65.92 ? 24  THR A O   1 
ATOM   66   C  CB  . THR A 1 47  ? -17.931 -0.854  -0.202  1.00 65.57 ? 24  THR A CB  1 
ATOM   67   O  OG1 . THR A 1 47  ? -18.715 0.085   0.522   1.00 67.04 ? 24  THR A OG1 1 
ATOM   68   C  CG2 . THR A 1 47  ? -18.242 -0.816  -1.717  1.00 66.57 ? 24  THR A CG2 1 
ATOM   69   N  N   . ARG A 1 48  ? -19.368 -1.900  2.443   1.00 63.54 ? 25  ARG A N   1 
ATOM   70   C  CA  . ARG A 1 48  ? -19.496 -1.920  3.893   1.00 62.68 ? 25  ARG A CA  1 
ATOM   71   C  C   . ARG A 1 48  ? -19.078 -3.240  4.537   1.00 61.17 ? 25  ARG A C   1 
ATOM   72   O  O   . ARG A 1 48  ? -18.762 -3.284  5.715   1.00 62.21 ? 25  ARG A O   1 
ATOM   73   C  CB  . ARG A 1 48  ? -20.906 -1.514  4.333   1.00 63.10 ? 25  ARG A CB  1 
ATOM   74   C  CG  . ARG A 1 48  ? -21.154 -0.010  4.210   1.00 66.38 ? 25  ARG A CG  1 
ATOM   75   C  CD  . ARG A 1 48  ? -19.855 0.793   4.575   1.00 71.92 ? 25  ARG A CD  1 
ATOM   76   N  NE  . ARG A 1 48  ? -19.839 2.177   4.079   1.00 73.28 ? 25  ARG A NE  1 
ATOM   77   C  CZ  . ARG A 1 48  ? -20.129 3.247   4.818   1.00 74.80 ? 25  ARG A CZ  1 
ATOM   78   N  NH1 . ARG A 1 48  ? -20.090 4.453   4.267   1.00 74.84 ? 25  ARG A NH1 1 
ATOM   79   N  NH2 . ARG A 1 48  ? -20.466 3.112   6.108   1.00 74.54 ? 25  ARG A NH2 1 
ATOM   80   N  N   . THR A 1 49  ? -19.067 -4.325  3.805   1.00 59.12 ? 26  THR A N   1 
ATOM   81   C  CA  . THR A 1 49  ? -18.698 -5.576  4.454   1.00 58.38 ? 26  THR A CA  1 
ATOM   82   C  C   . THR A 1 49  ? -17.175 -5.815  4.312   1.00 57.65 ? 26  THR A C   1 
ATOM   83   O  O   . THR A 1 49  ? -16.511 -6.278  5.259   1.00 56.75 ? 26  THR A O   1 
ATOM   84   C  CB  . THR A 1 49  ? -19.633 -6.761  4.013   1.00 58.17 ? 26  THR A CB  1 
ATOM   85   O  OG1 . THR A 1 49  ? -19.059 -8.033  4.355   1.00 58.01 ? 26  THR A OG1 1 
ATOM   86   C  CG2 . THR A 1 49  ? -19.860 -6.718  2.566   1.00 58.04 ? 26  THR A CG2 1 
ATOM   87   N  N   . ARG A 1 50  ? -16.654 -5.464  3.133   1.00 56.47 ? 27  ARG A N   1 
ATOM   88   C  CA  . ARG A 1 50  ? -15.235 -5.370  2.863   1.00 56.23 ? 27  ARG A CA  1 
ATOM   89   C  C   . ARG A 1 50  ? -14.545 -4.536  3.945   1.00 54.56 ? 27  ARG A C   1 
ATOM   90   O  O   . ARG A 1 50  ? -13.551 -4.954  4.507   1.00 54.49 ? 27  ARG A O   1 
ATOM   91   C  CB  . ARG A 1 50  ? -15.007 -4.709  1.489   1.00 57.30 ? 27  ARG A CB  1 
ATOM   92   C  CG  . ARG A 1 50  ? -14.946 -5.681  0.337   1.00 61.18 ? 27  ARG A CG  1 
ATOM   93   C  CD  . ARG A 1 50  ? -13.955 -5.213  -0.710  1.00 69.70 ? 27  ARG A CD  1 
ATOM   94   N  NE  . ARG A 1 50  ? -14.599 -4.516  -1.830  1.00 76.98 ? 27  ARG A NE  1 
ATOM   95   C  CZ  . ARG A 1 50  ? -15.331 -5.113  -2.785  1.00 80.56 ? 27  ARG A CZ  1 
ATOM   96   N  NH1 . ARG A 1 50  ? -15.863 -4.387  -3.778  1.00 80.80 ? 27  ARG A NH1 1 
ATOM   97   N  NH2 . ARG A 1 50  ? -15.537 -6.437  -2.756  1.00 80.42 ? 27  ARG A NH2 1 
ATOM   98   N  N   . GLU A 1 51  ? -15.113 -3.376  4.236   1.00 52.64 ? 28  GLU A N   1 
ATOM   99   C  CA  . GLU A 1 51  ? -14.612 -2.458  5.251   1.00 51.28 ? 28  GLU A CA  1 
ATOM   100  C  C   . GLU A 1 51  ? -14.684 -2.956  6.682   1.00 48.48 ? 28  GLU A C   1 
ATOM   101  O  O   . GLU A 1 51  ? -13.803 -2.676  7.466   1.00 49.00 ? 28  GLU A O   1 
ATOM   102  C  CB  . GLU A 1 51  ? -15.276 -1.086  5.106   1.00 50.79 ? 28  GLU A CB  1 
ATOM   103  C  CG  . GLU A 1 51  ? -14.780 -0.330  3.848   1.00 52.00 ? 28  GLU A CG  1 
ATOM   104  C  CD  . GLU A 1 51  ? -15.502 1.043   3.646   1.00 54.04 ? 28  GLU A CD  1 
ATOM   105  O  OE1 . GLU A 1 51  ? -15.063 1.869   2.747   1.00 53.36 ? 28  GLU A OE1 1 
ATOM   106  O  OE2 . GLU A 1 51  ? -16.512 1.255   4.385   1.00 52.35 ? 28  GLU A OE2 1 
ATOM   107  N  N   . ALA A 1 52  ? -15.703 -3.726  7.004   1.00 45.75 ? 29  ALA A N   1 
ATOM   108  C  CA  . ALA A 1 52  ? -15.829 -4.281  8.330   1.00 44.40 ? 29  ALA A CA  1 
ATOM   109  C  C   . ALA A 1 52  ? -14.878 -5.415  8.553   1.00 41.68 ? 29  ALA A C   1 
ATOM   110  O  O   . ALA A 1 52  ? -14.410 -5.596  9.639   1.00 42.25 ? 29  ALA A O   1 
ATOM   111  C  CB  . ALA A 1 52  ? -17.282 -4.725  8.626   1.00 44.93 ? 29  ALA A CB  1 
ATOM   112  N  N   . ILE A 1 53  ? -14.630 -6.194  7.524   1.00 40.56 ? 30  ILE A N   1 
ATOM   113  C  CA  . ILE A 1 53  ? -13.574 -7.218  7.521   1.00 40.03 ? 30  ILE A CA  1 
ATOM   114  C  C   . ILE A 1 53  ? -12.160 -6.605  7.628   1.00 38.81 ? 30  ILE A C   1 
ATOM   115  O  O   . ILE A 1 53  ? -11.331 -7.086  8.371   1.00 38.50 ? 30  ILE A O   1 
ATOM   116  C  CB  . ILE A 1 53  ? -13.674 -8.142  6.271   1.00 39.70 ? 30  ILE A CB  1 
ATOM   117  C  CG1 . ILE A 1 53  ? -15.051 -8.876  6.309   1.00 42.04 ? 30  ILE A CG1 1 
ATOM   118  C  CG2 . ILE A 1 53  ? -12.506 -9.179  6.231   1.00 38.82 ? 30  ILE A CG2 1 
ATOM   119  C  CD1 . ILE A 1 53  ? -15.494 -9.583  4.949   1.00 39.32 ? 30  ILE A CD1 1 
ATOM   120  N  N   . ARG A 1 54  ? -11.931 -5.550  6.888   1.00 39.02 ? 31  ARG A N   1 
ATOM   121  C  CA  . ARG A 1 54  ? -10.703 -4.777  6.955   1.00 41.77 ? 31  ARG A CA  1 
ATOM   122  C  C   . ARG A 1 54  ? -10.453 -4.275  8.369   1.00 41.52 ? 31  ARG A C   1 
ATOM   123  O  O   . ARG A 1 54  ? -9.389  -4.452  8.915   1.00 41.26 ? 31  ARG A O   1 
ATOM   124  C  CB  . ARG A 1 54  ? -10.891 -3.551  6.096   1.00 41.82 ? 31  ARG A CB  1 
ATOM   125  C  CG  . ARG A 1 54  ? -10.096 -3.429  4.865   1.00 45.99 ? 31  ARG A CG  1 
ATOM   126  C  CD  . ARG A 1 54  ? -10.005 -1.919  4.597   1.00 51.55 ? 31  ARG A CD  1 
ATOM   127  N  NE  . ARG A 1 54  ? -8.684  -1.322  4.878   1.00 53.80 ? 31  ARG A NE  1 
ATOM   128  C  CZ  . ARG A 1 54  ? -8.348  -0.615  5.971   1.00 56.20 ? 31  ARG A CZ  1 
ATOM   129  N  NH1 . ARG A 1 54  ? -9.212  -0.417  6.976   1.00 54.74 ? 31  ARG A NH1 1 
ATOM   130  N  NH2 . ARG A 1 54  ? -7.120  -0.085  6.041   1.00 52.91 ? 31  ARG A NH2 1 
ATOM   131  N  N   . ALA A 1 55  ? -11.471 -3.631  8.941   1.00 42.19 ? 32  ALA A N   1 
ATOM   132  C  CA  . ALA A 1 55  ? -11.396 -3.101  10.307  1.00 42.05 ? 32  ALA A CA  1 
ATOM   133  C  C   . ALA A 1 55  ? -11.211 -4.191  11.388  1.00 41.93 ? 32  ALA A C   1 
ATOM   134  O  O   . ALA A 1 55  ? -10.339 -4.072  12.274  1.00 43.51 ? 32  ALA A O   1 
ATOM   135  C  CB  . ALA A 1 55  ? -12.581 -2.142  10.586  1.00 39.87 ? 32  ALA A CB  1 
ATOM   136  N  N   . ALA A 1 56  ? -11.948 -5.288  11.290  1.00 42.19 ? 33  ALA A N   1 
ATOM   137  C  CA  . ALA A 1 56  ? -11.736 -6.423  12.214  1.00 42.54 ? 33  ALA A CA  1 
ATOM   138  C  C   . ALA A 1 56  ? -10.268 -6.854  12.257  1.00 43.23 ? 33  ALA A C   1 
ATOM   139  O  O   . ALA A 1 56  ? -9.610  -6.744  13.296  1.00 44.51 ? 33  ALA A O   1 
ATOM   140  C  CB  . ALA A 1 56  ? -12.636 -7.618  11.843  1.00 41.52 ? 33  ALA A CB  1 
ATOM   141  N  N   . THR A 1 57  ? -9.789  -7.363  11.122  1.00 42.97 ? 34  THR A N   1 
ATOM   142  C  CA  . THR A 1 57  ? -8.407  -7.872  10.904  1.00 42.45 ? 34  THR A CA  1 
ATOM   143  C  C   . THR A 1 57  ? -7.292  -6.894  11.373  1.00 41.76 ? 34  THR A C   1 
ATOM   144  O  O   . THR A 1 57  ? -6.431  -7.261  12.130  1.00 40.47 ? 34  THR A O   1 
ATOM   145  C  CB  . THR A 1 57  ? -8.211  -8.072  9.401   1.00 42.26 ? 34  THR A CB  1 
ATOM   146  O  OG1 . THR A 1 57  ? -9.343  -8.763  8.866   1.00 40.09 ? 34  THR A OG1 1 
ATOM   147  C  CG2 . THR A 1 57  ? -6.889  -8.756  9.077   1.00 43.21 ? 34  THR A CG2 1 
ATOM   148  N  N   . TYR A 1 58  ? -7.359  -5.644  10.948  1.00 42.06 ? 35  TYR A N   1 
ATOM   149  C  CA  . TYR A 1 58  ? -6.509  -4.625  11.554  1.00 43.74 ? 35  TYR A CA  1 
ATOM   150  C  C   . TYR A 1 58  ? -6.617  -4.575  13.066  1.00 45.19 ? 35  TYR A C   1 
ATOM   151  O  O   . TYR A 1 58  ? -5.608  -4.762  13.755  1.00 45.64 ? 35  TYR A O   1 
ATOM   152  C  CB  . TYR A 1 58  ? -6.689  -3.287  10.884  1.00 43.37 ? 35  TYR A CB  1 
ATOM   153  C  CG  . TYR A 1 58  ? -5.906  -3.277  9.597   1.00 45.34 ? 35  TYR A CG  1 
ATOM   154  C  CD1 . TYR A 1 58  ? -4.519  -3.181  9.617   1.00 48.43 ? 35  TYR A CD1 1 
ATOM   155  C  CD2 . TYR A 1 58  ? -6.515  -3.458  8.356   1.00 46.26 ? 35  TYR A CD2 1 
ATOM   156  C  CE1 . TYR A 1 58  ? -3.772  -3.218  8.440   1.00 45.75 ? 35  TYR A CE1 1 
ATOM   157  C  CE2 . TYR A 1 58  ? -5.731  -3.467  7.160   1.00 43.50 ? 35  TYR A CE2 1 
ATOM   158  C  CZ  . TYR A 1 58  ? -4.392  -3.367  7.253   1.00 41.38 ? 35  TYR A CZ  1 
ATOM   159  O  OH  . TYR A 1 58  ? -3.607  -3.331  6.167   1.00 46.17 ? 35  TYR A OH  1 
ATOM   160  N  N   . GLY A 1 59  ? -7.843  -4.408  13.572  1.00 46.72 ? 36  GLY A N   1 
ATOM   161  C  CA  . GLY A 1 59  ? -8.140  -4.518  15.017  1.00 46.83 ? 36  GLY A CA  1 
ATOM   162  C  C   . GLY A 1 59  ? -7.530  -5.726  15.695  1.00 47.15 ? 36  GLY A C   1 
ATOM   163  O  O   . GLY A 1 59  ? -6.911  -5.574  16.698  1.00 49.48 ? 36  GLY A O   1 
ATOM   164  N  N   . LEU A 1 60  ? -7.679  -6.920  15.154  1.00 47.37 ? 37  LEU A N   1 
ATOM   165  C  CA  . LEU A 1 60  ? -7.121  -8.112  15.784  1.00 47.52 ? 37  LEU A CA  1 
ATOM   166  C  C   . LEU A 1 60  ? -5.592  -8.187  15.764  1.00 48.62 ? 37  LEU A C   1 
ATOM   167  O  O   . LEU A 1 60  ? -4.995  -8.844  16.625  1.00 48.05 ? 37  LEU A O   1 
ATOM   168  C  CB  . LEU A 1 60  ? -7.679  -9.393  15.125  1.00 47.92 ? 37  LEU A CB  1 
ATOM   169  C  CG  . LEU A 1 60  ? -9.153  -9.871  15.336  1.00 47.89 ? 37  LEU A CG  1 
ATOM   170  C  CD1 . LEU A 1 60  ? -9.593  -10.789 14.196  1.00 44.65 ? 37  LEU A CD1 1 
ATOM   171  C  CD2 . LEU A 1 60  ? -9.427  -10.555 16.698  1.00 46.13 ? 37  LEU A CD2 1 
ATOM   172  N  N   . ILE A 1 61  ? -4.968  -7.561  14.754  1.00 48.96 ? 38  ILE A N   1 
ATOM   173  C  CA  . ILE A 1 61  ? -3.544  -7.665  14.571  1.00 49.90 ? 38  ILE A CA  1 
ATOM   174  C  C   . ILE A 1 61  ? -2.810  -6.801  15.615  1.00 51.50 ? 38  ILE A C   1 
ATOM   175  O  O   . ILE A 1 61  ? -1.874  -7.263  16.232  1.00 52.03 ? 38  ILE A O   1 
ATOM   176  C  CB  . ILE A 1 61  ? -3.091  -7.382  13.118  1.00 48.39 ? 38  ILE A CB  1 
ATOM   177  C  CG1 . ILE A 1 61  ? -3.405  -8.580  12.250  1.00 46.14 ? 38  ILE A CG1 1 
ATOM   178  C  CG2 . ILE A 1 61  ? -1.607  -7.224  13.066  1.00 48.36 ? 38  ILE A CG2 1 
ATOM   179  C  CD1 . ILE A 1 61  ? -3.676  -8.215  10.844  1.00 38.31 ? 38  ILE A CD1 1 
ATOM   180  N  N   . ARG A 1 62  ? -3.271  -5.581  15.812  1.00 54.62 ? 39  ARG A N   1 
ATOM   181  C  CA  . ARG A 1 62  ? -2.831  -4.720  16.887  1.00 58.38 ? 39  ARG A CA  1 
ATOM   182  C  C   . ARG A 1 62  ? -2.827  -5.452  18.212  1.00 59.90 ? 39  ARG A C   1 
ATOM   183  O  O   . ARG A 1 62  ? -1.783  -5.606  18.834  1.00 61.16 ? 39  ARG A O   1 
ATOM   184  C  CB  . ARG A 1 62  ? -3.788  -3.552  16.994  1.00 59.13 ? 39  ARG A CB  1 
ATOM   185  C  CG  . ARG A 1 62  ? -3.269  -2.264  16.419  1.00 62.88 ? 39  ARG A CG  1 
ATOM   186  C  CD  . ARG A 1 62  ? -4.385  -1.601  15.683  1.00 67.28 ? 39  ARG A CD  1 
ATOM   187  N  NE  . ARG A 1 62  ? -5.676  -1.962  16.259  1.00 71.45 ? 39  ARG A NE  1 
ATOM   188  C  CZ  . ARG A 1 62  ? -6.838  -1.361  15.981  1.00 73.79 ? 39  ARG A CZ  1 
ATOM   189  N  NH1 . ARG A 1 62  ? -6.899  -0.330  15.125  1.00 72.65 ? 39  ARG A NH1 1 
ATOM   190  N  NH2 . ARG A 1 62  ? -7.948  -1.784  16.580  1.00 73.69 ? 39  ARG A NH2 1 
ATOM   191  N  N   . GLN A 1 63  ? -3.990  -5.922  18.645  1.00 62.16 ? 40  GLN A N   1 
ATOM   192  C  CA  . GLN A 1 63  ? -4.064  -6.645  19.906  1.00 64.21 ? 40  GLN A CA  1 
ATOM   193  C  C   . GLN A 1 63  ? -3.183  -7.900  19.947  1.00 65.40 ? 40  GLN A C   1 
ATOM   194  O  O   . GLN A 1 63  ? -2.460  -8.111  20.915  1.00 66.94 ? 40  GLN A O   1 
ATOM   195  C  CB  . GLN A 1 63  ? -5.492  -7.087  20.232  1.00 64.39 ? 40  GLN A CB  1 
ATOM   196  C  CG  . GLN A 1 63  ? -6.624  -6.131  19.933  1.00 64.30 ? 40  GLN A CG  1 
ATOM   197  C  CD  . GLN A 1 63  ? -7.975  -6.854  19.926  1.00 64.62 ? 40  GLN A CD  1 
ATOM   198  O  OE1 . GLN A 1 63  ? -9.031  -6.214  19.964  1.00 66.13 ? 40  GLN A OE1 1 
ATOM   199  N  NE2 . GLN A 1 63  ? -7.942  -8.200  19.906  1.00 63.10 ? 40  GLN A NE2 1 
ATOM   200  N  N   . GLN A 1 64  ? -3.234  -8.735  18.917  1.00 66.09 ? 41  GLN A N   1 
ATOM   201  C  CA  . GLN A 1 64  ? -2.822  -10.126 19.102  1.00 67.03 ? 41  GLN A CA  1 
ATOM   202  C  C   . GLN A 1 64  ? -1.786  -10.646 18.123  1.00 66.41 ? 41  GLN A C   1 
ATOM   203  O  O   . GLN A 1 64  ? -1.483  -11.834 18.112  1.00 65.85 ? 41  GLN A O   1 
ATOM   204  C  CB  . GLN A 1 64  ? -4.060  -11.024 19.044  1.00 68.05 ? 41  GLN A CB  1 
ATOM   205  C  CG  . GLN A 1 64  ? -5.357  -10.293 19.380  1.00 71.29 ? 41  GLN A CG  1 
ATOM   206  C  CD  . GLN A 1 64  ? -6.516  -11.223 19.671  1.00 76.41 ? 41  GLN A CD  1 
ATOM   207  O  OE1 . GLN A 1 64  ? -7.497  -10.828 20.348  1.00 77.46 ? 41  GLN A OE1 1 
ATOM   208  N  NE2 . GLN A 1 64  ? -6.425  -12.470 19.163  1.00 76.72 ? 41  GLN A NE2 1 
ATOM   209  N  N   . GLY A 1 65  ? -1.271  -9.763  17.279  1.00 66.81 ? 42  GLY A N   1 
ATOM   210  C  CA  . GLY A 1 65  ? -0.257  -10.157 16.293  1.00 66.99 ? 42  GLY A CA  1 
ATOM   211  C  C   . GLY A 1 65  ? -0.896  -10.756 15.054  1.00 67.39 ? 42  GLY A C   1 
ATOM   212  O  O   . GLY A 1 65  ? -2.087  -11.064 15.049  1.00 67.29 ? 42  GLY A O   1 
ATOM   213  N  N   . TYR A 1 66  ? -0.110  -10.934 14.003  1.00 67.55 ? 43  TYR A N   1 
ATOM   214  C  CA  . TYR A 1 66  ? -0.655  -11.418 12.751  1.00 68.12 ? 43  TYR A CA  1 
ATOM   215  C  C   . TYR A 1 66  ? -1.094  -12.890 12.828  1.00 68.91 ? 43  TYR A C   1 
ATOM   216  O  O   . TYR A 1 66  ? -2.283  -13.199 12.620  1.00 68.94 ? 43  TYR A O   1 
ATOM   217  C  CB  . TYR A 1 66  ? 0.311   -11.127 11.591  1.00 67.53 ? 43  TYR A CB  1 
ATOM   218  C  CG  . TYR A 1 66  ? -0.240  -11.385 10.203  1.00 67.16 ? 43  TYR A CG  1 
ATOM   219  C  CD1 . TYR A 1 66  ? -1.151  -10.511 9.608   1.00 66.57 ? 43  TYR A CD1 1 
ATOM   220  C  CD2 . TYR A 1 66  ? 0.178   -12.492 9.474   1.00 66.79 ? 43  TYR A CD2 1 
ATOM   221  C  CE1 . TYR A 1 66  ? -1.643  -10.752 8.332   1.00 65.24 ? 43  TYR A CE1 1 
ATOM   222  C  CE2 . TYR A 1 66  ? -0.296  -12.737 8.203   1.00 66.72 ? 43  TYR A CE2 1 
ATOM   223  C  CZ  . TYR A 1 66  ? -1.207  -11.876 7.635   1.00 66.48 ? 43  TYR A CZ  1 
ATOM   224  O  OH  . TYR A 1 66  ? -1.663  -12.156 6.368   1.00 65.75 ? 43  TYR A OH  1 
ATOM   225  N  N   . GLU A 1 67  ? -0.176  -13.795 13.174  1.00 69.86 ? 44  GLU A N   1 
ATOM   226  C  CA  . GLU A 1 67  ? -0.512  -15.222 13.130  1.00 70.43 ? 44  GLU A CA  1 
ATOM   227  C  C   . GLU A 1 67  ? -1.589  -15.670 14.127  1.00 70.49 ? 44  GLU A C   1 
ATOM   228  O  O   . GLU A 1 67  ? -2.294  -16.649 13.861  1.00 71.00 ? 44  GLU A O   1 
ATOM   229  C  CB  . GLU A 1 67  ? 0.718   -16.113 13.159  1.00 70.68 ? 44  GLU A CB  1 
ATOM   230  C  CG  . GLU A 1 67  ? 0.559   -17.315 12.212  1.00 73.80 ? 44  GLU A CG  1 
ATOM   231  C  CD  . GLU A 1 67  ? 0.113   -16.888 10.799  1.00 75.95 ? 44  GLU A CD  1 
ATOM   232  O  OE1 . GLU A 1 67  ? 0.635   -15.843 10.321  1.00 76.04 ? 44  GLU A OE1 1 
ATOM   233  O  OE2 . GLU A 1 67  ? -0.750  -17.585 10.178  1.00 74.73 ? 44  GLU A OE2 1 
ATOM   234  N  N   . ALA A 1 68  ? -1.737  -14.949 15.242  1.00 69.70 ? 45  ALA A N   1 
ATOM   235  C  CA  . ALA A 1 68  ? -2.861  -15.168 16.166  1.00 69.69 ? 45  ALA A CA  1 
ATOM   236  C  C   . ALA A 1 68  ? -4.191  -14.759 15.512  1.00 69.63 ? 45  ALA A C   1 
ATOM   237  O  O   . ALA A 1 68  ? -5.296  -15.043 16.020  1.00 69.82 ? 45  ALA A O   1 
ATOM   238  C  CB  . ALA A 1 68  ? -2.654  -14.392 17.491  1.00 69.32 ? 45  ALA A CB  1 
ATOM   239  N  N   . THR A 1 69  ? -4.088  -14.071 14.381  1.00 68.87 ? 46  THR A N   1 
ATOM   240  C  CA  . THR A 1 69  ? -5.288  -13.687 13.669  1.00 67.69 ? 46  THR A CA  1 
ATOM   241  C  C   . THR A 1 69  ? -5.759  -14.802 12.689  1.00 66.94 ? 46  THR A C   1 
ATOM   242  O  O   . THR A 1 69  ? -5.145  -15.052 11.649  1.00 65.60 ? 46  THR A O   1 
ATOM   243  C  CB  . THR A 1 69  ? -5.125  -12.264 13.073  1.00 67.79 ? 46  THR A CB  1 
ATOM   244  O  OG1 . THR A 1 69  ? -4.807  -11.354 14.138  1.00 65.78 ? 46  THR A OG1 1 
ATOM   245  C  CG2 . THR A 1 69  ? -6.399  -11.812 12.411  1.00 67.00 ? 46  THR A CG2 1 
ATOM   246  N  N   . THR A 1 70  ? -6.827  -15.496 13.093  1.00 66.71 ? 47  THR A N   1 
ATOM   247  C  CA  . THR A 1 70  ? -7.541  -16.459 12.229  1.00 66.63 ? 47  THR A CA  1 
ATOM   248  C  C   . THR A 1 70  ? -8.736  -15.828 11.510  1.00 66.08 ? 47  THR A C   1 
ATOM   249  O  O   . THR A 1 70  ? -9.474  -15.011 12.073  1.00 65.80 ? 47  THR A O   1 
ATOM   250  C  CB  . THR A 1 70  ? -8.037  -17.714 13.003  1.00 66.26 ? 47  THR A CB  1 
ATOM   251  O  OG1 . THR A 1 70  ? -9.146  -17.359 13.832  1.00 66.76 ? 47  THR A OG1 1 
ATOM   252  C  CG2 . THR A 1 70  ? -6.911  -18.303 13.878  1.00 66.24 ? 47  THR A CG2 1 
ATOM   253  N  N   . VAL A 1 71  ? -8.914  -16.226 10.261  1.00 65.79 ? 48  VAL A N   1 
ATOM   254  C  CA  . VAL A 1 71  ? -10.123 -15.904 9.497   1.00 65.98 ? 48  VAL A CA  1 
ATOM   255  C  C   . VAL A 1 71  ? -11.402 -16.088 10.343  1.00 65.89 ? 48  VAL A C   1 
ATOM   256  O  O   . VAL A 1 71  ? -12.285 -15.222 10.369  1.00 66.58 ? 48  VAL A O   1 
ATOM   257  C  CB  . VAL A 1 71  ? -10.154 -16.720 8.185   1.00 65.83 ? 48  VAL A CB  1 
ATOM   258  C  CG1 . VAL A 1 71  ? -9.477  -18.080 8.384   1.00 65.84 ? 48  VAL A CG1 1 
ATOM   259  C  CG2 . VAL A 1 71  ? -11.583 -16.882 7.646   1.00 66.29 ? 48  VAL A CG2 1 
ATOM   260  N  N   . GLU A 1 72  ? -11.473 -17.211 11.050  1.00 65.45 ? 49  GLU A N   1 
ATOM   261  C  CA  . GLU A 1 72  ? -12.539 -17.505 12.019  1.00 64.63 ? 49  GLU A CA  1 
ATOM   262  C  C   . GLU A 1 72  ? -12.757 -16.374 13.045  1.00 62.92 ? 49  GLU A C   1 
ATOM   263  O  O   . GLU A 1 72  ? -13.885 -15.888 13.240  1.00 62.41 ? 49  GLU A O   1 
ATOM   264  C  CB  . GLU A 1 72  ? -12.230 -18.861 12.726  1.00 65.69 ? 49  GLU A CB  1 
ATOM   265  C  CG  . GLU A 1 72  ? -11.907 -20.084 11.786  1.00 66.72 ? 49  GLU A CG  1 
ATOM   266  C  CD  . GLU A 1 72  ? -10.395 -20.367 11.625  1.00 70.66 ? 49  GLU A CD  1 
ATOM   267  O  OE1 . GLU A 1 72  ? -9.904  -20.451 10.471  1.00 70.60 ? 49  GLU A OE1 1 
ATOM   268  O  OE2 . GLU A 1 72  ? -9.686  -20.512 12.656  1.00 73.12 ? 49  GLU A OE2 1 
ATOM   269  N  N   . GLN A 1 73  ? -11.668 -15.972 13.701  1.00 61.26 ? 50  GLN A N   1 
ATOM   270  C  CA  . GLN A 1 73  ? -11.669 -14.826 14.609  1.00 59.91 ? 50  GLN A CA  1 
ATOM   271  C  C   . GLN A 1 73  ? -12.158 -13.565 13.885  1.00 58.69 ? 50  GLN A C   1 
ATOM   272  O  O   . GLN A 1 73  ? -12.917 -12.763 14.462  1.00 57.52 ? 50  GLN A O   1 
ATOM   273  C  CB  . GLN A 1 73  ? -10.259 -14.574 15.114  1.00 60.79 ? 50  GLN A CB  1 
ATOM   274  C  CG  . GLN A 1 73  ? -9.931  -15.167 16.464  1.00 62.73 ? 50  GLN A CG  1 
ATOM   275  C  CD  . GLN A 1 73  ? -8.876  -14.339 17.169  1.00 65.02 ? 50  GLN A CD  1 
ATOM   276  O  OE1 . GLN A 1 73  ? -8.046  -13.695 16.506  1.00 66.87 ? 50  GLN A OE1 1 
ATOM   277  N  NE2 . GLN A 1 73  ? -8.909  -14.321 18.516  1.00 61.99 ? 50  GLN A NE2 1 
ATOM   278  N  N   . ILE A 1 74  ? -11.719 -13.419 12.619  1.00 56.75 ? 51  ILE A N   1 
ATOM   279  C  CA  . ILE A 1 74  ? -12.067 -12.288 11.738  1.00 55.58 ? 51  ILE A CA  1 
ATOM   280  C  C   . ILE A 1 74  ? -13.573 -12.172 11.397  1.00 55.31 ? 51  ILE A C   1 
ATOM   281  O  O   . ILE A 1 74  ? -14.150 -11.100 11.469  1.00 54.46 ? 51  ILE A O   1 
ATOM   282  C  CB  . ILE A 1 74  ? -11.190 -12.281 10.417  1.00 55.35 ? 51  ILE A CB  1 
ATOM   283  C  CG1 . ILE A 1 74  ? -9.699  -12.071 10.752  1.00 55.83 ? 51  ILE A CG1 1 
ATOM   284  C  CG2 . ILE A 1 74  ? -11.686 -11.218 9.409   1.00 53.27 ? 51  ILE A CG2 1 
ATOM   285  C  CD1 . ILE A 1 74  ? -8.724  -12.215 9.561   1.00 55.49 ? 51  ILE A CD1 1 
ATOM   286  N  N   . ALA A 1 75  ? -14.191 -13.265 10.971  1.00 55.87 ? 52  ALA A N   1 
ATOM   287  C  CA  . ALA A 1 75  ? -15.655 -13.301 10.776  1.00 56.28 ? 52  ALA A CA  1 
ATOM   288  C  C   . ALA A 1 75  ? -16.412 -12.769 11.987  1.00 56.36 ? 52  ALA A C   1 
ATOM   289  O  O   . ALA A 1 75  ? -17.152 -11.781 11.903  1.00 56.45 ? 52  ALA A O   1 
ATOM   290  C  CB  . ALA A 1 75  ? -16.081 -14.723 10.489  1.00 56.58 ? 52  ALA A CB  1 
ATOM   291  N  N   . GLU A 1 76  ? -16.191 -13.422 13.130  1.00 57.39 ? 53  GLU A N   1 
ATOM   292  C  CA  . GLU A 1 76  ? -16.906 -13.092 14.360  1.00 57.25 ? 53  GLU A CA  1 
ATOM   293  C  C   . GLU A 1 76  ? -16.866 -11.611 14.625  1.00 57.29 ? 53  GLU A C   1 
ATOM   294  O  O   . GLU A 1 76  ? -17.890 -11.003 14.930  1.00 58.11 ? 53  GLU A O   1 
ATOM   295  C  CB  . GLU A 1 76  ? -16.315 -13.844 15.543  1.00 57.62 ? 53  GLU A CB  1 
ATOM   296  C  CG  . GLU A 1 76  ? -16.571 -13.149 16.882  1.00 58.31 ? 53  GLU A CG  1 
ATOM   297  C  CD  . GLU A 1 76  ? -16.719 -14.125 18.024  1.00 59.75 ? 53  GLU A CD  1 
ATOM   298  O  OE1 . GLU A 1 76  ? -16.589 -13.691 19.172  1.00 60.84 ? 53  GLU A OE1 1 
ATOM   299  O  OE2 . GLU A 1 76  ? -16.979 -15.324 17.783  1.00 60.02 ? 53  GLU A OE2 1 
ATOM   300  N  N   . ARG A 1 77  ? -15.674 -11.030 14.514  1.00 57.15 ? 54  ARG A N   1 
ATOM   301  C  CA  . ARG A 1 77  ? -15.478 -9.662  14.928  1.00 57.02 ? 54  ARG A CA  1 
ATOM   302  C  C   . ARG A 1 77  ? -16.122 -8.755  13.883  1.00 56.24 ? 54  ARG A C   1 
ATOM   303  O  O   . ARG A 1 77  ? -16.580 -7.671  14.199  1.00 54.80 ? 54  ARG A O   1 
ATOM   304  C  CB  . ARG A 1 77  ? -13.979 -9.376  15.100  1.00 57.25 ? 54  ARG A CB  1 
ATOM   305  C  CG  . ARG A 1 77  ? -13.629 -7.889  15.438  1.00 58.26 ? 54  ARG A CG  1 
ATOM   306  C  CD  . ARG A 1 77  ? -12.163 -7.721  15.798  1.00 59.29 ? 54  ARG A CD  1 
ATOM   307  N  NE  . ARG A 1 77  ? -11.816 -8.423  17.059  1.00 61.70 ? 54  ARG A NE  1 
ATOM   308  C  CZ  . ARG A 1 77  ? -11.229 -7.874  18.122  1.00 59.69 ? 54  ARG A CZ  1 
ATOM   309  N  NH1 . ARG A 1 77  ? -10.895 -6.591  18.120  1.00 56.04 ? 54  ARG A NH1 1 
ATOM   310  N  NH2 . ARG A 1 77  ? -11.000 -8.621  19.200  1.00 61.43 ? 54  ARG A NH2 1 
ATOM   311  N  N   . ALA A 1 78  ? -16.146 -9.211  12.631  1.00 55.76 ? 55  ALA A N   1 
ATOM   312  C  CA  . ALA A 1 78  ? -16.712 -8.417  11.550  1.00 56.21 ? 55  ALA A CA  1 
ATOM   313  C  C   . ALA A 1 78  ? -18.200 -8.631  11.542  1.00 56.56 ? 55  ALA A C   1 
ATOM   314  O  O   . ALA A 1 78  ? -18.932 -7.891  10.870  1.00 56.03 ? 55  ALA A O   1 
ATOM   315  C  CB  . ALA A 1 78  ? -16.116 -8.821  10.199  1.00 55.44 ? 55  ALA A CB  1 
ATOM   316  N  N   . GLU A 1 79  ? -18.603 -9.665  12.298  1.00 58.08 ? 56  GLU A N   1 
ATOM   317  C  CA  . GLU A 1 79  ? -20.001 -10.146 12.505  1.00 59.02 ? 56  GLU A CA  1 
ATOM   318  C  C   . GLU A 1 79  ? -20.632 -10.510 11.168  1.00 59.02 ? 56  GLU A C   1 
ATOM   319  O  O   . GLU A 1 79  ? -21.595 -9.857  10.641  1.00 58.71 ? 56  GLU A O   1 
ATOM   320  C  CB  . GLU A 1 79  ? -20.873 -9.292  13.473  1.00 58.97 ? 56  GLU A CB  1 
ATOM   321  C  CG  . GLU A 1 79  ? -20.680 -7.811  13.425  1.00 60.22 ? 56  GLU A CG  1 
ATOM   322  C  CD  . GLU A 1 79  ? -21.526 -7.053  14.446  1.00 59.98 ? 56  GLU A CD  1 
ATOM   323  O  OE1 . GLU A 1 79  ? -22.661 -6.703  14.084  1.00 57.34 ? 56  GLU A OE1 1 
ATOM   324  O  OE2 . GLU A 1 79  ? -21.051 -6.784  15.594  1.00 59.14 ? 56  GLU A OE2 1 
ATOM   325  N  N   . VAL A 1 80  ? -20.036 -11.602 10.669  1.00 58.15 ? 57  VAL A N   1 
ATOM   326  C  CA  . VAL A 1 80  ? -20.058 -12.010 9.287   1.00 58.15 ? 57  VAL A CA  1 
ATOM   327  C  C   . VAL A 1 80  ? -19.602 -13.476 9.260   1.00 59.03 ? 57  VAL A C   1 
ATOM   328  O  O   . VAL A 1 80  ? -18.867 -13.936 10.151  1.00 59.02 ? 57  VAL A O   1 
ATOM   329  C  CB  . VAL A 1 80  ? -19.164 -11.027 8.421   1.00 58.22 ? 57  VAL A CB  1 
ATOM   330  C  CG1 . VAL A 1 80  ? -18.063 -11.713 7.630   1.00 56.87 ? 57  VAL A CG1 1 
ATOM   331  C  CG2 . VAL A 1 80  ? -20.025 -10.057 7.590   1.00 56.24 ? 57  VAL A CG2 1 
ATOM   332  N  N   . SER A 1 81  ? -20.088 -14.229 8.274   1.00 59.53 ? 58  SER A N   1 
ATOM   333  C  CA  . SER A 1 81  ? -19.661 -15.617 8.104   1.00 59.58 ? 58  SER A CA  1 
ATOM   334  C  C   . SER A 1 81  ? -18.227 -15.695 7.555   1.00 58.91 ? 58  SER A C   1 
ATOM   335  O  O   . SER A 1 81  ? -17.805 -14.847 6.756   1.00 59.00 ? 58  SER A O   1 
ATOM   336  C  CB  . SER A 1 81  ? -20.631 -16.379 7.187   1.00 59.40 ? 58  SER A CB  1 
ATOM   337  O  OG  . SER A 1 81  ? -21.219 -15.468 6.275   1.00 61.03 ? 58  SER A OG  1 
ATOM   338  N  N   . PRO A 1 82  ? -17.471 -16.699 8.017   1.00 57.82 ? 59  PRO A N   1 
ATOM   339  C  CA  . PRO A 1 82  ? -16.209 -17.154 7.490   1.00 57.22 ? 59  PRO A CA  1 
ATOM   340  C  C   . PRO A 1 82  ? -16.108 -17.360 5.990   1.00 56.91 ? 59  PRO A C   1 
ATOM   341  O  O   . PRO A 1 82  ? -14.982 -17.336 5.447   1.00 57.32 ? 59  PRO A O   1 
ATOM   342  C  CB  . PRO A 1 82  ? -16.017 -18.487 8.188   1.00 58.01 ? 59  PRO A CB  1 
ATOM   343  C  CG  . PRO A 1 82  ? -16.610 -18.232 9.582   1.00 58.55 ? 59  PRO A CG  1 
ATOM   344  C  CD  . PRO A 1 82  ? -17.834 -17.408 9.259   1.00 58.29 ? 59  PRO A CD  1 
ATOM   345  N  N   . SER A 1 83  ? -17.226 -17.573 5.298   1.00 55.44 ? 60  SER A N   1 
ATOM   346  C  CA  . SER A 1 83  ? -17.113 -17.925 3.892   1.00 53.08 ? 60  SER A CA  1 
ATOM   347  C  C   . SER A 1 83  ? -17.371 -16.704 3.080   1.00 52.69 ? 60  SER A C   1 
ATOM   348  O  O   . SER A 1 83  ? -16.932 -16.624 1.918   1.00 53.09 ? 60  SER A O   1 
ATOM   349  C  CB  . SER A 1 83  ? -17.976 -19.157 3.491   1.00 53.28 ? 60  SER A CB  1 
ATOM   350  O  OG  . SER A 1 83  ? -19.335 -19.013 3.823   1.00 50.42 ? 60  SER A OG  1 
ATOM   351  N  N   . THR A 1 84  ? -18.073 -15.756 3.708   1.00 51.79 ? 61  THR A N   1 
ATOM   352  C  CA  . THR A 1 84  ? -18.103 -14.342 3.286   1.00 51.42 ? 61  THR A CA  1 
ATOM   353  C  C   . THR A 1 84  ? -16.692 -13.680 3.293   1.00 50.35 ? 61  THR A C   1 
ATOM   354  O  O   . THR A 1 84  ? -16.314 -13.000 2.325   1.00 50.63 ? 61  THR A O   1 
ATOM   355  C  CB  . THR A 1 84  ? -19.071 -13.499 4.164   1.00 52.03 ? 61  THR A CB  1 
ATOM   356  O  OG1 . THR A 1 84  ? -20.428 -13.890 3.933   1.00 51.97 ? 61  THR A OG1 1 
ATOM   357  C  CG2 . THR A 1 84  ? -18.937 -12.009 3.863   1.00 52.41 ? 61  THR A CG2 1 
ATOM   358  N  N   . VAL A 1 85  ? -15.910 -13.879 4.344   1.00 49.49 ? 62  VAL A N   1 
ATOM   359  C  CA  . VAL A 1 85  ? -14.520 -13.315 4.366   1.00 49.24 ? 62  VAL A CA  1 
ATOM   360  C  C   . VAL A 1 85  ? -13.757 -13.863 3.174   1.00 49.66 ? 62  VAL A C   1 
ATOM   361  O  O   . VAL A 1 85  ? -13.327 -13.097 2.282   1.00 49.79 ? 62  VAL A O   1 
ATOM   362  C  CB  . VAL A 1 85  ? -13.718 -13.738 5.608   1.00 49.01 ? 62  VAL A CB  1 
ATOM   363  C  CG1 . VAL A 1 85  ? -12.249 -13.295 5.437   1.00 49.56 ? 62  VAL A CG1 1 
ATOM   364  C  CG2 . VAL A 1 85  ? -14.375 -13.242 6.934   1.00 46.81 ? 62  VAL A CG2 1 
ATOM   365  N  N   . LEU A 1 86  ? -13.648 -15.194 3.143   1.00 49.76 ? 63  LEU A N   1 
ATOM   366  C  CA  . LEU A 1 86  ? -13.006 -15.929 2.050   1.00 50.39 ? 63  LEU A CA  1 
ATOM   367  C  C   . LEU A 1 86  ? -13.393 -15.454 0.664   1.00 49.96 ? 63  LEU A C   1 
ATOM   368  O  O   . LEU A 1 86  ? -12.539 -15.201 -0.177  1.00 50.50 ? 63  LEU A O   1 
ATOM   369  C  CB  . LEU A 1 86  ? -13.310 -17.419 2.185   1.00 50.38 ? 63  LEU A CB  1 
ATOM   370  C  CG  . LEU A 1 86  ? -12.240 -18.394 2.719   1.00 53.50 ? 63  LEU A CG  1 
ATOM   371  C  CD1 . LEU A 1 86  ? -11.380 -17.900 3.936   1.00 53.19 ? 63  LEU A CD1 1 
ATOM   372  C  CD2 . LEU A 1 86  ? -12.881 -19.696 3.046   1.00 53.75 ? 63  LEU A CD2 1 
ATOM   373  N  N   . ARG A 1 87  ? -14.692 -15.342 0.439   1.00 50.11 ? 64  ARG A N   1 
ATOM   374  C  CA  . ARG A 1 87  ? -15.283 -14.981 -0.861  1.00 50.27 ? 64  ARG A CA  1 
ATOM   375  C  C   . ARG A 1 87  ? -14.870 -13.580 -1.243  1.00 49.85 ? 64  ARG A C   1 
ATOM   376  O  O   . ARG A 1 87  ? -14.840 -13.227 -2.428  1.00 50.54 ? 64  ARG A O   1 
ATOM   377  C  CB  . ARG A 1 87  ? -16.851 -15.061 -0.788  1.00 50.31 ? 64  ARG A CB  1 
ATOM   378  C  CG  . ARG A 1 87  ? -17.608 -15.129 -2.163  1.00 50.92 ? 64  ARG A CG  1 
ATOM   379  C  CD  . ARG A 1 87  ? -19.147 -15.188 -1.973  1.00 48.98 ? 64  ARG A CD  1 
ATOM   380  N  NE  . ARG A 1 87  ? -19.670 -13.855 -1.626  1.00 48.03 ? 64  ARG A NE  1 
ATOM   381  C  CZ  . ARG A 1 87  ? -20.326 -13.608 -0.506  1.00 49.24 ? 64  ARG A CZ  1 
ATOM   382  N  NH1 . ARG A 1 87  ? -20.578 -14.642 0.328   1.00 47.57 ? 64  ARG A NH1 1 
ATOM   383  N  NH2 . ARG A 1 87  ? -20.777 -12.373 -0.250  1.00 45.44 ? 64  ARG A NH2 1 
ATOM   384  N  N   . TYR A 1 88  ? -14.607 -12.769 -0.232  1.00 50.03 ? 65  TYR A N   1 
ATOM   385  C  CA  . TYR A 1 88  ? -14.177 -11.390 -0.444  1.00 50.03 ? 65  TYR A CA  1 
ATOM   386  C  C   . TYR A 1 88  ? -12.657 -11.270 -0.511  1.00 48.89 ? 65  TYR A C   1 
ATOM   387  O  O   . TYR A 1 88  ? -12.151 -10.436 -1.288  1.00 48.15 ? 65  TYR A O   1 
ATOM   388  C  CB  . TYR A 1 88  ? -14.704 -10.491 0.666   1.00 52.01 ? 65  TYR A CB  1 
ATOM   389  C  CG  . TYR A 1 88  ? -16.096 -9.999  0.425   1.00 54.64 ? 65  TYR A CG  1 
ATOM   390  C  CD1 . TYR A 1 88  ? -16.405 -9.212  -0.689  1.00 59.28 ? 65  TYR A CD1 1 
ATOM   391  C  CD2 . TYR A 1 88  ? -17.106 -10.318 1.288   1.00 55.90 ? 65  TYR A CD2 1 
ATOM   392  C  CE1 . TYR A 1 88  ? -17.712 -8.746  -0.913  1.00 59.17 ? 65  TYR A CE1 1 
ATOM   393  C  CE2 . TYR A 1 88  ? -18.401 -9.875  1.081   1.00 56.61 ? 65  TYR A CE2 1 
ATOM   394  C  CZ  . TYR A 1 88  ? -18.720 -9.079  -0.006  1.00 58.69 ? 65  TYR A CZ  1 
ATOM   395  O  OH  . TYR A 1 88  ? -20.057 -8.623  -0.173  1.00 56.80 ? 65  TYR A OH  1 
ATOM   396  N  N   . PHE A 1 89  ? -11.980 -12.083 0.323   1.00 47.06 ? 66  PHE A N   1 
ATOM   397  C  CA  . PHE A 1 89  ? -10.503 -12.122 0.527   1.00 45.25 ? 66  PHE A CA  1 
ATOM   398  C  C   . PHE A 1 89  ? -9.982  -13.566 0.578   1.00 45.23 ? 66  PHE A C   1 
ATOM   399  O  O   . PHE A 1 89  ? -10.080 -14.241 1.595   1.00 45.47 ? 66  PHE A O   1 
ATOM   400  C  CB  . PHE A 1 89  ? -10.091 -11.419 1.827   1.00 42.94 ? 66  PHE A CB  1 
ATOM   401  C  CG  . PHE A 1 89  ? -10.535 -9.998  1.908   1.00 42.20 ? 66  PHE A CG  1 
ATOM   402  C  CD1 . PHE A 1 89  ? -9.849  -8.992  1.213   1.00 37.98 ? 66  PHE A CD1 1 
ATOM   403  C  CD2 . PHE A 1 89  ? -11.672 -9.646  2.667   1.00 38.97 ? 66  PHE A CD2 1 
ATOM   404  C  CE1 . PHE A 1 89  ? -10.287 -7.645  1.286   1.00 35.25 ? 66  PHE A CE1 1 
ATOM   405  C  CE2 . PHE A 1 89  ? -12.109 -8.320  2.748   1.00 35.11 ? 66  PHE A CE2 1 
ATOM   406  C  CZ  . PHE A 1 89  ? -11.424 -7.321  2.078   1.00 37.58 ? 66  PHE A CZ  1 
ATOM   407  N  N   . PRO A 1 90  ? -9.453  -14.061 -0.537  1.00 45.22 ? 67  PRO A N   1 
ATOM   408  C  CA  . PRO A 1 90  ? -9.045  -15.471 -0.571  1.00 45.90 ? 67  PRO A CA  1 
ATOM   409  C  C   . PRO A 1 90  ? -8.093  -15.847 0.583   1.00 46.50 ? 67  PRO A C   1 
ATOM   410  O  O   . PRO A 1 90  ? -8.301  -16.868 1.259   1.00 46.10 ? 67  PRO A O   1 
ATOM   411  C  CB  . PRO A 1 90  ? -8.375  -15.590 -1.930  1.00 46.03 ? 67  PRO A CB  1 
ATOM   412  C  CG  . PRO A 1 90  ? -9.109  -14.466 -2.802  1.00 44.96 ? 67  PRO A CG  1 
ATOM   413  C  CD  . PRO A 1 90  ? -9.281  -13.353 -1.819  1.00 44.72 ? 67  PRO A CD  1 
ATOM   414  N  N   . THR A 1 91  ? -7.072  -14.995 0.801   1.00 46.78 ? 68  THR A N   1 
ATOM   415  C  CA  . THR A 1 91  ? -6.150  -15.086 1.950   1.00 45.61 ? 68  THR A CA  1 
ATOM   416  C  C   . THR A 1 91  ? -6.155  -13.782 2.770   1.00 44.91 ? 68  THR A C   1 
ATOM   417  O  O   . THR A 1 91  ? -6.534  -12.722 2.253   1.00 44.17 ? 68  THR A O   1 
ATOM   418  C  CB  . THR A 1 91  ? -4.724  -15.320 1.427   1.00 45.45 ? 68  THR A CB  1 
ATOM   419  O  OG1 . THR A 1 91  ? -4.449  -14.308 0.468   1.00 44.50 ? 68  THR A OG1 1 
ATOM   420  C  CG2 . THR A 1 91  ? -4.621  -16.663 0.685   1.00 46.57 ? 68  THR A CG2 1 
ATOM   421  N  N   . ARG A 1 92  ? -5.708  -13.902 4.026   1.00 45.40 ? 69  ARG A N   1 
ATOM   422  C  CA  . ARG A 1 92  ? -5.553  -12.834 5.007   1.00 46.37 ? 69  ARG A CA  1 
ATOM   423  C  C   . ARG A 1 92  ? -4.584  -11.765 4.538   1.00 46.65 ? 69  ARG A C   1 
ATOM   424  O  O   . ARG A 1 92  ? -4.624  -10.628 5.032   1.00 46.94 ? 69  ARG A O   1 
ATOM   425  C  CB  . ARG A 1 92  ? -5.017  -13.395 6.330   1.00 46.73 ? 69  ARG A CB  1 
ATOM   426  C  CG  . ARG A 1 92  ? -5.807  -14.544 6.895   1.00 50.47 ? 69  ARG A CG  1 
ATOM   427  C  CD  . ARG A 1 92  ? -4.963  -15.543 7.656   1.00 54.18 ? 69  ARG A CD  1 
ATOM   428  N  NE  . ARG A 1 92  ? -4.438  -14.948 8.867   1.00 58.06 ? 69  ARG A NE  1 
ATOM   429  C  CZ  . ARG A 1 92  ? -3.154  -14.936 9.215   1.00 60.34 ? 69  ARG A CZ  1 
ATOM   430  N  NH1 . ARG A 1 92  ? -2.223  -15.539 8.456   1.00 59.64 ? 69  ARG A NH1 1 
ATOM   431  N  NH2 . ARG A 1 92  ? -2.810  -14.319 10.344  1.00 60.06 ? 69  ARG A NH2 1 
ATOM   432  N  N   . GLU A 1 93  ? -3.717  -12.138 3.598   1.00 45.71 ? 70  GLU A N   1 
ATOM   433  C  CA  . GLU A 1 93  ? -2.794  -11.202 2.954   1.00 45.53 ? 70  GLU A CA  1 
ATOM   434  C  C   . GLU A 1 93  ? -3.551  -10.227 2.125   1.00 43.75 ? 70  GLU A C   1 
ATOM   435  O  O   . GLU A 1 93  ? -3.165  -9.121  1.975   1.00 44.30 ? 70  GLU A O   1 
ATOM   436  C  CB  . GLU A 1 93  ? -1.835  -11.943 2.018   1.00 45.98 ? 70  GLU A CB  1 
ATOM   437  C  CG  . GLU A 1 93  ? -0.897  -12.870 2.669   1.00 47.63 ? 70  GLU A CG  1 
ATOM   438  C  CD  . GLU A 1 93  ? -1.431  -14.280 2.658   1.00 52.58 ? 70  GLU A CD  1 
ATOM   439  O  OE1 . GLU A 1 93  ? -1.420  -14.884 1.545   1.00 57.65 ? 70  GLU A OE1 1 
ATOM   440  O  OE2 . GLU A 1 93  ? -1.870  -14.779 3.732   1.00 50.00 ? 70  GLU A OE2 1 
ATOM   441  N  N   . ASP A 1 94  ? -4.651  -10.677 1.560   1.00 43.75 ? 71  ASP A N   1 
ATOM   442  C  CA  . ASP A 1 94  ? -5.511  -9.894  0.687   1.00 41.47 ? 71  ASP A CA  1 
ATOM   443  C  C   . ASP A 1 94  ? -6.270  -8.818  1.402   1.00 39.55 ? 71  ASP A C   1 
ATOM   444  O  O   . ASP A 1 94  ? -6.464  -7.729  0.851   1.00 37.71 ? 71  ASP A O   1 
ATOM   445  C  CB  . ASP A 1 94  ? -6.492  -10.832 0.067   1.00 43.83 ? 71  ASP A CB  1 
ATOM   446  C  CG  . ASP A 1 94  ? -5.899  -11.539 -1.127  1.00 47.71 ? 71  ASP A CG  1 
ATOM   447  O  OD1 . ASP A 1 94  ? -5.742  -10.788 -2.112  1.00 49.37 ? 71  ASP A OD1 1 
ATOM   448  O  OD2 . ASP A 1 94  ? -5.542  -12.778 -1.036  1.00 47.13 ? 71  ASP A OD2 1 
ATOM   449  N  N   . ILE A 1 95  ? -6.673  -9.146  2.632   1.00 38.60 ? 72  ILE A N   1 
ATOM   450  C  CA  . ILE A 1 95  ? -7.291  -8.215  3.565   1.00 36.87 ? 72  ILE A CA  1 
ATOM   451  C  C   . ILE A 1 95  ? -6.291  -7.128  3.919   1.00 38.13 ? 72  ILE A C   1 
ATOM   452  O  O   . ILE A 1 95  ? -6.619  -5.948  3.936   1.00 37.29 ? 72  ILE A O   1 
ATOM   453  C  CB  . ILE A 1 95  ? -7.712  -8.892  4.908   1.00 37.23 ? 72  ILE A CB  1 
ATOM   454  C  CG1 . ILE A 1 95  ? -8.507  -10.196 4.669   1.00 36.23 ? 72  ILE A CG1 1 
ATOM   455  C  CG2 . ILE A 1 95  ? -8.436  -7.857  5.788   1.00 35.40 ? 72  ILE A CG2 1 
ATOM   456  C  CD1 . ILE A 1 95  ? -8.794  -11.081 5.894   1.00 33.47 ? 72  ILE A CD1 1 
ATOM   457  N  N   . VAL A 1 96  ? -5.068  -7.547  4.252   1.00 39.64 ? 73  VAL A N   1 
ATOM   458  C  CA  . VAL A 1 96  ? -3.930  -6.605  4.545   1.00 40.46 ? 73  VAL A CA  1 
ATOM   459  C  C   . VAL A 1 96  ? -3.737  -5.644  3.389   1.00 40.99 ? 73  VAL A C   1 
ATOM   460  O  O   . VAL A 1 96  ? -3.656  -4.457  3.590   1.00 39.73 ? 73  VAL A O   1 
ATOM   461  C  CB  . VAL A 1 96  ? -2.634  -7.393  4.929   1.00 40.55 ? 73  VAL A CB  1 
ATOM   462  C  CG1 . VAL A 1 96  ? -1.361  -6.467  4.957   1.00 40.66 ? 73  VAL A CG1 1 
ATOM   463  C  CG2 . VAL A 1 96  ? -2.890  -8.092  6.295   1.00 37.06 ? 73  VAL A CG2 1 
ATOM   464  N  N   . LEU A 1 97  ? -3.750  -6.168  2.175   1.00 43.46 ? 74  LEU A N   1 
ATOM   465  C  CA  . LEU A 1 97  ? -3.589  -5.366  0.980   1.00 47.20 ? 74  LEU A CA  1 
ATOM   466  C  C   . LEU A 1 97  ? -4.918  -5.015  0.308   1.00 50.63 ? 74  LEU A C   1 
ATOM   467  O  O   . LEU A 1 97  ? -5.078  -5.246  -0.905  1.00 52.42 ? 74  LEU A O   1 
ATOM   468  C  CB  . LEU A 1 97  ? -2.754  -6.160  -0.038  1.00 46.37 ? 74  LEU A CB  1 
ATOM   469  C  CG  . LEU A 1 97  ? -1.226  -6.449  0.002   1.00 47.03 ? 74  LEU A CG  1 
ATOM   470  C  CD1 . LEU A 1 97  ? -0.395  -5.502  0.957   1.00 42.62 ? 74  LEU A CD1 1 
ATOM   471  C  CD2 . LEU A 1 97  ? -0.888  -7.917  0.202   1.00 39.09 ? 74  LEU A CD2 1 
ATOM   472  N  N   . THR A 1 98  ? -5.887  -4.510  1.075   1.00 54.17 ? 75  THR A N   1 
ATOM   473  C  CA  . THR A 1 98  ? -7.171  -3.997  0.545   1.00 56.81 ? 75  THR A CA  1 
ATOM   474  C  C   . THR A 1 98  ? -7.075  -2.496  0.188   1.00 58.65 ? 75  THR A C   1 
ATOM   475  O  O   . THR A 1 98  ? -7.395  -2.087  -0.937  1.00 59.84 ? 75  THR A O   1 
ATOM   476  C  CB  . THR A 1 98  ? -8.223  -4.129  1.588   1.00 56.92 ? 75  THR A CB  1 
ATOM   477  O  OG1 . THR A 1 98  ? -8.096  -5.426  2.151   1.00 57.15 ? 75  THR A OG1 1 
ATOM   478  C  CG2 . THR A 1 98  ? -9.623  -3.917  0.986   1.00 58.21 ? 75  THR A CG2 1 
ATOM   479  N  N   . ASP A 1 99  ? -6.684  -1.667  1.145   1.00 59.83 ? 76  ASP A N   1 
ATOM   480  C  CA  . ASP A 1 99  ? -6.090  -0.406  0.761   1.00 61.69 ? 76  ASP A CA  1 
ATOM   481  C  C   . ASP A 1 99  ? -4.767  -0.830  -0.003  1.00 62.25 ? 76  ASP A C   1 
ATOM   482  O  O   . ASP A 1 99  ? -3.737  -1.093  0.645   1.00 61.80 ? 76  ASP A O   1 
ATOM   483  C  CB  . ASP A 1 99  ? -5.870  0.476   2.009   1.00 61.66 ? 76  ASP A CB  1 
ATOM   484  C  CG  . ASP A 1 99  ? -5.721  1.977   1.659   1.00 64.46 ? 76  ASP A CG  1 
ATOM   485  O  OD1 . ASP A 1 99  ? -4.564  2.485   1.737   1.00 61.07 ? 76  ASP A OD1 1 
ATOM   486  O  OD2 . ASP A 1 99  ? -6.757  2.641   1.278   1.00 65.53 ? 76  ASP A OD2 1 
ATOM   487  N  N   . GLU A 1 100 ? -4.853  -0.896  -1.356  1.00 62.38 ? 77  GLU A N   1 
ATOM   488  C  CA  . GLU A 1 100 ? -4.039  -1.790  -2.253  1.00 62.46 ? 77  GLU A CA  1 
ATOM   489  C  C   . GLU A 1 100 ? -2.662  -1.350  -2.827  1.00 61.27 ? 77  GLU A C   1 
ATOM   490  O  O   . GLU A 1 100 ? -1.982  -2.174  -3.438  1.00 61.50 ? 77  GLU A O   1 
ATOM   491  C  CB  . GLU A 1 100 ? -4.846  -2.172  -3.499  1.00 63.36 ? 77  GLU A CB  1 
ATOM   492  C  CG  . GLU A 1 100 ? -6.018  -3.070  -3.290  1.00 65.46 ? 77  GLU A CG  1 
ATOM   493  C  CD  . GLU A 1 100 ? -7.209  -2.523  -4.011  1.00 68.36 ? 77  GLU A CD  1 
ATOM   494  O  OE1 . GLU A 1 100 ? -7.696  -3.215  -4.934  1.00 69.08 ? 77  GLU A OE1 1 
ATOM   495  O  OE2 . GLU A 1 100 ? -7.622  -1.379  -3.674  1.00 69.03 ? 77  GLU A OE2 1 
ATOM   496  N  N   . TYR A 1 101 ? -2.295  -0.076  -2.646  1.00 59.14 ? 78  TYR A N   1 
ATOM   497  C  CA  . TYR A 1 101 ? -1.052  0.553   -3.123  1.00 55.27 ? 78  TYR A CA  1 
ATOM   498  C  C   . TYR A 1 101 ? -1.267  1.270   -4.450  1.00 55.08 ? 78  TYR A C   1 
ATOM   499  O  O   . TYR A 1 101 ? -1.478  2.487   -4.466  1.00 53.95 ? 78  TYR A O   1 
ATOM   500  C  CB  . TYR A 1 101 ? 0.145   -0.398  -3.130  1.00 53.22 ? 78  TYR A CB  1 
ATOM   501  C  CG  . TYR A 1 101 ? 0.666   -0.592  -1.744  1.00 49.22 ? 78  TYR A CG  1 
ATOM   502  C  CD1 . TYR A 1 101 ? 1.034   0.499   -0.964  1.00 44.74 ? 78  TYR A CD1 1 
ATOM   503  C  CD2 . TYR A 1 101 ? 0.778   -1.880  -1.200  1.00 48.86 ? 78  TYR A CD2 1 
ATOM   504  C  CE1 . TYR A 1 101 ? 1.520   0.321   0.360   1.00 44.02 ? 78  TYR A CE1 1 
ATOM   505  C  CE2 . TYR A 1 101 ? 1.224   -2.083  0.112   1.00 47.72 ? 78  TYR A CE2 1 
ATOM   506  C  CZ  . TYR A 1 101 ? 1.594   -0.987  0.883   1.00 45.76 ? 78  TYR A CZ  1 
ATOM   507  O  OH  . TYR A 1 101 ? 2.041   -1.249  2.132   1.00 45.93 ? 78  TYR A OH  1 
ATOM   508  N  N   . ASP A 1 102 ? -1.299  0.497   -5.533  1.00 55.30 ? 79  ASP A N   1 
ATOM   509  C  CA  . ASP A 1 102 ? -1.458  1.034   -6.891  1.00 55.54 ? 79  ASP A CA  1 
ATOM   510  C  C   . ASP A 1 102 ? -2.662  1.968   -7.047  1.00 55.28 ? 79  ASP A C   1 
ATOM   511  O  O   . ASP A 1 102 ? -2.460  3.166   -7.346  1.00 55.12 ? 79  ASP A O   1 
ATOM   512  C  CB  . ASP A 1 102 ? -1.359  -0.100  -7.943  1.00 56.21 ? 79  ASP A CB  1 
ATOM   513  C  CG  . ASP A 1 102 ? -1.456  0.397   -9.388  1.00 57.11 ? 79  ASP A CG  1 
ATOM   514  O  OD1 . ASP A 1 102 ? -2.578  0.630   -9.882  1.00 58.62 ? 79  ASP A OD1 1 
ATOM   515  O  OD2 . ASP A 1 102 ? -0.406  0.501   -10.047 1.00 59.38 ? 79  ASP A OD2 1 
ATOM   516  N  N   . PRO A 1 103 ? -3.912  1.473   -6.817  1.00 55.62 ? 80  PRO A N   1 
ATOM   517  C  CA  . PRO A 1 103 ? -5.080  2.411   -6.815  1.00 55.48 ? 80  PRO A CA  1 
ATOM   518  C  C   . PRO A 1 103 ? -5.017  3.541   -5.772  1.00 55.80 ? 80  PRO A C   1 
ATOM   519  O  O   . PRO A 1 103 ? -5.480  4.667   -6.028  1.00 55.80 ? 80  PRO A O   1 
ATOM   520  C  CB  . PRO A 1 103 ? -6.300  1.487   -6.549  1.00 55.77 ? 80  PRO A CB  1 
ATOM   521  C  CG  . PRO A 1 103 ? -5.757  0.257   -5.969  1.00 54.91 ? 80  PRO A CG  1 
ATOM   522  C  CD  . PRO A 1 103 ? -4.349  0.080   -6.606  1.00 55.68 ? 80  PRO A CD  1 
ATOM   523  N  N   . VAL A 1 104 ? -4.435  3.241   -4.613  1.00 55.78 ? 81  VAL A N   1 
ATOM   524  C  CA  . VAL A 1 104 ? -4.304  4.242   -3.529  1.00 55.78 ? 81  VAL A CA  1 
ATOM   525  C  C   . VAL A 1 104 ? -3.181  5.239   -3.804  1.00 54.75 ? 81  VAL A C   1 
ATOM   526  O  O   . VAL A 1 104 ? -3.315  6.413   -3.487  1.00 55.09 ? 81  VAL A O   1 
ATOM   527  C  CB  . VAL A 1 104 ? -4.216  3.592   -2.059  1.00 56.44 ? 81  VAL A CB  1 
ATOM   528  C  CG1 . VAL A 1 104 ? -5.203  2.404   -1.922  1.00 55.34 ? 81  VAL A CG1 1 
ATOM   529  C  CG2 . VAL A 1 104 ? -2.790  3.118   -1.687  1.00 57.72 ? 81  VAL A CG2 1 
HETATM 530  N  N   . MSE A 1 105 ? -2.072  4.806   -4.413  1.00 53.94 ? 82  MSE A N   1 
HETATM 531  C  CA  . MSE A 1 105 ? -1.035  5.799   -4.749  1.00 53.25 ? 82  MSE A CA  1 
HETATM 532  C  C   . MSE A 1 105 ? -1.397  6.592   -6.000  1.00 51.89 ? 82  MSE A C   1 
HETATM 533  O  O   . MSE A 1 105 ? -1.070  7.762   -6.106  1.00 51.81 ? 82  MSE A O   1 
HETATM 534  C  CB  . MSE A 1 105 ? 0.342   5.172   -4.866  1.00 52.34 ? 82  MSE A CB  1 
HETATM 535  C  CG  . MSE A 1 105 ? 0.712   4.363   -3.695  1.00 50.83 ? 82  MSE A CG  1 
HETATM 536  SE SE  . MSE A 1 105 ? 2.324   3.384   -4.114  0.80 56.49 ? 82  MSE A SE  1 
HETATM 537  C  CE  . MSE A 1 105 ? 3.675   4.870   -4.051  1.00 39.41 ? 82  MSE A CE  1 
ATOM   538  N  N   . ALA A 1 106 ? -2.100  5.938   -6.922  1.00 52.26 ? 83  ALA A N   1 
ATOM   539  C  CA  . ALA A 1 106 ? -2.629  6.568   -8.141  1.00 52.26 ? 83  ALA A CA  1 
ATOM   540  C  C   . ALA A 1 106 ? -3.563  7.730   -7.785  1.00 52.49 ? 83  ALA A C   1 
ATOM   541  O  O   . ALA A 1 106 ? -3.232  8.891   -8.103  1.00 52.73 ? 83  ALA A O   1 
ATOM   542  C  CB  . ALA A 1 106 ? -3.344  5.546   -8.983  1.00 52.01 ? 83  ALA A CB  1 
ATOM   543  N  N   . ALA A 1 107 ? -4.696  7.426   -7.116  1.00 51.86 ? 84  ALA A N   1 
ATOM   544  C  CA  . ALA A 1 107 ? -5.625  8.462   -6.586  1.00 51.44 ? 84  ALA A CA  1 
ATOM   545  C  C   . ALA A 1 107 ? -4.943  9.524   -5.741  1.00 51.25 ? 84  ALA A C   1 
ATOM   546  O  O   . ALA A 1 107 ? -5.142  10.699  -5.923  1.00 52.00 ? 84  ALA A O   1 
ATOM   547  C  CB  . ALA A 1 107 ? -6.763  7.803   -5.784  1.00 51.68 ? 84  ALA A CB  1 
ATOM   548  N  N   . GLU A 1 108 ? -4.103  9.126   -4.813  1.00 51.70 ? 85  GLU A N   1 
ATOM   549  C  CA  . GLU A 1 108 ? -3.320  10.142  -4.117  1.00 51.92 ? 85  GLU A CA  1 
ATOM   550  C  C   . GLU A 1 108 ? -2.580  11.108  -5.088  1.00 51.40 ? 85  GLU A C   1 
ATOM   551  O  O   . GLU A 1 108 ? -2.481  12.318  -4.820  1.00 50.76 ? 85  GLU A O   1 
ATOM   552  C  CB  . GLU A 1 108 ? -2.352  9.491   -3.094  1.00 51.10 ? 85  GLU A CB  1 
ATOM   553  C  CG  . GLU A 1 108 ? -1.652  10.503  -2.112  1.00 51.91 ? 85  GLU A CG  1 
ATOM   554  C  CD  . GLU A 1 108 ? -2.604  11.278  -1.177  1.00 51.09 ? 85  GLU A CD  1 
ATOM   555  O  OE1 . GLU A 1 108 ? -3.611  10.704  -0.679  1.00 47.47 ? 85  GLU A OE1 1 
ATOM   556  O  OE2 . GLU A 1 108 ? -2.321  12.474  -0.940  1.00 48.05 ? 85  GLU A OE2 1 
ATOM   557  N  N   . LEU A 1 109 ? -2.056  10.564  -6.195  1.00 51.57 ? 86  LEU A N   1 
ATOM   558  C  CA  . LEU A 1 109 ? -1.299  11.361  -7.178  1.00 51.97 ? 86  LEU A CA  1 
ATOM   559  C  C   . LEU A 1 109 ? -2.237  12.115  -8.095  1.00 53.21 ? 86  LEU A C   1 
ATOM   560  O  O   . LEU A 1 109 ? -1.970  13.245  -8.399  1.00 54.32 ? 86  LEU A O   1 
ATOM   561  C  CB  . LEU A 1 109 ? -0.342  10.483  -8.018  1.00 51.50 ? 86  LEU A CB  1 
ATOM   562  C  CG  . LEU A 1 109 ? 0.586   11.028  -9.140  1.00 49.96 ? 86  LEU A CG  1 
ATOM   563  C  CD1 . LEU A 1 109 ? 1.572   12.069  -8.699  1.00 41.56 ? 86  LEU A CD1 1 
ATOM   564  C  CD2 . LEU A 1 109 ? 1.381   9.863   -9.828  1.00 50.67 ? 86  LEU A CD2 1 
ATOM   565  N  N   . ALA A 1 110 ? -3.322  11.509  -8.561  1.00 55.34 ? 87  ALA A N   1 
ATOM   566  C  CA  . ALA A 1 110 ? -4.233  12.236  -9.486  1.00 57.73 ? 87  ALA A CA  1 
ATOM   567  C  C   . ALA A 1 110 ? -4.756  13.467  -8.740  1.00 59.47 ? 87  ALA A C   1 
ATOM   568  O  O   . ALA A 1 110 ? -4.570  14.625  -9.173  1.00 59.58 ? 87  ALA A O   1 
ATOM   569  C  CB  . ALA A 1 110 ? -5.375  11.358  -9.953  1.00 56.82 ? 87  ALA A CB  1 
ATOM   570  N  N   . ALA A 1 111 ? -5.330  13.185  -7.572  1.00 60.80 ? 88  ALA A N   1 
ATOM   571  C  CA  . ALA A 1 111 ? -5.789  14.178  -6.629  1.00 61.88 ? 88  ALA A CA  1 
ATOM   572  C  C   . ALA A 1 111 ? -4.700  15.006  -5.949  1.00 62.69 ? 88  ALA A C   1 
ATOM   573  O  O   . ALA A 1 111 ? -4.811  15.242  -4.757  1.00 63.11 ? 88  ALA A O   1 
ATOM   574  C  CB  . ALA A 1 111 ? -6.658  13.468  -5.551  1.00 61.59 ? 88  ALA A CB  1 
ATOM   575  N  N   . ARG A 1 112 ? -3.654  15.442  -6.649  1.00 64.06 ? 89  ARG A N   1 
ATOM   576  C  CA  . ARG A 1 112 ? -2.677  16.345  -6.005  1.00 65.35 ? 89  ARG A CA  1 
ATOM   577  C  C   . ARG A 1 112 ? -3.231  17.736  -5.722  1.00 67.06 ? 89  ARG A C   1 
ATOM   578  O  O   . ARG A 1 112 ? -2.735  18.443  -4.826  1.00 66.30 ? 89  ARG A O   1 
ATOM   579  C  CB  . ARG A 1 112 ? -1.333  16.402  -6.718  1.00 64.93 ? 89  ARG A CB  1 
ATOM   580  C  CG  . ARG A 1 112 ? -0.397  15.231  -6.335  1.00 65.95 ? 89  ARG A CG  1 
ATOM   581  C  CD  . ARG A 1 112 ? -0.518  14.842  -4.858  1.00 62.61 ? 89  ARG A CD  1 
ATOM   582  N  NE  . ARG A 1 112 ? 0.065   15.858  -3.990  1.00 60.21 ? 89  ARG A NE  1 
ATOM   583  C  CZ  . ARG A 1 112 ? -0.455  16.259  -2.828  1.00 57.21 ? 89  ARG A CZ  1 
ATOM   584  N  NH1 . ARG A 1 112 ? -1.610  15.757  -2.371  1.00 55.84 ? 89  ARG A NH1 1 
ATOM   585  N  NH2 . ARG A 1 112 ? 0.179   17.197  -2.142  1.00 52.22 ? 89  ARG A NH2 1 
ATOM   586  N  N   . PRO A 1 113 ? -4.165  18.204  -6.572  1.00 68.89 ? 90  PRO A N   1 
ATOM   587  C  CA  . PRO A 1 113 ? -4.064  18.006  -8.021  1.00 69.75 ? 90  PRO A CA  1 
ATOM   588  C  C   . PRO A 1 113 ? -3.109  19.140  -8.412  1.00 70.42 ? 90  PRO A C   1 
ATOM   589  O  O   . PRO A 1 113 ? -2.956  19.480  -9.591  1.00 70.74 ? 90  PRO A O   1 
ATOM   590  C  CB  . PRO A 1 113 ? -5.491  18.283  -8.528  1.00 70.39 ? 90  PRO A CB  1 
ATOM   591  C  CG  . PRO A 1 113 ? -6.059  19.356  -7.507  1.00 70.34 ? 90  PRO A CG  1 
ATOM   592  C  CD  . PRO A 1 113 ? -5.402  18.924  -6.162  1.00 69.51 ? 90  PRO A CD  1 
ATOM   593  N  N   . ALA A 1 114 ? -2.497  19.710  -7.371  1.00 70.46 ? 91  ALA A N   1 
ATOM   594  C  CA  . ALA A 1 114 ? -1.814  20.976  -7.446  1.00 70.70 ? 91  ALA A CA  1 
ATOM   595  C  C   . ALA A 1 114 ? -0.827  20.894  -8.585  1.00 70.71 ? 91  ALA A C   1 
ATOM   596  O  O   . ALA A 1 114 ? -0.030  19.943  -8.628  1.00 71.07 ? 91  ALA A O   1 
ATOM   597  C  CB  . ALA A 1 114 ? -1.106  21.285  -6.101  1.00 70.59 ? 91  ALA A CB  1 
ATOM   598  N  N   . GLY A 1 115 ? -0.929  21.832  -9.544  1.00 70.17 ? 92  GLY A N   1 
ATOM   599  C  CA  . GLY A 1 115 ? 0.187   22.119  -10.454 1.00 68.78 ? 92  GLY A CA  1 
ATOM   600  C  C   . GLY A 1 115 ? 1.527   22.087  -9.705  1.00 67.79 ? 92  GLY A C   1 
ATOM   601  O  O   . GLY A 1 115 ? 2.377   22.951  -9.893  1.00 68.07 ? 92  GLY A O   1 
ATOM   602  N  N   . GLU A 1 116 ? 1.682   21.072  -8.851  1.00 66.63 ? 93  GLU A N   1 
ATOM   603  C  CA  . GLU A 1 116 ? 2.840   20.823  -7.989  1.00 65.27 ? 93  GLU A CA  1 
ATOM   604  C  C   . GLU A 1 116 ? 3.999   20.228  -8.788  1.00 64.70 ? 93  GLU A C   1 
ATOM   605  O  O   . GLU A 1 116 ? 3.783   19.365  -9.644  1.00 64.62 ? 93  GLU A O   1 
ATOM   606  C  CB  . GLU A 1 116 ? 2.379   19.853  -6.894  1.00 65.64 ? 93  GLU A CB  1 
ATOM   607  C  CG  . GLU A 1 116 ? 3.464   19.252  -5.964  1.00 65.25 ? 93  GLU A CG  1 
ATOM   608  C  CD  . GLU A 1 116 ? 2.849   18.629  -4.726  1.00 64.00 ? 93  GLU A CD  1 
ATOM   609  O  OE1 . GLU A 1 116 ? 3.233   19.071  -3.617  1.00 62.32 ? 93  GLU A OE1 1 
ATOM   610  O  OE2 . GLU A 1 116 ? 1.958   17.744  -4.868  1.00 61.89 ? 93  GLU A OE2 1 
ATOM   611  N  N   . PRO A 1 117 ? 5.242   20.687  -8.538  1.00 64.53 ? 94  PRO A N   1 
ATOM   612  C  CA  . PRO A 1 117 ? 6.347   19.963  -9.195  1.00 63.61 ? 94  PRO A CA  1 
ATOM   613  C  C   . PRO A 1 117 ? 6.204   18.416  -9.077  1.00 62.67 ? 94  PRO A C   1 
ATOM   614  O  O   . PRO A 1 117 ? 5.393   17.921  -8.254  1.00 62.32 ? 94  PRO A O   1 
ATOM   615  C  CB  . PRO A 1 117 ? 7.601   20.443  -8.446  1.00 63.83 ? 94  PRO A CB  1 
ATOM   616  C  CG  . PRO A 1 117 ? 7.135   21.448  -7.391  1.00 63.90 ? 94  PRO A CG  1 
ATOM   617  C  CD  . PRO A 1 117 ? 5.723   21.833  -7.738  1.00 64.90 ? 94  PRO A CD  1 
ATOM   618  N  N   . TRP A 1 118 ? 6.961   17.678  -9.898  1.00 60.42 ? 95  TRP A N   1 
ATOM   619  C  CA  . TRP A 1 118 ? 6.966   16.189  -9.825  1.00 58.53 ? 95  TRP A CA  1 
ATOM   620  C  C   . TRP A 1 118 ? 7.575   15.647  -8.522  1.00 56.92 ? 95  TRP A C   1 
ATOM   621  O  O   . TRP A 1 118 ? 6.932   14.891  -7.809  1.00 57.46 ? 95  TRP A O   1 
ATOM   622  C  CB  . TRP A 1 118 ? 7.577   15.544  -11.100 1.00 57.60 ? 95  TRP A CB  1 
ATOM   623  C  CG  . TRP A 1 118 ? 7.987   14.089  -10.950 1.00 56.31 ? 95  TRP A CG  1 
ATOM   624  C  CD1 . TRP A 1 118 ? 9.263   13.601  -10.828 1.00 54.90 ? 95  TRP A CD1 1 
ATOM   625  C  CD2 . TRP A 1 118 ? 7.119   12.959  -10.909 1.00 54.67 ? 95  TRP A CD2 1 
ATOM   626  N  NE1 . TRP A 1 118 ? 9.239   12.248  -10.702 1.00 55.39 ? 95  TRP A NE1 1 
ATOM   627  C  CE2 . TRP A 1 118 ? 7.933   11.819  -10.743 1.00 55.81 ? 95  TRP A CE2 1 
ATOM   628  C  CE3 . TRP A 1 118 ? 5.726   12.799  -10.971 1.00 54.82 ? 95  TRP A CE3 1 
ATOM   629  C  CZ2 . TRP A 1 118 ? 7.397   10.515  -10.638 1.00 56.08 ? 95  TRP A CZ2 1 
ATOM   630  C  CZ3 . TRP A 1 118 ? 5.192   11.511  -10.893 1.00 55.76 ? 95  TRP A CZ3 1 
ATOM   631  C  CH2 . TRP A 1 118 ? 6.032   10.380  -10.715 1.00 54.39 ? 95  TRP A CH2 1 
ATOM   632  N  N   . SER A 1 119 ? 8.778   16.077  -8.197  1.00 55.93 ? 96  SER A N   1 
ATOM   633  C  CA  . SER A 1 119 ? 9.429   15.683  -6.966  1.00 56.28 ? 96  SER A CA  1 
ATOM   634  C  C   . SER A 1 119 ? 8.604   15.694  -5.660  1.00 56.14 ? 96  SER A C   1 
ATOM   635  O  O   . SER A 1 119 ? 8.818   14.835  -4.799  1.00 56.85 ? 96  SER A O   1 
ATOM   636  C  CB  . SER A 1 119 ? 10.684  16.509  -6.786  1.00 56.32 ? 96  SER A CB  1 
ATOM   637  O  OG  . SER A 1 119 ? 11.446  16.446  -7.974  1.00 57.79 ? 96  SER A OG  1 
ATOM   638  N  N   . ASP A 1 120 ? 7.694   16.663  -5.524  1.00 55.69 ? 97  ASP A N   1 
ATOM   639  C  CA  . ASP A 1 120 ? 6.906   16.897  -4.299  1.00 54.75 ? 97  ASP A CA  1 
ATOM   640  C  C   . ASP A 1 120 ? 5.602   16.144  -4.341  1.00 52.63 ? 97  ASP A C   1 
ATOM   641  O  O   . ASP A 1 120 ? 4.962   15.916  -3.310  1.00 53.08 ? 97  ASP A O   1 
ATOM   642  C  CB  . ASP A 1 120 ? 6.562   18.381  -4.138  1.00 56.25 ? 97  ASP A CB  1 
ATOM   643  C  CG  . ASP A 1 120 ? 7.767   19.294  -4.242  1.00 59.40 ? 97  ASP A CG  1 
ATOM   644  O  OD1 . ASP A 1 120 ? 8.947   18.856  -4.113  1.00 64.20 ? 97  ASP A OD1 1 
ATOM   645  O  OD2 . ASP A 1 120 ? 7.511   20.485  -4.441  1.00 64.21 ? 97  ASP A OD2 1 
ATOM   646  N  N   . SER A 1 121 ? 5.183   15.772  -5.533  1.00 50.08 ? 98  SER A N   1 
ATOM   647  C  CA  . SER A 1 121 ? 4.023   14.896  -5.651  1.00 48.68 ? 98  SER A CA  1 
ATOM   648  C  C   . SER A 1 121 ? 4.437   13.480  -5.263  1.00 46.44 ? 98  SER A C   1 
ATOM   649  O  O   . SER A 1 121 ? 3.692   12.736  -4.658  1.00 46.38 ? 98  SER A O   1 
ATOM   650  C  CB  . SER A 1 121 ? 3.459   14.919  -7.078  1.00 48.97 ? 98  SER A CB  1 
ATOM   651  O  OG  . SER A 1 121 ? 3.209   16.252  -7.478  1.00 51.49 ? 98  SER A OG  1 
ATOM   652  N  N   . LEU A 1 122 ? 5.659   13.156  -5.628  1.00 43.93 ? 99  LEU A N   1 
ATOM   653  C  CA  . LEU A 1 122 ? 6.228   11.869  -5.459  1.00 42.54 ? 99  LEU A CA  1 
ATOM   654  C  C   . LEU A 1 122 ? 6.638   11.680  -3.997  1.00 41.87 ? 99  LEU A C   1 
ATOM   655  O  O   . LEU A 1 122 ? 6.556   10.580  -3.465  1.00 42.48 ? 99  LEU A O   1 
ATOM   656  C  CB  . LEU A 1 122 ? 7.402   11.734  -6.467  1.00 41.47 ? 99  LEU A CB  1 
ATOM   657  C  CG  . LEU A 1 122 ? 8.073   10.380  -6.568  1.00 41.80 ? 99  LEU A CG  1 
ATOM   658  C  CD1 . LEU A 1 122 ? 6.982   9.351   -6.921  1.00 38.02 ? 99  LEU A CD1 1 
ATOM   659  C  CD2 . LEU A 1 122 ? 9.366   10.348  -7.494  1.00 42.05 ? 99  LEU A CD2 1 
ATOM   660  N  N   . ARG A 1 123 ? 7.017   12.773  -3.338  1.00 41.95 ? 100 ARG A N   1 
ATOM   661  C  CA  . ARG A 1 123 ? 7.325   12.794  -1.912  1.00 40.53 ? 100 ARG A CA  1 
ATOM   662  C  C   . ARG A 1 123 ? 6.017   12.650  -1.165  1.00 39.13 ? 100 ARG A C   1 
ATOM   663  O  O   . ARG A 1 123 ? 5.791   11.743  -0.325  1.00 39.02 ? 100 ARG A O   1 
ATOM   664  C  CB  . ARG A 1 123 ? 8.015   14.116  -1.607  1.00 42.20 ? 100 ARG A CB  1 
ATOM   665  C  CG  . ARG A 1 123 ? 8.563   14.291  -0.141  1.00 45.24 ? 100 ARG A CG  1 
ATOM   666  C  CD  . ARG A 1 123 ? 10.055  14.819  -0.133  1.00 49.45 ? 100 ARG A CD  1 
ATOM   667  N  NE  . ARG A 1 123 ? 10.678  14.860  1.196   1.00 44.35 ? 100 ARG A NE  1 
ATOM   668  C  CZ  . ARG A 1 123 ? 9.963   14.901  2.296   1.00 48.02 ? 100 ARG A CZ  1 
ATOM   669  N  NH1 . ARG A 1 123 ? 8.659   14.903  2.186   1.00 53.42 ? 100 ARG A NH1 1 
ATOM   670  N  NH2 . ARG A 1 123 ? 10.511  14.938  3.493   1.00 48.80 ? 100 ARG A NH2 1 
ATOM   671  N  N   . HIS A 1 124 ? 5.074   13.477  -1.532  1.00 38.11 ? 101 HIS A N   1 
ATOM   672  C  CA  . HIS A 1 124 ? 3.746   13.280  -0.970  1.00 35.99 ? 101 HIS A CA  1 
ATOM   673  C  C   . HIS A 1 124 ? 3.326   11.810  -1.027  1.00 34.81 ? 101 HIS A C   1 
ATOM   674  O  O   . HIS A 1 124 ? 3.103   11.181  -0.019  1.00 34.77 ? 101 HIS A O   1 
ATOM   675  C  CB  . HIS A 1 124 ? 2.695   14.173  -1.663  1.00 34.53 ? 101 HIS A CB  1 
ATOM   676  C  CG  . HIS A 1 124 ? 1.381   14.133  -0.985  1.00 31.21 ? 101 HIS A CG  1 
ATOM   677  N  ND1 . HIS A 1 124 ? 1.097   14.897  0.136   1.00 35.00 ? 101 HIS A ND1 1 
ATOM   678  C  CD2 . HIS A 1 124 ? 0.286   13.381  -1.222  1.00 32.66 ? 101 HIS A CD2 1 
ATOM   679  C  CE1 . HIS A 1 124 ? -0.111  14.585  0.576   1.00 36.56 ? 101 HIS A CE1 1 
ATOM   680  N  NE2 . HIS A 1 124 ? -0.634  13.676  -0.242  1.00 32.26 ? 101 HIS A NE2 1 
ATOM   681  N  N   . VAL A 1 125 ? 3.108   11.306  -2.228  1.00 35.44 ? 102 VAL A N   1 
ATOM   682  C  CA  . VAL A 1 125 ? 2.470   9.982   -2.376  1.00 35.09 ? 102 VAL A CA  1 
ATOM   683  C  C   . VAL A 1 125 ? 3.212   8.808   -1.730  1.00 33.70 ? 102 VAL A C   1 
ATOM   684  O  O   . VAL A 1 125 ? 2.543   7.829   -1.327  1.00 34.29 ? 102 VAL A O   1 
ATOM   685  C  CB  . VAL A 1 125 ? 2.031   9.599   -3.900  1.00 35.11 ? 102 VAL A CB  1 
ATOM   686  C  CG1 . VAL A 1 125 ? 1.811   10.827  -4.843  1.00 35.04 ? 102 VAL A CG1 1 
ATOM   687  C  CG2 . VAL A 1 125 ? 2.944   8.607   -4.521  1.00 37.77 ? 102 VAL A CG2 1 
ATOM   688  N  N   . LEU A 1 126 ? 4.554   8.872   -1.670  1.00 31.65 ? 103 LEU A N   1 
ATOM   689  C  CA  . LEU A 1 126 ? 5.331   7.763   -1.122  1.00 31.71 ? 103 LEU A CA  1 
ATOM   690  C  C   . LEU A 1 126 ? 5.320   7.756   0.427   1.00 30.32 ? 103 LEU A C   1 
ATOM   691  O  O   . LEU A 1 126 ? 5.331   6.717   1.060   1.00 30.37 ? 103 LEU A O   1 
ATOM   692  C  CB  . LEU A 1 126 ? 6.796   7.769   -1.701  1.00 32.24 ? 103 LEU A CB  1 
ATOM   693  C  CG  . LEU A 1 126 ? 7.744   6.619   -1.280  1.00 32.80 ? 103 LEU A CG  1 
ATOM   694  C  CD1 . LEU A 1 126 ? 7.037   5.224   -1.476  1.00 27.80 ? 103 LEU A CD1 1 
ATOM   695  C  CD2 . LEU A 1 126 ? 9.208   6.646   -1.904  1.00 29.50 ? 103 LEU A CD2 1 
ATOM   696  N  N   . ARG A 1 127 ? 5.321   8.940   1.009   1.00 29.88 ? 104 ARG A N   1 
ATOM   697  C  CA  . ARG A 1 127 ? 5.259   9.178   2.473   1.00 29.34 ? 104 ARG A CA  1 
ATOM   698  C  C   . ARG A 1 127 ? 3.943   8.681   2.965   1.00 30.78 ? 104 ARG A C   1 
ATOM   699  O  O   . ARG A 1 127 ? 3.871   7.954   3.980   1.00 33.88 ? 104 ARG A O   1 
ATOM   700  C  CB  . ARG A 1 127 ? 5.409   10.687  2.806   1.00 28.37 ? 104 ARG A CB  1 
ATOM   701  C  CG  . ARG A 1 127 ? 6.821   11.233  2.736   1.00 28.50 ? 104 ARG A CG  1 
ATOM   702  C  CD  . ARG A 1 127 ? 6.927   12.785  3.050   1.00 30.13 ? 104 ARG A CD  1 
ATOM   703  N  NE  . ARG A 1 127 ? 6.348   13.092  4.371   1.00 36.15 ? 104 ARG A NE  1 
ATOM   704  C  CZ  . ARG A 1 127 ? 6.997   13.073  5.534   1.00 32.50 ? 104 ARG A CZ  1 
ATOM   705  N  NH1 . ARG A 1 127 ? 8.285   12.782  5.598   1.00 33.28 ? 104 ARG A NH1 1 
ATOM   706  N  NH2 . ARG A 1 127 ? 6.339   13.388  6.645   1.00 35.76 ? 104 ARG A NH2 1 
ATOM   707  N  N   . LYS A 1 128 ? 2.892   8.990   2.224   1.00 31.74 ? 105 LYS A N   1 
ATOM   708  C  CA  . LYS A 1 128 ? 1.524   8.613   2.614   1.00 31.84 ? 105 LYS A CA  1 
ATOM   709  C  C   . LYS A 1 128 ? 1.309   7.137   2.509   1.00 30.16 ? 105 LYS A C   1 
ATOM   710  O  O   . LYS A 1 128 ? 0.751   6.546   3.397   1.00 30.13 ? 105 LYS A O   1 
ATOM   711  C  CB  . LYS A 1 128 ? 0.531   9.297   1.663   1.00 34.65 ? 105 LYS A CB  1 
ATOM   712  C  CG  . LYS A 1 128 ? -0.704  9.959   2.325   1.00 38.52 ? 105 LYS A CG  1 
ATOM   713  C  CD  . LYS A 1 128 ? -0.390  11.504  2.464   1.00 40.91 ? 105 LYS A CD  1 
ATOM   714  C  CE  . LYS A 1 128 ? -1.286  12.322  3.445   1.00 41.78 ? 105 LYS A CE  1 
ATOM   715  N  NZ  . LYS A 1 128 ? -0.471  13.478  4.099   1.00 42.40 ? 105 LYS A NZ  1 
ATOM   716  N  N   . ALA A 1 129 ? 1.680   6.570   1.357   1.00 28.15 ? 106 ALA A N   1 
ATOM   717  C  CA  . ALA A 1 129 ? 1.642   5.147   1.082   1.00 26.66 ? 106 ALA A CA  1 
ATOM   718  C  C   . ALA A 1 129 ? 2.338   4.246   2.122   1.00 25.69 ? 106 ALA A C   1 
ATOM   719  O  O   . ALA A 1 129 ? 1.831   3.139   2.431   1.00 24.43 ? 106 ALA A O   1 
ATOM   720  C  CB  . ALA A 1 129 ? 2.202   4.848   -0.422  1.00 27.75 ? 106 ALA A CB  1 
ATOM   721  N  N   . LEU A 1 130 ? 3.426   4.770   2.691   1.00 27.38 ? 107 LEU A N   1 
ATOM   722  C  CA  . LEU A 1 130 ? 4.134   4.134   3.836   1.00 30.00 ? 107 LEU A CA  1 
ATOM   723  C  C   . LEU A 1 130 ? 3.684   4.430   5.293   1.00 31.65 ? 107 LEU A C   1 
ATOM   724  O  O   . LEU A 1 130 ? 4.049   3.659   6.216   1.00 30.73 ? 107 LEU A O   1 
ATOM   725  C  CB  . LEU A 1 130 ? 5.654   4.363   3.706   1.00 30.41 ? 107 LEU A CB  1 
ATOM   726  C  CG  . LEU A 1 130 ? 6.338   3.636   2.525   1.00 28.87 ? 107 LEU A CG  1 
ATOM   727  C  CD1 . LEU A 1 130 ? 7.597   4.414   2.085   1.00 27.95 ? 107 LEU A CD1 1 
ATOM   728  C  CD2 . LEU A 1 130 ? 6.680   2.226   2.969   1.00 27.21 ? 107 LEU A CD2 1 
ATOM   729  N  N   . GLY A 1 131 ? 2.938   5.532   5.510   1.00 32.48 ? 108 GLY A N   1 
ATOM   730  C  CA  . GLY A 1 131 ? 2.280   5.770   6.763   1.00 33.98 ? 108 GLY A CA  1 
ATOM   731  C  C   . GLY A 1 131 ? 2.904   6.953   7.428   1.00 37.47 ? 108 GLY A C   1 
ATOM   732  O  O   . GLY A 1 131 ? 2.845   7.089   8.626   1.00 38.34 ? 108 GLY A O   1 
ATOM   733  N  N   . LEU A 1 132 ? 3.506   7.836   6.648   1.00 40.11 ? 109 LEU A N   1 
ATOM   734  C  CA  . LEU A 1 132 ? 3.985   9.114   7.193   1.00 43.36 ? 109 LEU A CA  1 
ATOM   735  C  C   . LEU A 1 132 ? 2.875   10.215  7.199   1.00 46.63 ? 109 LEU A C   1 
ATOM   736  O  O   . LEU A 1 132 ? 2.122   10.400  6.235   1.00 46.24 ? 109 LEU A O   1 
ATOM   737  C  CB  . LEU A 1 132 ? 5.260   9.579   6.483   1.00 41.48 ? 109 LEU A CB  1 
ATOM   738  C  CG  . LEU A 1 132 ? 6.450   8.611   6.660   1.00 42.04 ? 109 LEU A CG  1 
ATOM   739  C  CD1 . LEU A 1 132 ? 7.592   8.967   5.676   1.00 37.57 ? 109 LEU A CD1 1 
ATOM   740  C  CD2 . LEU A 1 132 ? 6.932   8.503   8.173   1.00 37.43 ? 109 LEU A CD2 1 
ATOM   741  N  N   . GLY A 1 133 ? 2.748   10.904  8.323   1.00 50.16 ? 110 GLY A N   1 
ATOM   742  C  CA  . GLY A 1 133 ? 1.672   11.889  8.451   1.00 54.18 ? 110 GLY A CA  1 
ATOM   743  C  C   . GLY A 1 133 ? 0.910   11.750  9.730   1.00 56.90 ? 110 GLY A C   1 
ATOM   744  O  O   . GLY A 1 133 ? 0.908   10.673  10.352  1.00 58.43 ? 110 GLY A O   1 
ATOM   745  N  N   . ALA A 1 134 ? 0.316   12.865  10.165  1.00 59.53 ? 111 ALA A N   1 
ATOM   746  C  CA  . ALA A 1 134 ? -0.717  12.846  11.226  1.00 60.70 ? 111 ALA A CA  1 
ATOM   747  C  C   . ALA A 1 134 ? -1.908  12.031  10.734  1.00 61.32 ? 111 ALA A C   1 
ATOM   748  O  O   . ALA A 1 134 ? -2.057  11.760  9.539   1.00 62.66 ? 111 ALA A O   1 
ATOM   749  C  CB  . ALA A 1 134 ? -1.142  14.278  11.607  1.00 60.54 ? 111 ALA A CB  1 
ATOM   750  N  N   . GLY A 1 135 ? -2.776  11.656  11.647  1.00 62.12 ? 112 GLY A N   1 
ATOM   751  C  CA  . GLY A 1 135 ? -3.790  10.675  11.325  1.00 62.31 ? 112 GLY A CA  1 
ATOM   752  C  C   . GLY A 1 135 ? -3.408  9.431   12.108  1.00 62.60 ? 112 GLY A C   1 
ATOM   753  O  O   . GLY A 1 135 ? -2.194  9.121   12.294  1.00 62.48 ? 112 GLY A O   1 
ATOM   754  N  N   . GLU A 1 136 ? -4.438  8.742   12.597  1.00 61.82 ? 113 GLU A N   1 
ATOM   755  C  CA  . GLU A 1 136 ? -4.283  7.382   13.124  1.00 60.97 ? 113 GLU A CA  1 
ATOM   756  C  C   . GLU A 1 136 ? -4.701  6.430   11.977  1.00 59.26 ? 113 GLU A C   1 
ATOM   757  O  O   . GLU A 1 136 ? -4.720  5.187   12.117  1.00 58.68 ? 113 GLU A O   1 
ATOM   758  C  CB  . GLU A 1 136 ? -5.077  7.205   14.443  1.00 61.91 ? 113 GLU A CB  1 
ATOM   759  C  CG  . GLU A 1 136 ? -4.671  8.241   15.611  1.00 65.05 ? 113 GLU A CG  1 
ATOM   760  C  CD  . GLU A 1 136 ? -5.144  9.761   15.371  1.00 68.55 ? 113 GLU A CD  1 
ATOM   761  O  OE1 . GLU A 1 136 ? -4.317  10.690  15.635  1.00 64.22 ? 113 GLU A OE1 1 
ATOM   762  O  OE2 . GLU A 1 136 ? -6.327  10.010  14.927  1.00 66.21 ? 113 GLU A OE2 1 
ATOM   763  N  N   . GLU A 1 137 ? -5.043  7.071   10.851  1.00 57.39 ? 114 GLU A N   1 
ATOM   764  C  CA  . GLU A 1 137 ? -5.161  6.478   9.525   1.00 55.84 ? 114 GLU A CA  1 
ATOM   765  C  C   . GLU A 1 137 ? -3.759  6.202   8.968   1.00 52.88 ? 114 GLU A C   1 
ATOM   766  O  O   . GLU A 1 137 ? -3.541  5.166   8.393   1.00 53.54 ? 114 GLU A O   1 
ATOM   767  C  CB  . GLU A 1 137 ? -5.873  7.458   8.603   1.00 56.98 ? 114 GLU A CB  1 
ATOM   768  C  CG  . GLU A 1 137 ? -6.540  6.837   7.376   1.00 62.33 ? 114 GLU A CG  1 
ATOM   769  C  CD  . GLU A 1 137 ? -6.459  7.757   6.131   1.00 68.98 ? 114 GLU A CD  1 
ATOM   770  O  OE1 . GLU A 1 137 ? -7.491  8.412   5.779   1.00 69.85 ? 114 GLU A OE1 1 
ATOM   771  O  OE2 . GLU A 1 137 ? -5.354  7.818   5.501   1.00 72.32 ? 114 GLU A OE2 1 
ATOM   772  N  N   . ALA A 1 138 ? -2.840  7.158   9.116   1.00 49.41 ? 115 ALA A N   1 
ATOM   773  C  CA  . ALA A 1 138 ? -1.394  6.936   9.029   1.00 46.21 ? 115 ALA A CA  1 
ATOM   774  C  C   . ALA A 1 138 ? -0.921  5.826   9.971   1.00 44.71 ? 115 ALA A C   1 
ATOM   775  O  O   . ALA A 1 138 ? -0.097  4.991   9.604   1.00 44.63 ? 115 ALA A O   1 
ATOM   776  C  CB  . ALA A 1 138 ? -0.665  8.180   9.305   1.00 45.65 ? 115 ALA A CB  1 
ATOM   777  N  N   . GLU A 1 139 ? -1.479  5.748   11.159  1.00 42.71 ? 116 GLU A N   1 
ATOM   778  C  CA  . GLU A 1 139 ? -1.039  4.732   12.083  1.00 41.69 ? 116 GLU A CA  1 
ATOM   779  C  C   . GLU A 1 139 ? -1.320  3.301   11.630  1.00 39.27 ? 116 GLU A C   1 
ATOM   780  O  O   . GLU A 1 139 ? -0.539  2.380   11.856  1.00 39.49 ? 116 GLU A O   1 
ATOM   781  C  CB  . GLU A 1 139 ? -1.563  5.032   13.492  1.00 41.19 ? 116 GLU A CB  1 
ATOM   782  C  CG  . GLU A 1 139 ? -1.016  4.073   14.641  1.00 44.43 ? 116 GLU A CG  1 
ATOM   783  C  CD  . GLU A 1 139 ? -1.459  4.528   16.045  1.00 46.40 ? 116 GLU A CD  1 
ATOM   784  O  OE1 . GLU A 1 139 ? -1.267  5.740   16.351  1.00 49.64 ? 116 GLU A OE1 1 
ATOM   785  O  OE2 . GLU A 1 139 ? -2.076  3.706   16.800  1.00 50.97 ? 116 GLU A OE2 1 
ATOM   786  N  N   . LEU A 1 140 ? -2.436  3.122   10.975  1.00 38.39 ? 117 LEU A N   1 
ATOM   787  C  CA  . LEU A 1 140 ? -2.848  1.843   10.412  1.00 38.04 ? 117 LEU A CA  1 
ATOM   788  C  C   . LEU A 1 140 ? -2.004  1.480   9.197   1.00 35.80 ? 117 LEU A C   1 
ATOM   789  O  O   . LEU A 1 140 ? -1.598  0.347   8.994   1.00 33.28 ? 117 LEU A O   1 
ATOM   790  C  CB  . LEU A 1 140 ? -4.294  2.007   9.946   1.00 39.73 ? 117 LEU A CB  1 
ATOM   791  C  CG  . LEU A 1 140 ? -5.136  0.782   9.609   1.00 43.88 ? 117 LEU A CG  1 
ATOM   792  C  CD1 . LEU A 1 140 ? -6.137  0.524   10.750  1.00 48.77 ? 117 LEU A CD1 1 
ATOM   793  C  CD2 . LEU A 1 140 ? -5.855  1.104   8.283   1.00 49.83 ? 117 LEU A CD2 1 
ATOM   794  N  N   . ILE A 1 141 ? -1.776  2.469   8.366   1.00 34.67 ? 118 ILE A N   1 
ATOM   795  C  CA  . ILE A 1 141 ? -0.855  2.275   7.276   1.00 35.19 ? 118 ILE A CA  1 
ATOM   796  C  C   . ILE A 1 141 ? 0.556   1.861   7.705   1.00 33.64 ? 118 ILE A C   1 
ATOM   797  O  O   . ILE A 1 141 ? 1.097   0.878   7.181   1.00 32.64 ? 118 ILE A O   1 
ATOM   798  C  CB  . ILE A 1 141 ? -0.833  3.504   6.393   1.00 35.77 ? 118 ILE A CB  1 
ATOM   799  C  CG1 . ILE A 1 141 ? -2.205  3.579   5.732   1.00 32.81 ? 118 ILE A CG1 1 
ATOM   800  C  CG2 . ILE A 1 141 ? 0.221   3.310   5.366   1.00 35.87 ? 118 ILE A CG2 1 
ATOM   801  C  CD1 . ILE A 1 141 ? -2.409  4.793   4.979   1.00 36.38 ? 118 ILE A CD1 1 
ATOM   802  N  N   . ARG A 1 142 ? 1.117   2.549   8.696   1.00 32.64 ? 119 ARG A N   1 
ATOM   803  C  CA  . ARG A 1 142 ? 2.378   2.113   9.262   1.00 31.52 ? 119 ARG A CA  1 
ATOM   804  C  C   . ARG A 1 142 ? 2.430   0.623   9.673   1.00 31.13 ? 119 ARG A C   1 
ATOM   805  O  O   . ARG A 1 142 ? 3.497   0.003   9.637   1.00 30.40 ? 119 ARG A O   1 
ATOM   806  C  CB  . ARG A 1 142 ? 2.728   2.958   10.440  1.00 31.53 ? 119 ARG A CB  1 
ATOM   807  C  CG  . ARG A 1 142 ? 3.054   4.334   10.030  1.00 33.03 ? 119 ARG A CG  1 
ATOM   808  C  CD  . ARG A 1 142 ? 3.831   4.983   11.130  1.00 32.95 ? 119 ARG A CD  1 
ATOM   809  N  NE  . ARG A 1 142 ? 3.010   5.427   12.255  1.00 34.51 ? 119 ARG A NE  1 
ATOM   810  C  CZ  . ARG A 1 142 ? 2.320   6.554   12.286  1.00 33.75 ? 119 ARG A CZ  1 
ATOM   811  N  NH1 . ARG A 1 142 ? 2.276   7.364   11.227  1.00 35.49 ? 119 ARG A NH1 1 
ATOM   812  N  NH2 . ARG A 1 142 ? 1.689   6.883   13.390  1.00 34.39 ? 119 ARG A NH2 1 
ATOM   813  N  N   . LEU A 1 143 ? 1.290   0.041   10.024  1.00 31.97 ? 120 LEU A N   1 
ATOM   814  C  CA  . LEU A 1 143 ? 1.247   -1.321  10.562  1.00 31.72 ? 120 LEU A CA  1 
ATOM   815  C  C   . LEU A 1 143 ? 1.419   -2.237  9.351   1.00 32.08 ? 120 LEU A C   1 
ATOM   816  O  O   . LEU A 1 143 ? 2.040   -3.296  9.458   1.00 30.55 ? 120 LEU A O   1 
ATOM   817  C  CB  . LEU A 1 143 ? -0.148  -1.631  11.150  1.00 32.18 ? 120 LEU A CB  1 
ATOM   818  C  CG  . LEU A 1 143 ? -0.441  -2.774  12.152  1.00 35.39 ? 120 LEU A CG  1 
ATOM   819  C  CD1 . LEU A 1 143 ? -1.698  -3.516  11.810  1.00 40.44 ? 120 LEU A CD1 1 
ATOM   820  C  CD2 . LEU A 1 143 ? 0.742   -3.819  12.303  1.00 42.87 ? 120 LEU A CD2 1 
ATOM   821  N  N   . ARG A 1 144 ? 0.735   -1.853  8.270   1.00 29.68 ? 121 ARG A N   1 
ATOM   822  C  CA  . ARG A 1 144 ? 0.815   -2.510  6.996   1.00 31.18 ? 121 ARG A CA  1 
ATOM   823  C  C   . ARG A 1 144 ? 2.286   -2.392  6.488   1.00 31.13 ? 121 ARG A C   1 
ATOM   824  O  O   . ARG A 1 144 ? 2.807   -3.355  5.913   1.00 31.66 ? 121 ARG A O   1 
ATOM   825  C  CB  . ARG A 1 144 ? -0.150  -1.852  5.975   1.00 28.20 ? 121 ARG A CB  1 
ATOM   826  C  CG  . ARG A 1 144 ? -0.128  -2.555  4.681   1.00 35.34 ? 121 ARG A CG  1 
ATOM   827  C  CD  . ARG A 1 144 ? -1.167  -2.087  3.672   1.00 38.25 ? 121 ARG A CD  1 
ATOM   828  N  NE  . ARG A 1 144 ? -0.808  -0.850  2.989   1.00 42.48 ? 121 ARG A NE  1 
ATOM   829  C  CZ  . ARG A 1 144 ? -1.567  0.251   2.995   1.00 48.22 ? 121 ARG A CZ  1 
ATOM   830  N  NH1 . ARG A 1 144 ? -2.726  0.246   3.696   1.00 48.83 ? 121 ARG A NH1 1 
ATOM   831  N  NH2 . ARG A 1 144 ? -1.178  1.346   2.308   1.00 44.27 ? 121 ARG A NH2 1 
ATOM   832  N  N   . THR A 1 145 ? 2.937   -1.244  6.695   1.00 29.95 ? 122 THR A N   1 
ATOM   833  C  CA  . THR A 1 145 ? 4.375   -1.096  6.361   1.00 29.69 ? 122 THR A CA  1 
ATOM   834  C  C   . THR A 1 145 ? 5.222   -2.150  7.114   1.00 30.19 ? 122 THR A C   1 
ATOM   835  O  O   . THR A 1 145 ? 6.026   -2.789  6.484   1.00 26.79 ? 122 THR A O   1 
ATOM   836  C  CB  . THR A 1 145 ? 4.869   0.361   6.537   1.00 30.51 ? 122 THR A CB  1 
ATOM   837  O  OG1 . THR A 1 145 ? 4.109   1.222   5.670   1.00 30.40 ? 122 THR A OG1 1 
ATOM   838  C  CG2 . THR A 1 145 ? 6.341   0.515   6.197   1.00 26.23 ? 122 THR A CG2 1 
ATOM   839  N  N   . ARG A 1 146 ? 4.980   -2.352  8.426   1.00 30.45 ? 123 ARG A N   1 
ATOM   840  C  CA  . ARG A 1 146 ? 5.674   -3.377  9.224   1.00 30.64 ? 123 ARG A CA  1 
ATOM   841  C  C   . ARG A 1 146 ? 5.343   -4.780  8.759   1.00 31.60 ? 123 ARG A C   1 
ATOM   842  O  O   . ARG A 1 146 ? 6.237   -5.616  8.650   1.00 29.64 ? 123 ARG A O   1 
ATOM   843  C  CB  . ARG A 1 146 ? 5.451   -3.290  10.741  1.00 29.87 ? 123 ARG A CB  1 
ATOM   844  C  CG  . ARG A 1 146 ? 6.088   -2.170  11.533  1.00 31.25 ? 123 ARG A CG  1 
ATOM   845  C  CD  . ARG A 1 146 ? 7.682   -2.170  11.599  1.00 39.73 ? 123 ARG A CD  1 
ATOM   846  N  NE  . ARG A 1 146 ? 8.115   -1.259  12.695  1.00 44.63 ? 123 ARG A NE  1 
ATOM   847  C  CZ  . ARG A 1 146 ? 9.371   -0.831  12.980  1.00 44.45 ? 123 ARG A CZ  1 
ATOM   848  N  NH1 . ARG A 1 146 ? 9.550   -0.013  13.984  1.00 45.05 ? 123 ARG A NH1 1 
ATOM   849  N  NH2 . ARG A 1 146 ? 10.450  -1.187  12.309  1.00 41.22 ? 123 ARG A NH2 1 
ATOM   850  N  N   . LEU A 1 147 ? 4.068   -5.084  8.477   1.00 33.47 ? 124 LEU A N   1 
ATOM   851  C  CA  . LEU A 1 147 ? 3.752   -6.412  7.877   1.00 33.95 ? 124 LEU A CA  1 
ATOM   852  C  C   . LEU A 1 147 ? 4.455   -6.771  6.559   1.00 34.29 ? 124 LEU A C   1 
ATOM   853  O  O   . LEU A 1 147 ? 4.939   -7.900  6.368   1.00 35.05 ? 124 LEU A O   1 
ATOM   854  C  CB  . LEU A 1 147 ? 2.266   -6.604  7.713   1.00 35.17 ? 124 LEU A CB  1 
ATOM   855  C  CG  . LEU A 1 147 ? 1.453   -6.535  9.010   1.00 34.53 ? 124 LEU A CG  1 
ATOM   856  C  CD1 . LEU A 1 147 ? -0.021  -6.385  8.630   1.00 32.21 ? 124 LEU A CD1 1 
ATOM   857  C  CD2 . LEU A 1 147 ? 1.737   -7.783  9.822   1.00 33.09 ? 124 LEU A CD2 1 
ATOM   858  N  N   . LEU A 1 148 ? 4.415   -5.861  5.609   1.00 35.65 ? 125 LEU A N   1 
ATOM   859  C  CA  . LEU A 1 148 ? 5.309   -5.879  4.464   1.00 37.86 ? 125 LEU A CA  1 
ATOM   860  C  C   . LEU A 1 148 ? 6.772   -6.334  4.803   1.00 39.45 ? 125 LEU A C   1 
ATOM   861  O  O   . LEU A 1 148 ? 7.349   -7.188  4.110   1.00 40.51 ? 125 LEU A O   1 
ATOM   862  C  CB  . LEU A 1 148 ? 5.309   -4.467  3.868   1.00 38.10 ? 125 LEU A CB  1 
ATOM   863  C  CG  . LEU A 1 148 ? 5.402   -4.156  2.380   1.00 38.48 ? 125 LEU A CG  1 
ATOM   864  C  CD1 . LEU A 1 148 ? 4.561   -5.160  1.505   1.00 32.80 ? 125 LEU A CD1 1 
ATOM   865  C  CD2 . LEU A 1 148 ? 4.878   -2.787  2.271   1.00 35.09 ? 125 LEU A CD2 1 
ATOM   866  N  N   . ALA A 1 149 ? 7.391   -5.774  5.844   1.00 39.18 ? 126 ALA A N   1 
ATOM   867  C  CA  . ALA A 1 149 ? 8.699   -6.236  6.209   1.00 39.49 ? 126 ALA A CA  1 
ATOM   868  C  C   . ALA A 1 149 ? 8.689   -7.579  6.963   1.00 42.42 ? 126 ALA A C   1 
ATOM   869  O  O   . ALA A 1 149 ? 9.603   -8.353  6.763   1.00 43.48 ? 126 ALA A O   1 
ATOM   870  C  CB  . ALA A 1 149 ? 9.422   -5.204  6.995   1.00 38.99 ? 126 ALA A CB  1 
ATOM   871  N  N   . GLU A 1 150 ? 7.721   -7.859  7.839   1.00 43.37 ? 127 GLU A N   1 
ATOM   872  C  CA  . GLU A 1 150 ? 7.818   -9.019  8.694   1.00 46.68 ? 127 GLU A CA  1 
ATOM   873  C  C   . GLU A 1 150 ? 7.243   -10.297 8.100   1.00 47.99 ? 127 GLU A C   1 
ATOM   874  O  O   . GLU A 1 150 ? 7.437   -11.383 8.671   1.00 48.44 ? 127 GLU A O   1 
ATOM   875  C  CB  . GLU A 1 150 ? 7.135   -8.846  10.075  1.00 47.20 ? 127 GLU A CB  1 
ATOM   876  C  CG  . GLU A 1 150 ? 6.829   -7.467  10.643  1.00 52.12 ? 127 GLU A CG  1 
ATOM   877  C  CD  . GLU A 1 150 ? 7.952   -6.858  11.455  1.00 61.46 ? 127 GLU A CD  1 
ATOM   878  O  OE1 . GLU A 1 150 ? 7.637   -6.135  12.469  1.00 59.46 ? 127 GLU A OE1 1 
ATOM   879  O  OE2 . GLU A 1 150 ? 9.147   -7.067  11.047  1.00 65.43 ? 127 GLU A OE2 1 
ATOM   880  N  N   . VAL A 1 151 ? 6.454   -10.188 7.032   1.00 49.47 ? 128 VAL A N   1 
ATOM   881  C  CA  . VAL A 1 151 ? 5.664   -11.351 6.587   1.00 49.23 ? 128 VAL A CA  1 
ATOM   882  C  C   . VAL A 1 151 ? 5.950   -11.549 5.121   1.00 49.42 ? 128 VAL A C   1 
ATOM   883  O  O   . VAL A 1 151 ? 5.419   -10.828 4.267   1.00 49.52 ? 128 VAL A O   1 
ATOM   884  C  CB  . VAL A 1 151 ? 4.119   -11.246 6.889   1.00 49.93 ? 128 VAL A CB  1 
ATOM   885  C  CG1 . VAL A 1 151 ? 3.391   -12.561 6.521   1.00 51.31 ? 128 VAL A CG1 1 
ATOM   886  C  CG2 . VAL A 1 151 ? 3.828   -10.906 8.358   1.00 47.61 ? 128 VAL A CG2 1 
ATOM   887  N  N   . PRO A 1 152 ? 6.838   -12.517 4.795   1.00 49.71 ? 129 PRO A N   1 
ATOM   888  C  CA  . PRO A 1 152 ? 7.006   -12.649 3.369   1.00 48.93 ? 129 PRO A CA  1 
ATOM   889  C  C   . PRO A 1 152 ? 5.708   -13.189 2.777   1.00 47.86 ? 129 PRO A C   1 
ATOM   890  O  O   . PRO A 1 152 ? 5.392   -12.759 1.677   1.00 47.47 ? 129 PRO A O   1 
ATOM   891  C  CB  . PRO A 1 152 ? 8.185   -13.632 3.210   1.00 49.59 ? 129 PRO A CB  1 
ATOM   892  C  CG  . PRO A 1 152 ? 8.791   -13.778 4.605   1.00 49.79 ? 129 PRO A CG  1 
ATOM   893  C  CD  . PRO A 1 152 ? 7.657   -13.488 5.550   1.00 50.37 ? 129 PRO A CD  1 
ATOM   894  N  N   . ALA A 1 153 ? 4.945   -14.061 3.479   1.00 46.56 ? 130 ALA A N   1 
ATOM   895  C  CA  . ALA A 1 153 ? 3.526   -14.289 3.039   1.00 46.85 ? 130 ALA A CA  1 
ATOM   896  C  C   . ALA A 1 153 ? 2.781   -12.975 2.593   1.00 47.24 ? 130 ALA A C   1 
ATOM   897  O  O   . ALA A 1 153 ? 2.245   -12.912 1.478   1.00 47.17 ? 130 ALA A O   1 
ATOM   898  C  CB  . ALA A 1 153 ? 2.699   -15.031 4.087   1.00 47.11 ? 130 ALA A CB  1 
ATOM   899  N  N   . VAL A 1 154 ? 2.799   -11.928 3.439   1.00 45.24 ? 131 VAL A N   1 
ATOM   900  C  CA  . VAL A 1 154 ? 2.262   -10.587 3.014   1.00 45.42 ? 131 VAL A CA  1 
ATOM   901  C  C   . VAL A 1 154 ? 3.078   -9.943  1.914   1.00 43.34 ? 131 VAL A C   1 
ATOM   902  O  O   . VAL A 1 154 ? 2.530   -9.469  0.923   1.00 42.15 ? 131 VAL A O   1 
ATOM   903  C  CB  . VAL A 1 154 ? 2.101   -9.562  4.208   1.00 44.63 ? 131 VAL A CB  1 
ATOM   904  C  CG1 . VAL A 1 154 ? 1.780   -8.231  3.686   1.00 43.61 ? 131 VAL A CG1 1 
ATOM   905  C  CG2 . VAL A 1 154 ? 1.051   -10.050 5.178   1.00 42.41 ? 131 VAL A CG2 1 
ATOM   906  N  N   . ARG A 1 155 ? 4.401   -9.917  2.097   1.00 43.98 ? 132 ARG A N   1 
ATOM   907  C  CA  . ARG A 1 155 ? 5.305   -9.392  1.036   1.00 43.29 ? 132 ARG A CA  1 
ATOM   908  C  C   . ARG A 1 155 ? 5.300   -10.307 -0.235  1.00 43.25 ? 132 ARG A C   1 
ATOM   909  O  O   . ARG A 1 155 ? 5.282   -9.819  -1.409  1.00 43.00 ? 132 ARG A O   1 
ATOM   910  C  CB  . ARG A 1 155 ? 6.725   -9.195  1.612   1.00 44.28 ? 132 ARG A CB  1 
ATOM   911  C  CG  . ARG A 1 155 ? 7.804   -8.746  0.539   1.00 44.33 ? 132 ARG A CG  1 
ATOM   912  C  CD  . ARG A 1 155 ? 9.156   -8.306  1.172   1.00 43.65 ? 132 ARG A CD  1 
ATOM   913  N  NE  . ARG A 1 155 ? 9.955   -9.423  1.671   1.00 46.57 ? 132 ARG A NE  1 
ATOM   914  C  CZ  . ARG A 1 155 ? 9.945   -9.902  2.914   1.00 50.50 ? 132 ARG A CZ  1 
ATOM   915  N  NH1 . ARG A 1 155 ? 9.150   -9.397  3.860   1.00 47.85 ? 132 ARG A NH1 1 
ATOM   916  N  NH2 . ARG A 1 155 ? 10.748  -10.921 3.212   1.00 54.34 ? 132 ARG A NH2 1 
ATOM   917  N  N   . ALA A 1 156 ? 5.279   -11.620 -0.024  1.00 42.64 ? 133 ALA A N   1 
ATOM   918  C  CA  . ALA A 1 156 ? 5.011   -12.531 -1.140  1.00 45.55 ? 133 ALA A CA  1 
ATOM   919  C  C   . ALA A 1 156 ? 3.791   -12.129 -1.981  1.00 46.01 ? 133 ALA A C   1 
ATOM   920  O  O   . ALA A 1 156 ? 3.941   -11.973 -3.211  1.00 45.79 ? 133 ALA A O   1 
ATOM   921  C  CB  . ALA A 1 156 ? 4.893   -14.016 -0.682  1.00 45.64 ? 133 ALA A CB  1 
ATOM   922  N  N   . ARG A 1 157 ? 2.623   -11.957 -1.310  1.00 45.88 ? 134 ARG A N   1 
ATOM   923  C  CA  . ARG A 1 157 ? 1.354   -11.624 -1.981  1.00 45.23 ? 134 ARG A CA  1 
ATOM   924  C  C   . ARG A 1 157 ? 1.415   -10.219 -2.572  1.00 43.49 ? 134 ARG A C   1 
ATOM   925  O  O   . ARG A 1 157 ? 0.990   -9.998  -3.659  1.00 41.76 ? 134 ARG A O   1 
ATOM   926  C  CB  . ARG A 1 157 ? 0.121   -11.784 -1.057  1.00 45.75 ? 134 ARG A CB  1 
ATOM   927  C  CG  . ARG A 1 157 ? -1.273  -11.244 -1.662  1.00 49.09 ? 134 ARG A CG  1 
ATOM   928  C  CD  . ARG A 1 157 ? -2.139  -12.398 -2.346  1.00 57.29 ? 134 ARG A CD  1 
ATOM   929  N  NE  . ARG A 1 157 ? -2.743  -12.042 -3.651  1.00 61.62 ? 134 ARG A NE  1 
ATOM   930  C  CZ  . ARG A 1 157 ? -3.934  -12.501 -4.123  1.00 65.46 ? 134 ARG A CZ  1 
ATOM   931  N  NH1 . ARG A 1 157 ? -4.715  -13.327 -3.407  1.00 65.54 ? 134 ARG A NH1 1 
ATOM   932  N  NH2 . ARG A 1 157 ? -4.386  -12.107 -5.312  1.00 61.62 ? 134 ARG A NH2 1 
HETATM 933  N  N   . MSE A 1 158 ? 1.976   -9.261  -1.862  1.00 43.91 ? 135 MSE A N   1 
HETATM 934  C  CA  . MSE A 1 158 ? 1.998   -7.919  -2.421  1.00 44.51 ? 135 MSE A CA  1 
HETATM 935  C  C   . MSE A 1 158 ? 2.853   -7.983  -3.677  1.00 46.57 ? 135 MSE A C   1 
HETATM 936  O  O   . MSE A 1 158 ? 2.731   -7.142  -4.624  1.00 44.75 ? 135 MSE A O   1 
HETATM 937  C  CB  . MSE A 1 158 ? 2.556   -6.954  -1.382  1.00 44.14 ? 135 MSE A CB  1 
HETATM 938  C  CG  . MSE A 1 158 ? 2.715   -5.519  -1.929  1.00 44.53 ? 135 MSE A CG  1 
HETATM 939  SE SE  . MSE A 1 158 ? 4.605   -5.051  -2.592  0.70 55.54 ? 135 MSE A SE  1 
HETATM 940  C  CE  . MSE A 1 158 ? 4.148   -3.031  -2.483  1.00 37.14 ? 135 MSE A CE  1 
ATOM   941  N  N   . LEU A 1 159 ? 3.724   -9.021  -3.684  1.00 48.58 ? 136 LEU A N   1 
ATOM   942  C  CA  . LEU A 1 159 ? 4.597   -9.266  -4.819  1.00 50.42 ? 136 LEU A CA  1 
ATOM   943  C  C   . LEU A 1 159 ? 3.910   -9.888  -5.998  1.00 51.89 ? 136 LEU A C   1 
ATOM   944  O  O   . LEU A 1 159 ? 4.031   -9.398  -7.128  1.00 52.80 ? 136 LEU A O   1 
ATOM   945  C  CB  . LEU A 1 159 ? 5.863   -10.011 -4.426  1.00 50.39 ? 136 LEU A CB  1 
ATOM   946  C  CG  . LEU A 1 159 ? 7.203   -9.283  -4.581  1.00 48.07 ? 136 LEU A CG  1 
ATOM   947  C  CD1 . LEU A 1 159 ? 7.186   -7.713  -4.819  1.00 40.18 ? 136 LEU A CD1 1 
ATOM   948  C  CD2 . LEU A 1 159 ? 8.077   -9.749  -3.449  1.00 44.16 ? 136 LEU A CD2 1 
ATOM   949  N  N   . GLU A 1 160 ? 3.164   -10.946 -5.773  1.00 53.87 ? 137 GLU A N   1 
ATOM   950  C  CA  . GLU A 1 160 ? 2.269   -11.455 -6.861  1.00 56.17 ? 137 GLU A CA  1 
ATOM   951  C  C   . GLU A 1 160 ? 1.232   -10.374 -7.285  1.00 56.41 ? 137 GLU A C   1 
ATOM   952  O  O   . GLU A 1 160 ? 1.047   -10.076 -8.458  1.00 56.78 ? 137 GLU A O   1 
ATOM   953  C  CB  . GLU A 1 160 ? 1.615   -12.767 -6.431  1.00 55.72 ? 137 GLU A CB  1 
ATOM   954  C  CG  . GLU A 1 160 ? 0.090   -12.799 -6.405  1.00 58.03 ? 137 GLU A CG  1 
ATOM   955  C  CD  . GLU A 1 160 ? -0.411  -14.186 -5.974  1.00 59.93 ? 137 GLU A CD  1 
ATOM   956  O  OE1 . GLU A 1 160 ? -0.941  -14.934 -6.844  1.00 61.27 ? 137 GLU A OE1 1 
ATOM   957  O  OE2 . GLU A 1 160 ? -0.208  -14.547 -4.778  1.00 63.84 ? 137 GLU A OE2 1 
ATOM   958  N  N   . ASN A 1 161 ? 0.591   -9.738  -6.314  1.00 56.88 ? 138 ASN A N   1 
ATOM   959  C  CA  . ASN A 1 161 ? -0.196  -8.588  -6.640  1.00 57.63 ? 138 ASN A CA  1 
ATOM   960  C  C   . ASN A 1 161 ? 0.600   -7.767  -7.658  1.00 57.75 ? 138 ASN A C   1 
ATOM   961  O  O   . ASN A 1 161 ? 0.063   -7.269  -8.672  1.00 56.58 ? 138 ASN A O   1 
ATOM   962  C  CB  . ASN A 1 161 ? -0.519  -7.805  -5.361  1.00 56.83 ? 138 ASN A CB  1 
ATOM   963  C  CG  . ASN A 1 161 ? -1.810  -8.355  -4.639  1.00 59.53 ? 138 ASN A CG  1 
ATOM   964  O  OD1 . ASN A 1 161 ? -2.173  -9.531  -4.790  1.00 58.60 ? 138 ASN A OD1 1 
ATOM   965  N  ND2 . ASN A 1 161 ? -2.495  -7.488  -3.879  1.00 58.29 ? 138 ASN A ND2 1 
HETATM 966  N  N   . MSE A 1 162 ? 1.905   -7.700  -7.394  1.00 58.36 ? 139 MSE A N   1 
HETATM 967  C  CA  . MSE A 1 162 ? 2.695   -6.596  -7.853  1.00 59.30 ? 139 MSE A CA  1 
HETATM 968  C  C   . MSE A 1 162 ? 3.062   -6.632  -9.306  1.00 59.72 ? 139 MSE A C   1 
HETATM 969  O  O   . MSE A 1 162 ? 3.598   -5.664  -9.810  1.00 60.88 ? 139 MSE A O   1 
HETATM 970  C  CB  . MSE A 1 162 ? 3.925   -6.439  -6.990  1.00 59.32 ? 139 MSE A CB  1 
HETATM 971  C  CG  . MSE A 1 162 ? 4.826   -5.389  -7.493  1.00 59.31 ? 139 MSE A CG  1 
HETATM 972  SE SE  . MSE A 1 162 ? 6.339   -5.147  -6.328  0.60 60.18 ? 139 MSE A SE  1 
HETATM 973  C  CE  . MSE A 1 162 ? 7.615   -4.451  -7.588  1.00 59.48 ? 139 MSE A CE  1 
ATOM   974  N  N   . SER A 1 163 ? 2.785   -7.727  -9.998  1.00 60.70 ? 140 SER A N   1 
ATOM   975  C  CA  . SER A 1 163 ? 2.818   -7.669  -11.457 1.00 61.57 ? 140 SER A CA  1 
ATOM   976  C  C   . SER A 1 163 ? 1.444   -7.386  -12.002 1.00 62.25 ? 140 SER A C   1 
ATOM   977  O  O   . SER A 1 163 ? 1.209   -6.347  -12.679 1.00 63.64 ? 140 SER A O   1 
ATOM   978  C  CB  . SER A 1 163 ? 3.262   -8.992  -12.080 1.00 61.99 ? 140 SER A CB  1 
ATOM   979  O  OG  . SER A 1 163 ? 2.440   -9.298  -13.209 1.00 59.66 ? 140 SER A OG  1 
ATOM   980  N  N   . ASP A 1 164 ? 0.572   -8.366  -11.751 1.00 61.87 ? 141 ASP A N   1 
ATOM   981  C  CA  . ASP A 1 164 ? -0.810  -8.395  -12.174 1.00 61.55 ? 141 ASP A CA  1 
ATOM   982  C  C   . ASP A 1 164 ? -1.547  -7.049  -12.022 1.00 60.64 ? 141 ASP A C   1 
ATOM   983  O  O   . ASP A 1 164 ? -2.769  -7.013  -12.110 1.00 60.87 ? 141 ASP A O   1 
ATOM   984  C  CB  . ASP A 1 164 ? -1.533  -9.515  -11.420 1.00 62.49 ? 141 ASP A CB  1 
ATOM   985  C  CG  . ASP A 1 164 ? -2.432  -10.349 -12.323 1.00 65.09 ? 141 ASP A CG  1 
ATOM   986  O  OD1 . ASP A 1 164 ? -2.892  -9.796  -13.362 1.00 67.75 ? 141 ASP A OD1 1 
ATOM   987  O  OD2 . ASP A 1 164 ? -2.667  -11.555 -11.993 1.00 64.67 ? 141 ASP A OD2 1 
ATOM   988  N  N   . THR A 1 165 ? -0.811  -5.959  -11.772 1.00 59.35 ? 142 THR A N   1 
ATOM   989  C  CA  . THR A 1 165 ? -1.191  -4.641  -12.298 1.00 58.74 ? 142 THR A CA  1 
ATOM   990  C  C   . THR A 1 165 ? -0.570  -3.440  -11.447 1.00 58.43 ? 142 THR A C   1 
ATOM   991  O  O   . THR A 1 165 ? 0.461   -3.669  -10.742 1.00 58.79 ? 142 THR A O   1 
ATOM   992  C  CB  . THR A 1 165 ? -2.710  -4.699  -12.894 1.00 58.58 ? 142 THR A CB  1 
ATOM   993  O  OG1 . THR A 1 165 ? -2.738  -4.335  -14.271 1.00 58.64 ? 142 THR A OG1 1 
ATOM   994  C  CG2 . THR A 1 165 ? -3.825  -4.018  -12.082 1.00 58.54 ? 142 THR A CG2 1 
ATOM   995  N  N   . GLY A 1 166 ? -1.127  -2.219  -11.416 1.00 56.93 ? 143 GLY A N   1 
ATOM   996  C  CA  . GLY A 1 166 ? -2.540  -1.905  -11.618 1.00 55.21 ? 143 GLY A CA  1 
ATOM   997  C  C   . GLY A 1 166 ? -2.600  -1.206  -12.949 1.00 54.04 ? 143 GLY A C   1 
ATOM   998  O  O   . GLY A 1 166 ? -3.586  -1.319  -13.761 1.00 54.15 ? 143 GLY A O   1 
ATOM   999  N  N   . ARG A 1 167 ? -1.477  -0.538  -13.178 1.00 50.84 ? 144 ARG A N   1 
ATOM   1000 C  CA  . ARG A 1 167 ? -1.369  0.338   -14.260 1.00 47.53 ? 144 ARG A CA  1 
ATOM   1001 C  C   . ARG A 1 167 ? -2.266  1.563   -14.031 1.00 45.86 ? 144 ARG A C   1 
ATOM   1002 O  O   . ARG A 1 167 ? -2.096  2.557   -14.737 1.00 45.26 ? 144 ARG A O   1 
ATOM   1003 C  CB  . ARG A 1 167 ? -1.552  -0.440  -15.560 1.00 47.80 ? 144 ARG A CB  1 
ATOM   1004 C  CG  . ARG A 1 167 ? -0.320  -1.337  -15.853 1.00 44.68 ? 144 ARG A CG  1 
ATOM   1005 C  CD  . ARG A 1 167 ? -0.684  -2.535  -16.664 1.00 38.95 ? 144 ARG A CD  1 
ATOM   1006 N  NE  . ARG A 1 167 ? 0.429   -3.279  -17.275 1.00 39.91 ? 144 ARG A NE  1 
ATOM   1007 C  CZ  . ARG A 1 167 ? 1.729   -3.329  -16.896 1.00 38.72 ? 144 ARG A CZ  1 
ATOM   1008 N  NH1 . ARG A 1 167 ? 2.231   -2.655  -15.855 1.00 31.28 ? 144 ARG A NH1 1 
ATOM   1009 N  NH2 . ARG A 1 167 ? 2.558   -4.085  -17.611 1.00 36.57 ? 144 ARG A NH2 1 
HETATM 1010 N  N   . MSE A 1 168 ? -3.099  1.562   -12.978 1.00 43.51 ? 145 MSE A N   1 
HETATM 1011 C  CA  . MSE A 1 168 ? -3.687  2.871   -12.492 1.00 44.80 ? 145 MSE A CA  1 
HETATM 1012 C  C   . MSE A 1 168 ? -2.630  3.868   -12.035 1.00 40.99 ? 145 MSE A C   1 
HETATM 1013 O  O   . MSE A 1 168 ? -2.741  5.056   -12.318 1.00 39.56 ? 145 MSE A O   1 
HETATM 1014 C  CB  . MSE A 1 168 ? -4.719  2.708   -11.379 1.00 43.79 ? 145 MSE A CB  1 
HETATM 1015 C  CG  . MSE A 1 168 ? -5.927  1.836   -11.815 1.00 48.22 ? 145 MSE A CG  1 
HETATM 1016 SE SE  . MSE A 1 168 ? -7.281  1.894   -10.459 0.50 54.97 ? 145 MSE A SE  1 
HETATM 1017 C  CE  . MSE A 1 168 ? -7.964  3.746   -10.714 1.00 50.35 ? 145 MSE A CE  1 
ATOM   1018 N  N   . LEU A 1 169 ? -1.600  3.395   -11.334 1.00 37.82 ? 146 LEU A N   1 
ATOM   1019 C  CA  . LEU A 1 169 ? -0.546  4.324   -10.909 1.00 36.96 ? 146 LEU A CA  1 
ATOM   1020 C  C   . LEU A 1 169 ? 0.170   4.787   -12.141 1.00 35.14 ? 146 LEU A C   1 
ATOM   1021 O  O   . LEU A 1 169 ? 0.393   5.971   -12.299 1.00 34.55 ? 146 LEU A O   1 
ATOM   1022 C  CB  . LEU A 1 169 ? 0.478   3.700   -9.926  1.00 36.42 ? 146 LEU A CB  1 
ATOM   1023 C  CG  . LEU A 1 169 ? 1.259   4.559   -8.901  1.00 36.43 ? 146 LEU A CG  1 
ATOM   1024 C  CD1 . LEU A 1 169 ? 2.654   4.169   -8.900  1.00 31.49 ? 146 LEU A CD1 1 
ATOM   1025 C  CD2 . LEU A 1 169 ? 1.123   6.136   -8.933  1.00 32.11 ? 146 LEU A CD2 1 
ATOM   1026 N  N   . ALA A 1 170 ? 0.516   3.853   -13.015 1.00 34.20 ? 147 ALA A N   1 
ATOM   1027 C  CA  . ALA A 1 170 ? 1.126   4.217   -14.319 1.00 35.74 ? 147 ALA A CA  1 
ATOM   1028 C  C   . ALA A 1 170 ? 0.306   5.244   -15.121 1.00 36.05 ? 147 ALA A C   1 
ATOM   1029 O  O   . ALA A 1 170 ? 0.877   6.141   -15.763 1.00 34.44 ? 147 ALA A O   1 
ATOM   1030 C  CB  . ALA A 1 170 ? 1.453   2.992   -15.192 1.00 32.80 ? 147 ALA A CB  1 
ATOM   1031 N  N   . ARG A 1 171 ? -1.015  5.093   -15.079 1.00 39.01 ? 148 ARG A N   1 
ATOM   1032 C  CA  . ARG A 1 171 ? -1.904  6.007   -15.808 1.00 42.84 ? 148 ARG A CA  1 
ATOM   1033 C  C   . ARG A 1 171 ? -1.920  7.389   -15.185 1.00 43.32 ? 148 ARG A C   1 
ATOM   1034 O  O   . ARG A 1 171 ? -1.881  8.375   -15.879 1.00 45.58 ? 148 ARG A O   1 
ATOM   1035 C  CB  . ARG A 1 171 ? -3.277  5.384   -15.992 1.00 43.22 ? 148 ARG A CB  1 
ATOM   1036 C  CG  . ARG A 1 171 ? -3.240  4.358   -17.174 1.00 48.84 ? 148 ARG A CG  1 
ATOM   1037 C  CD  . ARG A 1 171 ? -4.656  3.964   -17.643 1.00 56.25 ? 148 ARG A CD  1 
ATOM   1038 N  NE  . ARG A 1 171 ? -4.788  3.846   -19.113 1.00 59.99 ? 148 ARG A NE  1 
ATOM   1039 C  CZ  . ARG A 1 171 ? -5.309  4.786   -19.919 1.00 63.14 ? 148 ARG A CZ  1 
ATOM   1040 N  NH1 . ARG A 1 171 ? -5.399  4.563   -21.230 1.00 64.30 ? 148 ARG A NH1 1 
ATOM   1041 N  NH2 . ARG A 1 171 ? -5.735  5.960   -19.428 1.00 62.66 ? 148 ARG A NH2 1 
ATOM   1042 N  N   . ALA A 1 172 ? -1.828  7.466   -13.873 1.00 43.73 ? 149 ALA A N   1 
ATOM   1043 C  CA  . ALA A 1 172 ? -1.716  8.769   -13.167 1.00 43.12 ? 149 ALA A CA  1 
ATOM   1044 C  C   . ALA A 1 172 ? -0.352  9.439   -13.312 1.00 43.18 ? 149 ALA A C   1 
ATOM   1045 O  O   . ALA A 1 172 ? -0.205  10.650  -13.231 1.00 45.11 ? 149 ALA A O   1 
ATOM   1046 C  CB  . ALA A 1 172 ? -2.078  8.573   -11.694 1.00 41.86 ? 149 ALA A CB  1 
ATOM   1047 N  N   . ILE A 1 173 ? 0.688   8.662   -13.518 1.00 42.97 ? 150 ILE A N   1 
ATOM   1048 C  CA  . ILE A 1 173 ? 1.993   9.269   -13.749 1.00 41.05 ? 150 ILE A CA  1 
ATOM   1049 C  C   . ILE A 1 173 ? 1.941   9.888   -15.137 1.00 41.99 ? 150 ILE A C   1 
ATOM   1050 O  O   . ILE A 1 173 ? 2.447   10.948  -15.342 1.00 41.92 ? 150 ILE A O   1 
ATOM   1051 C  CB  . ILE A 1 173 ? 3.148   8.222   -13.626 1.00 40.71 ? 150 ILE A CB  1 
ATOM   1052 C  CG1 . ILE A 1 173 ? 3.303   7.753   -12.164 1.00 38.14 ? 150 ILE A CG1 1 
ATOM   1053 C  CG2 . ILE A 1 173 ? 4.401   8.791   -14.208 1.00 38.64 ? 150 ILE A CG2 1 
ATOM   1054 C  CD1 . ILE A 1 173 ? 4.243   6.520   -11.969 1.00 39.42 ? 150 ILE A CD1 1 
ATOM   1055 N  N   . ALA A 1 174 ? 1.326   9.209   -16.096 1.00 43.69 ? 151 ALA A N   1 
ATOM   1056 C  CA  . ALA A 1 174 ? 1.200   9.738   -17.451 1.00 45.41 ? 151 ALA A CA  1 
ATOM   1057 C  C   . ALA A 1 174 ? 0.408   11.099  -17.466 1.00 47.51 ? 151 ALA A C   1 
ATOM   1058 O  O   . ALA A 1 174 ? 0.927   12.110  -17.983 1.00 47.73 ? 151 ALA A O   1 
ATOM   1059 C  CB  . ALA A 1 174 ? 0.594   8.719   -18.365 1.00 43.56 ? 151 ALA A CB  1 
ATOM   1060 N  N   . ASP A 1 175 ? -0.771  11.169  -16.844 1.00 49.43 ? 152 ASP A N   1 
ATOM   1061 C  CA  . ASP A 1 175 ? -1.462  12.475  -16.770 1.00 51.84 ? 152 ASP A CA  1 
ATOM   1062 C  C   . ASP A 1 175 ? -0.456  13.549  -16.396 1.00 52.01 ? 152 ASP A C   1 
ATOM   1063 O  O   . ASP A 1 175 ? -0.186  14.452  -17.201 1.00 53.72 ? 152 ASP A O   1 
ATOM   1064 C  CB  . ASP A 1 175 ? -2.659  12.456  -15.823 1.00 51.86 ? 152 ASP A CB  1 
ATOM   1065 C  CG  . ASP A 1 175 ? -3.590  11.281  -16.095 1.00 55.66 ? 152 ASP A CG  1 
ATOM   1066 O  OD1 . ASP A 1 175 ? -3.638  10.805  -17.245 1.00 59.11 ? 152 ASP A OD1 1 
ATOM   1067 O  OD2 . ASP A 1 175 ? -4.277  10.803  -15.170 1.00 61.09 ? 152 ASP A OD2 1 
ATOM   1068 N  N   . ARG A 1 176 ? 0.163   13.432  -15.235 1.00 52.37 ? 153 ARG A N   1 
ATOM   1069 C  CA  . ARG A 1 176 ? 1.054   14.514  -14.768 1.00 53.27 ? 153 ARG A CA  1 
ATOM   1070 C  C   . ARG A 1 176 ? 2.483   14.593  -15.317 1.00 53.93 ? 153 ARG A C   1 
ATOM   1071 O  O   . ARG A 1 176 ? 3.300   15.410  -14.837 1.00 54.16 ? 153 ARG A O   1 
ATOM   1072 C  CB  . ARG A 1 176 ? 1.053   14.668  -13.242 1.00 53.54 ? 153 ARG A CB  1 
ATOM   1073 C  CG  . ARG A 1 176 ? 0.416   13.554  -12.391 1.00 54.87 ? 153 ARG A CG  1 
ATOM   1074 C  CD  . ARG A 1 176 ? -0.299  14.199  -11.151 1.00 58.49 ? 153 ARG A CD  1 
ATOM   1075 N  NE  . ARG A 1 176 ? 0.307   15.468  -10.672 1.00 59.56 ? 153 ARG A NE  1 
ATOM   1076 C  CZ  . ARG A 1 176 ? -0.378  16.487  -10.117 1.00 58.33 ? 153 ARG A CZ  1 
ATOM   1077 N  NH1 . ARG A 1 176 ? -1.690  16.409  -9.938  1.00 52.94 ? 153 ARG A NH1 1 
ATOM   1078 N  NH2 . ARG A 1 176 ? 0.268   17.581  -9.708  1.00 58.34 ? 153 ARG A NH2 1 
ATOM   1079 N  N   . THR A 1 177 ? 2.799   13.765  -16.313 1.00 54.34 ? 154 THR A N   1 
ATOM   1080 C  CA  . THR A 1 177 ? 4.043   13.957  -17.066 1.00 54.57 ? 154 THR A CA  1 
ATOM   1081 C  C   . THR A 1 177 ? 3.646   14.139  -18.500 1.00 53.63 ? 154 THR A C   1 
ATOM   1082 O  O   . THR A 1 177 ? 4.434   14.635  -19.292 1.00 53.14 ? 154 THR A O   1 
ATOM   1083 C  CB  . THR A 1 177 ? 5.004   12.743  -17.013 1.00 55.04 ? 154 THR A CB  1 
ATOM   1084 O  OG1 . THR A 1 177 ? 4.286   11.584  -17.451 1.00 57.27 ? 154 THR A OG1 1 
ATOM   1085 C  CG2 . THR A 1 177 ? 5.534   12.529  -15.617 1.00 55.11 ? 154 THR A CG2 1 
ATOM   1086 N  N   . GLY A 1 178 ? 2.422   13.711  -18.821 1.00 53.10 ? 155 GLY A N   1 
ATOM   1087 C  CA  . GLY A 1 178 ? 1.889   13.771  -20.211 1.00 52.54 ? 155 GLY A CA  1 
ATOM   1088 C  C   . GLY A 1 178 ? 2.323   12.595  -21.081 1.00 51.72 ? 155 GLY A C   1 
ATOM   1089 O  O   . GLY A 1 178 ? 1.861   12.447  -22.234 1.00 52.70 ? 155 GLY A O   1 
ATOM   1090 N  N   . LEU A 1 179 ? 3.210   11.753  -20.524 1.00 50.60 ? 156 LEU A N   1 
ATOM   1091 C  CA  . LEU A 1 179 ? 3.686   10.512  -21.160 1.00 47.05 ? 156 LEU A CA  1 
ATOM   1092 C  C   . LEU A 1 179 ? 2.606   9.574   -21.705 1.00 45.24 ? 156 LEU A C   1 
ATOM   1093 O  O   . LEU A 1 179 ? 1.420   9.641   -21.375 1.00 44.93 ? 156 LEU A O   1 
ATOM   1094 C  CB  . LEU A 1 179 ? 4.595   9.802   -20.165 1.00 48.01 ? 156 LEU A CB  1 
ATOM   1095 C  CG  . LEU A 1 179 ? 6.119   9.867   -20.362 1.00 48.27 ? 156 LEU A CG  1 
ATOM   1096 C  CD1 . LEU A 1 179 ? 6.543   10.831  -21.475 1.00 52.98 ? 156 LEU A CD1 1 
ATOM   1097 C  CD2 . LEU A 1 179 ? 6.765   10.260  -19.077 1.00 48.57 ? 156 LEU A CD2 1 
ATOM   1098 N  N   . ASP A 1 180 ? 3.001   8.685   -22.582 1.00 43.48 ? 157 ASP A N   1 
ATOM   1099 C  CA  . ASP A 1 180 ? 2.071   7.667   -23.012 1.00 40.83 ? 157 ASP A CA  1 
ATOM   1100 C  C   . ASP A 1 180 ? 1.685   6.768   -21.746 1.00 39.73 ? 157 ASP A C   1 
ATOM   1101 O  O   . ASP A 1 180 ? 2.514   6.150   -21.097 1.00 36.96 ? 157 ASP A O   1 
ATOM   1102 C  CB  . ASP A 1 180 ? 2.615   6.954   -24.291 1.00 40.08 ? 157 ASP A CB  1 
ATOM   1103 C  CG  . ASP A 1 180 ? 1.712   5.823   -24.782 1.00 43.31 ? 157 ASP A CG  1 
ATOM   1104 O  OD1 . ASP A 1 180 ? 0.556   5.700   -24.306 1.00 43.26 ? 157 ASP A OD1 1 
ATOM   1105 O  OD2 . ASP A 1 180 ? 2.168   5.012   -25.639 1.00 44.94 ? 157 ASP A OD2 1 
ATOM   1106 N  N   . PRO A 1 181 ? 0.402   6.811   -21.382 1.00 39.28 ? 158 PRO A N   1 
ATOM   1107 C  CA  . PRO A 1 181 ? -0.313  6.096   -20.350 1.00 38.05 ? 158 PRO A CA  1 
ATOM   1108 C  C   . PRO A 1 181 ? -0.173  4.591   -20.495 1.00 37.66 ? 158 PRO A C   1 
ATOM   1109 O  O   . PRO A 1 181 ? -0.298  3.857   -19.524 1.00 35.12 ? 158 PRO A O   1 
ATOM   1110 C  CB  . PRO A 1 181 ? -1.790  6.468   -20.599 1.00 37.43 ? 158 PRO A CB  1 
ATOM   1111 C  CG  . PRO A 1 181 ? -1.874  7.074   -22.077 1.00 37.00 ? 158 PRO A CG  1 
ATOM   1112 C  CD  . PRO A 1 181 ? -0.487  7.759   -22.130 1.00 39.96 ? 158 PRO A CD  1 
ATOM   1113 N  N   . ASP A 1 182 ? 0.025   4.133   -21.715 1.00 38.50 ? 159 ASP A N   1 
ATOM   1114 C  CA  . ASP A 1 182 ? 0.157   2.685   -21.969 1.00 39.12 ? 159 ASP A CA  1 
ATOM   1115 C  C   . ASP A 1 182 ? 1.603   2.358   -22.427 1.00 37.93 ? 159 ASP A C   1 
ATOM   1116 O  O   . ASP A 1 182 ? 1.867   1.230   -22.862 1.00 39.20 ? 159 ASP A O   1 
ATOM   1117 C  CB  . ASP A 1 182 ? -0.796  2.214   -23.100 1.00 40.58 ? 159 ASP A CB  1 
ATOM   1118 C  CG  . ASP A 1 182 ? -2.274  2.239   -22.720 1.00 43.07 ? 159 ASP A CG  1 
ATOM   1119 O  OD1 . ASP A 1 182 ? -2.618  1.748   -21.626 1.00 44.11 ? 159 ASP A OD1 1 
ATOM   1120 O  OD2 . ASP A 1 182 ? -3.098  2.710   -23.560 1.00 46.94 ? 159 ASP A OD2 1 
ATOM   1121 N  N   . GLY A 1 183 ? 2.501   3.321   -22.332 1.00 34.62 ? 160 GLY A N   1 
ATOM   1122 C  CA  . GLY A 1 183 ? 3.846   3.150   -22.754 1.00 33.04 ? 160 GLY A CA  1 
ATOM   1123 C  C   . GLY A 1 183 ? 4.700   2.428   -21.720 1.00 31.29 ? 160 GLY A C   1 
ATOM   1124 O  O   . GLY A 1 183 ? 4.313   2.223   -20.576 1.00 28.78 ? 160 GLY A O   1 
ATOM   1125 N  N   . LEU A 1 184 ? 5.856   2.044   -22.191 1.00 29.02 ? 161 LEU A N   1 
ATOM   1126 C  CA  . LEU A 1 184 ? 6.860   1.425   -21.391 1.00 30.34 ? 161 LEU A CA  1 
ATOM   1127 C  C   . LEU A 1 184 ? 7.324   2.293   -20.233 1.00 30.60 ? 161 LEU A C   1 
ATOM   1128 O  O   . LEU A 1 184 ? 7.496   1.790   -19.109 1.00 33.39 ? 161 LEU A O   1 
ATOM   1129 C  CB  . LEU A 1 184 ? 8.052   1.034   -22.248 1.00 28.34 ? 161 LEU A CB  1 
ATOM   1130 C  CG  . LEU A 1 184 ? 9.033   0.032   -21.650 1.00 29.44 ? 161 LEU A CG  1 
ATOM   1131 C  CD1 . LEU A 1 184 ? 8.433   -1.029  -20.848 1.00 28.57 ? 161 LEU A CD1 1 
ATOM   1132 C  CD2 . LEU A 1 184 ? 10.012  -0.579  -22.742 1.00 29.37 ? 161 LEU A CD2 1 
ATOM   1133 N  N   . GLU A 1 185 ? 7.554   3.562   -20.502 1.00 29.84 ? 162 GLU A N   1 
ATOM   1134 C  CA  . GLU A 1 185 ? 8.389   4.389   -19.623 1.00 30.28 ? 162 GLU A CA  1 
ATOM   1135 C  C   . GLU A 1 185 ? 7.748   4.533   -18.279 1.00 29.50 ? 162 GLU A C   1 
ATOM   1136 O  O   . GLU A 1 185 ? 8.396   4.602   -17.266 1.00 31.19 ? 162 GLU A O   1 
ATOM   1137 C  CB  . GLU A 1 185 ? 8.679   5.763   -20.283 1.00 30.78 ? 162 GLU A CB  1 
ATOM   1138 C  CG  . GLU A 1 185 ? 9.893   5.673   -21.344 1.00 30.90 ? 162 GLU A CG  1 
ATOM   1139 C  CD  . GLU A 1 185 ? 9.476   5.109   -22.747 1.00 36.18 ? 162 GLU A CD  1 
ATOM   1140 O  OE1 . GLU A 1 185 ? 10.421  5.052   -23.636 1.00 32.86 ? 162 GLU A OE1 1 
ATOM   1141 O  OE2 . GLU A 1 185 ? 8.229   4.741   -22.956 1.00 28.10 ? 162 GLU A OE2 1 
ATOM   1142 N  N   . VAL A 1 186 ? 6.439   4.561   -18.302 1.00 28.62 ? 163 VAL A N   1 
ATOM   1143 C  CA  . VAL A 1 186 ? 5.639   4.855   -17.202 1.00 28.90 ? 163 VAL A CA  1 
ATOM   1144 C  C   . VAL A 1 186 ? 5.389   3.596   -16.337 1.00 27.40 ? 163 VAL A C   1 
ATOM   1145 O  O   . VAL A 1 186 ? 5.138   3.670   -15.175 1.00 26.20 ? 163 VAL A O   1 
ATOM   1146 C  CB  . VAL A 1 186 ? 4.437   5.603   -17.769 1.00 28.62 ? 163 VAL A CB  1 
ATOM   1147 C  CG1 . VAL A 1 186 ? 3.076   4.853   -17.716 1.00 31.03 ? 163 VAL A CG1 1 
ATOM   1148 C  CG2 . VAL A 1 186 ? 4.406   6.979   -17.218 1.00 33.24 ? 163 VAL A CG2 1 
ATOM   1149 N  N   . ARG A 1 187 ? 5.450   2.456   -16.950 1.00 26.73 ? 164 ARG A N   1 
ATOM   1150 C  CA  . ARG A 1 187 ? 5.430   1.182   -16.283 1.00 27.11 ? 164 ARG A CA  1 
ATOM   1151 C  C   . ARG A 1 187 ? 6.745   0.933   -15.542 1.00 27.32 ? 164 ARG A C   1 
ATOM   1152 O  O   . ARG A 1 187 ? 6.766   0.482   -14.383 1.00 25.52 ? 164 ARG A O   1 
ATOM   1153 C  CB  . ARG A 1 187 ? 5.243   0.146   -17.370 1.00 27.13 ? 164 ARG A CB  1 
ATOM   1154 C  CG  . ARG A 1 187 ? 3.763   -0.021  -17.835 1.00 23.08 ? 164 ARG A CG  1 
ATOM   1155 C  CD  . ARG A 1 187 ? 3.725   -0.800  -19.100 1.00 23.05 ? 164 ARG A CD  1 
ATOM   1156 N  NE  . ARG A 1 187 ? 2.357   -1.001  -19.506 1.00 28.15 ? 164 ARG A NE  1 
ATOM   1157 C  CZ  . ARG A 1 187 ? 1.850   -1.946  -20.282 1.00 30.11 ? 164 ARG A CZ  1 
ATOM   1158 N  NH1 . ARG A 1 187 ? 2.562   -2.971  -20.682 1.00 33.33 ? 164 ARG A NH1 1 
ATOM   1159 N  NH2 . ARG A 1 187 ? 0.549   -1.871  -20.598 1.00 32.73 ? 164 ARG A NH2 1 
ATOM   1160 N  N   . ILE A 1 188 ? 7.853   1.279   -16.191 1.00 27.12 ? 165 ILE A N   1 
ATOM   1161 C  CA  . ILE A 1 188 ? 9.181   1.227   -15.514 1.00 26.54 ? 165 ILE A CA  1 
ATOM   1162 C  C   . ILE A 1 188 ? 9.169   2.107   -14.250 1.00 27.00 ? 165 ILE A C   1 
ATOM   1163 O  O   . ILE A 1 188 ? 9.339   1.604   -13.139 1.00 28.21 ? 165 ILE A O   1 
ATOM   1164 C  CB  . ILE A 1 188 ? 10.262  1.647   -16.515 1.00 26.56 ? 165 ILE A CB  1 
ATOM   1165 C  CG1 . ILE A 1 188 ? 10.452  0.554   -17.524 1.00 25.68 ? 165 ILE A CG1 1 
ATOM   1166 C  CG2 . ILE A 1 188 ? 11.590  1.955   -15.840 1.00 25.57 ? 165 ILE A CG2 1 
ATOM   1167 C  CD1 . ILE A 1 188 ? 11.147  1.064   -18.738 1.00 30.89 ? 165 ILE A CD1 1 
ATOM   1168 N  N   . VAL A 1 189 ? 8.892   3.404   -14.395 1.00 26.19 ? 166 VAL A N   1 
ATOM   1169 C  CA  . VAL A 1 189 ? 8.789   4.315   -13.256 1.00 25.88 ? 166 VAL A CA  1 
ATOM   1170 C  C   . VAL A 1 189 ? 7.854   3.813   -12.166 1.00 25.07 ? 166 VAL A C   1 
ATOM   1171 O  O   . VAL A 1 189 ? 8.117   3.908   -10.980 1.00 24.66 ? 166 VAL A O   1 
ATOM   1172 C  CB  . VAL A 1 189 ? 8.165   5.720   -13.718 1.00 27.49 ? 166 VAL A CB  1 
ATOM   1173 C  CG1 . VAL A 1 189 ? 7.820   6.621   -12.500 1.00 26.92 ? 166 VAL A CG1 1 
ATOM   1174 C  CG2 . VAL A 1 189 ? 9.063   6.423   -14.774 1.00 29.23 ? 166 VAL A CG2 1 
ATOM   1175 N  N   . SER A 1 190 ? 6.665   3.426   -12.546 1.00 24.81 ? 167 SER A N   1 
ATOM   1176 C  CA  . SER A 1 190 ? 5.706   2.906   -11.566 1.00 25.03 ? 167 SER A CA  1 
ATOM   1177 C  C   . SER A 1 190 ? 6.243   1.616   -10.794 1.00 25.26 ? 167 SER A C   1 
ATOM   1178 O  O   . SER A 1 190 ? 6.219   1.556   -9.577  1.00 23.55 ? 167 SER A O   1 
ATOM   1179 C  CB  . SER A 1 190 ? 4.453   2.601   -12.344 1.00 23.63 ? 167 SER A CB  1 
ATOM   1180 O  OG  . SER A 1 190 ? 3.598   1.877   -11.469 1.00 33.94 ? 167 SER A OG  1 
HETATM 1181 N  N   . MSE A 1 191 ? 6.743   0.599   -11.515 1.00 24.91 ? 168 MSE A N   1 
HETATM 1182 C  CA  . MSE A 1 191 ? 7.275   -0.603  -10.879 1.00 25.75 ? 168 MSE A CA  1 
HETATM 1183 C  C   . MSE A 1 191 ? 8.355   -0.144  -9.915  1.00 27.47 ? 168 MSE A C   1 
HETATM 1184 O  O   . MSE A 1 191 ? 8.478   -0.546  -8.785  1.00 27.45 ? 168 MSE A O   1 
HETATM 1185 C  CB  . MSE A 1 191 ? 7.866   -1.407  -11.964 1.00 27.34 ? 168 MSE A CB  1 
HETATM 1186 C  CG  . MSE A 1 191 ? 8.902   -2.437  -11.587 1.00 35.94 ? 168 MSE A CG  1 
HETATM 1187 SE SE  . MSE A 1 191 ? 8.007   -3.595  -10.248 0.50 39.84 ? 168 MSE A SE  1 
HETATM 1188 C  CE  . MSE A 1 191 ? 6.118   -3.782  -11.094 1.00 38.01 ? 168 MSE A CE  1 
ATOM   1189 N  N   . SER A 1 192 ? 9.062   0.865   -10.334 1.00 29.11 ? 169 SER A N   1 
ATOM   1190 C  CA  . SER A 1 192 ? 10.232  1.254   -9.654  1.00 30.42 ? 169 SER A CA  1 
ATOM   1191 C  C   . SER A 1 192 ? 9.855   2.023   -8.378  1.00 31.62 ? 169 SER A C   1 
ATOM   1192 O  O   . SER A 1 192 ? 10.542  1.954   -7.349  1.00 33.99 ? 169 SER A O   1 
ATOM   1193 C  CB  . SER A 1 192 ? 11.153  1.844   -10.746 1.00 28.64 ? 169 SER A CB  1 
ATOM   1194 O  OG  . SER A 1 192 ? 11.837  2.958   -10.313 1.00 36.79 ? 169 SER A OG  1 
ATOM   1195 N  N   . LEU A 1 193 ? 8.646   2.579   -8.317  1.00 32.39 ? 170 LEU A N   1 
ATOM   1196 C  CA  . LEU A 1 193 ? 8.274   3.253   -7.124  1.00 30.72 ? 170 LEU A CA  1 
ATOM   1197 C  C   . LEU A 1 193 ? 7.689   2.343   -6.170  1.00 30.73 ? 170 LEU A C   1 
ATOM   1198 O  O   . LEU A 1 193 ? 8.000   2.467   -4.977  1.00 30.93 ? 170 LEU A O   1 
ATOM   1199 C  CB  . LEU A 1 193 ? 7.329   4.427   -7.387  1.00 32.26 ? 170 LEU A CB  1 
ATOM   1200 C  CG  . LEU A 1 193 ? 7.638   5.286   -8.607  1.00 31.20 ? 170 LEU A CG  1 
ATOM   1201 C  CD1 . LEU A 1 193 ? 6.542   6.396   -8.707  1.00 33.77 ? 170 LEU A CD1 1 
ATOM   1202 C  CD2 . LEU A 1 193 ? 9.015   5.934   -8.605  1.00 35.50 ? 170 LEU A CD2 1 
ATOM   1203 N  N   . VAL A 1 194 ? 6.777   1.486   -6.651  1.00 31.14 ? 171 VAL A N   1 
ATOM   1204 C  CA  . VAL A 1 194 ? 6.234   0.329   -5.885  1.00 31.57 ? 171 VAL A CA  1 
ATOM   1205 C  C   . VAL A 1 194 ? 7.298   -0.609  -5.274  1.00 32.21 ? 171 VAL A C   1 
ATOM   1206 O  O   . VAL A 1 194 ? 7.142   -1.044  -4.125  1.00 31.72 ? 171 VAL A O   1 
ATOM   1207 C  CB  . VAL A 1 194 ? 5.250   -0.494  -6.743  1.00 32.56 ? 171 VAL A CB  1 
ATOM   1208 C  CG1 . VAL A 1 194 ? 4.713   -1.708  -6.008  1.00 32.60 ? 171 VAL A CG1 1 
ATOM   1209 C  CG2 . VAL A 1 194 ? 4.079   0.397   -7.069  1.00 34.57 ? 171 VAL A CG2 1 
ATOM   1210 N  N   . GLY A 1 195 ? 8.378   -0.905  -6.010  1.00 31.79 ? 172 GLY A N   1 
ATOM   1211 C  CA  . GLY A 1 195 ? 9.467   -1.693  -5.426  1.00 31.06 ? 172 GLY A CA  1 
ATOM   1212 C  C   . GLY A 1 195 ? 10.390  -0.866  -4.589  1.00 30.04 ? 172 GLY A C   1 
ATOM   1213 O  O   . GLY A 1 195 ? 11.061  -1.363  -3.665  1.00 30.05 ? 172 GLY A O   1 
ATOM   1214 N  N   . GLY A 1 196 ? 10.390  0.431   -4.831  1.00 29.56 ? 173 GLY A N   1 
ATOM   1215 C  CA  . GLY A 1 196 ? 11.082  1.369   -3.894  1.00 27.34 ? 173 GLY A CA  1 
ATOM   1216 C  C   . GLY A 1 196 ? 10.364  1.359   -2.542  1.00 28.94 ? 173 GLY A C   1 
ATOM   1217 O  O   . GLY A 1 196 ? 10.988  1.274   -1.448  1.00 31.35 ? 173 GLY A O   1 
ATOM   1218 N  N   . LEU A 1 197 ? 9.043   1.416   -2.551  1.00 27.98 ? 174 LEU A N   1 
ATOM   1219 C  CA  . LEU A 1 197 ? 8.388   1.511   -1.284  1.00 26.53 ? 174 LEU A CA  1 
ATOM   1220 C  C   . LEU A 1 197 ? 8.603   0.218   -0.515  1.00 25.92 ? 174 LEU A C   1 
ATOM   1221 O  O   . LEU A 1 197 ? 8.757   0.233   0.711   1.00 25.92 ? 174 LEU A O   1 
ATOM   1222 C  CB  . LEU A 1 197 ? 6.920   1.870   -1.427  1.00 26.07 ? 174 LEU A CB  1 
ATOM   1223 C  CG  . LEU A 1 197 ? 5.687   1.046   -1.082  1.00 26.66 ? 174 LEU A CG  1 
ATOM   1224 C  CD1 . LEU A 1 197 ? 5.672   0.047   0.107   1.00 23.99 ? 174 LEU A CD1 1 
ATOM   1225 C  CD2 . LEU A 1 197 ? 4.712   2.218   -0.831  1.00 25.79 ? 174 LEU A CD2 1 
HETATM 1226 N  N   . MSE A 1 198 ? 8.550   -0.900  -1.210  1.00 25.86 ? 175 MSE A N   1 
HETATM 1227 C  CA  . MSE A 1 198 ? 8.842   -2.177  -0.590  1.00 28.62 ? 175 MSE A CA  1 
HETATM 1228 C  C   . MSE A 1 198 ? 10.339  -2.285  -0.034  1.00 24.98 ? 175 MSE A C   1 
HETATM 1229 O  O   . MSE A 1 198 ? 10.508  -2.638  1.082   1.00 25.28 ? 175 MSE A O   1 
HETATM 1230 C  CB  . MSE A 1 198 ? 8.562   -3.244  -1.567  1.00 27.68 ? 175 MSE A CB  1 
HETATM 1231 C  CG  . MSE A 1 198 ? 8.428   -4.649  -0.930  1.00 35.67 ? 175 MSE A CG  1 
HETATM 1232 SE SE  . MSE A 1 198 ? 8.943   -5.854  -2.384  0.50 44.20 ? 175 MSE A SE  1 
HETATM 1233 C  CE  . MSE A 1 198 ? 10.732  -5.876  -1.552  1.00 40.06 ? 175 MSE A CE  1 
ATOM   1234 N  N   . GLU A 1 199 ? 11.369  -1.937  -0.796  1.00 23.82 ? 176 GLU A N   1 
ATOM   1235 C  CA  . GLU A 1 199 ? 12.741  -1.842  -0.250  1.00 24.38 ? 176 GLU A CA  1 
ATOM   1236 C  C   . GLU A 1 199 ? 12.884  -0.981  0.994   1.00 25.94 ? 176 GLU A C   1 
ATOM   1237 O  O   . GLU A 1 199 ? 13.584  -1.344  1.919   1.00 28.20 ? 176 GLU A O   1 
ATOM   1238 C  CB  . GLU A 1 199 ? 13.723  -1.436  -1.349  1.00 21.72 ? 176 GLU A CB  1 
ATOM   1239 C  CG  . GLU A 1 199 ? 13.805  -2.563  -2.438  1.00 21.75 ? 176 GLU A CG  1 
ATOM   1240 C  CD  . GLU A 1 199 ? 14.076  -3.990  -1.863  1.00 22.02 ? 176 GLU A CD  1 
ATOM   1241 O  OE1 . GLU A 1 199 ? 14.011  -4.949  -2.593  1.00 24.99 ? 176 GLU A OE1 1 
ATOM   1242 O  OE2 . GLU A 1 199 ? 14.453  -4.152  -0.716  1.00 24.98 ? 176 GLU A OE2 1 
ATOM   1243 N  N   . VAL A 1 200 ? 12.198  0.163   1.046   1.00 27.52 ? 177 VAL A N   1 
ATOM   1244 C  CA  . VAL A 1 200 ? 12.294  1.070   2.183   1.00 26.71 ? 177 VAL A CA  1 
ATOM   1245 C  C   . VAL A 1 200 ? 11.702  0.374   3.409   1.00 26.15 ? 177 VAL A C   1 
ATOM   1246 O  O   . VAL A 1 200 ? 12.196  0.515   4.515   1.00 26.17 ? 177 VAL A O   1 
ATOM   1247 C  CB  . VAL A 1 200 ? 11.414  2.330   1.942   1.00 25.73 ? 177 VAL A CB  1 
ATOM   1248 C  CG1 . VAL A 1 200 ? 11.249  3.188   3.217   1.00 25.98 ? 177 VAL A CG1 1 
ATOM   1249 C  CG2 . VAL A 1 200 ? 12.040  3.163   0.975   1.00 31.91 ? 177 VAL A CG2 1 
ATOM   1250 N  N   . SER A 1 201 ? 10.597  -0.317  3.204   1.00 25.39 ? 178 SER A N   1 
ATOM   1251 C  CA  . SER A 1 201 ? 9.899   -0.820  4.316   1.00 27.41 ? 178 SER A CA  1 
ATOM   1252 C  C   . SER A 1 201 ? 10.718  -2.020  4.878   1.00 27.05 ? 178 SER A C   1 
ATOM   1253 O  O   . SER A 1 201 ? 10.853  -2.163  6.046   1.00 24.88 ? 178 SER A O   1 
ATOM   1254 C  CB  . SER A 1 201 ? 8.473   -1.172  3.917   1.00 27.28 ? 178 SER A CB  1 
ATOM   1255 O  OG  . SER A 1 201 ? 8.429   -2.508  3.560   1.00 31.11 ? 178 SER A OG  1 
ATOM   1256 N  N   . ARG A 1 202 ? 11.273  -2.851  4.015   1.00 27.96 ? 179 ARG A N   1 
ATOM   1257 C  CA  . ARG A 1 202 ? 12.243  -3.851  4.454   1.00 29.81 ? 179 ARG A CA  1 
ATOM   1258 C  C   . ARG A 1 202 ? 13.437  -3.208  5.160   1.00 28.99 ? 179 ARG A C   1 
ATOM   1259 O  O   . ARG A 1 202 ? 13.836  -3.665  6.197   1.00 29.99 ? 179 ARG A O   1 
ATOM   1260 C  CB  . ARG A 1 202 ? 12.724  -4.665  3.294   1.00 30.23 ? 179 ARG A CB  1 
ATOM   1261 C  CG  . ARG A 1 202 ? 11.657  -5.417  2.469   1.00 29.85 ? 179 ARG A CG  1 
ATOM   1262 C  CD  . ARG A 1 202 ? 12.035  -6.925  2.623   1.00 37.57 ? 179 ARG A CD  1 
ATOM   1263 N  NE  . ARG A 1 202 ? 12.847  -7.391  1.523   1.00 41.03 ? 179 ARG A NE  1 
ATOM   1264 C  CZ  . ARG A 1 202 ? 13.462  -8.588  1.480   1.00 45.28 ? 179 ARG A CZ  1 
ATOM   1265 N  NH1 . ARG A 1 202 ? 13.376  -9.482  2.490   1.00 38.38 ? 179 ARG A NH1 1 
ATOM   1266 N  NH2 . ARG A 1 202 ? 14.185  -8.884  0.408   1.00 46.19 ? 179 ARG A NH2 1 
ATOM   1267 N  N   . TYR A 1 203 ? 13.952  -2.123  4.635   1.00 28.31 ? 180 TYR A N   1 
ATOM   1268 C  CA  . TYR A 1 203 ? 15.125  -1.485  5.199   1.00 28.68 ? 180 TYR A CA  1 
ATOM   1269 C  C   . TYR A 1 203 ? 14.883  -0.777  6.559   1.00 29.04 ? 180 TYR A C   1 
ATOM   1270 O  O   . TYR A 1 203 ? 15.656  -0.859  7.548   1.00 30.83 ? 180 TYR A O   1 
ATOM   1271 C  CB  . TYR A 1 203 ? 15.696  -0.496  4.169   1.00 28.27 ? 180 TYR A CB  1 
ATOM   1272 C  CG  . TYR A 1 203 ? 17.142  -0.104  4.464   1.00 26.32 ? 180 TYR A CG  1 
ATOM   1273 C  CD1 . TYR A 1 203 ? 18.196  -0.842  3.943   1.00 24.57 ? 180 TYR A CD1 1 
ATOM   1274 C  CD2 . TYR A 1 203 ? 17.431  0.992   5.305   1.00 26.53 ? 180 TYR A CD2 1 
ATOM   1275 C  CE1 . TYR A 1 203 ? 19.565  -0.482  4.221   1.00 27.37 ? 180 TYR A CE1 1 
ATOM   1276 C  CE2 . TYR A 1 203 ? 18.717  1.325   5.615   1.00 24.84 ? 180 TYR A CE2 1 
ATOM   1277 C  CZ  . TYR A 1 203 ? 19.798  0.577   5.051   1.00 29.30 ? 180 TYR A CZ  1 
ATOM   1278 O  OH  . TYR A 1 203 ? 21.110  0.915   5.332   1.00 32.58 ? 180 TYR A OH  1 
ATOM   1279 N  N   . TRP A 1 204 ? 13.810  -0.078  6.634   1.00 27.91 ? 181 TRP A N   1 
ATOM   1280 C  CA  . TRP A 1 204 ? 13.369  0.403   7.946   1.00 28.41 ? 181 TRP A CA  1 
ATOM   1281 C  C   . TRP A 1 204 ? 13.267  -0.655  9.029   1.00 28.58 ? 181 TRP A C   1 
ATOM   1282 O  O   . TRP A 1 204 ? 13.760  -0.446  10.171  1.00 30.17 ? 181 TRP A O   1 
ATOM   1283 C  CB  . TRP A 1 204 ? 12.023  1.120   7.823   1.00 25.00 ? 181 TRP A CB  1 
ATOM   1284 C  CG  . TRP A 1 204 ? 11.599  1.732   9.128   1.00 24.08 ? 181 TRP A CG  1 
ATOM   1285 C  CD1 . TRP A 1 204 ? 12.342  2.535   9.964   1.00 21.30 ? 181 TRP A CD1 1 
ATOM   1286 C  CD2 . TRP A 1 204 ? 10.281  1.718   9.654   1.00 15.87 ? 181 TRP A CD2 1 
ATOM   1287 N  NE1 . TRP A 1 204 ? 11.556  2.919   11.038  1.00 24.26 ? 181 TRP A NE1 1 
ATOM   1288 C  CE2 . TRP A 1 204 ? 10.287  2.438   10.840  1.00 14.11 ? 181 TRP A CE2 1 
ATOM   1289 C  CE3 . TRP A 1 204 ? 9.088   1.169   9.212   1.00 17.96 ? 181 TRP A CE3 1 
ATOM   1290 C  CZ2 . TRP A 1 204 ? 9.155   2.573   11.636  1.00 18.96 ? 181 TRP A CZ2 1 
ATOM   1291 C  CZ3 . TRP A 1 204 ? 7.993   1.258   10.027  1.00 21.02 ? 181 TRP A CZ3 1 
ATOM   1292 C  CH2 . TRP A 1 204 ? 8.028   2.058   11.188  1.00 18.60 ? 181 TRP A CH2 1 
ATOM   1293 N  N   . ALA A 1 205 ? 12.597  -1.764  8.748   1.00 28.12 ? 182 ALA A N   1 
ATOM   1294 C  CA  . ALA A 1 205 ? 12.552  -2.778  9.792   1.00 31.32 ? 182 ALA A CA  1 
ATOM   1295 C  C   . ALA A 1 205 ? 13.954  -3.217  10.281  1.00 32.07 ? 182 ALA A C   1 
ATOM   1296 O  O   . ALA A 1 205 ? 14.107  -3.634  11.422  1.00 33.41 ? 182 ALA A O   1 
ATOM   1297 C  CB  . ALA A 1 205 ? 11.753  -3.975  9.365   1.00 30.90 ? 182 ALA A CB  1 
ATOM   1298 N  N   . GLU A 1 206 ? 14.983  -3.168  9.450   1.00 33.36 ? 183 GLU A N   1 
ATOM   1299 C  CA  . GLU A 1 206 ? 16.306  -3.699  9.939   1.00 34.45 ? 183 GLU A CA  1 
ATOM   1300 C  C   . GLU A 1 206 ? 17.089  -2.539  10.492  1.00 32.36 ? 183 GLU A C   1 
ATOM   1301 O  O   . GLU A 1 206 ? 17.958  -2.783  11.239  1.00 31.13 ? 183 GLU A O   1 
ATOM   1302 C  CB  . GLU A 1 206 ? 17.153  -4.463  8.881   1.00 34.30 ? 183 GLU A CB  1 
ATOM   1303 C  CG  . GLU A 1 206 ? 16.411  -5.355  7.868   1.00 36.65 ? 183 GLU A CG  1 
ATOM   1304 C  CD  . GLU A 1 206 ? 17.122  -5.577  6.422   1.00 38.06 ? 183 GLU A CD  1 
ATOM   1305 O  OE1 . GLU A 1 206 ? 17.921  -4.739  5.920   1.00 45.77 ? 183 GLU A OE1 1 
ATOM   1306 O  OE2 . GLU A 1 206 ? 16.833  -6.608  5.742   1.00 44.22 ? 183 GLU A OE2 1 
ATOM   1307 N  N   . HIS A 1 207 ? 16.722  -1.272  10.149  1.00 31.52 ? 184 HIS A N   1 
ATOM   1308 C  CA  . HIS A 1 207 ? 17.528  -0.084  10.480  1.00 30.26 ? 184 HIS A CA  1 
ATOM   1309 C  C   . HIS A 1 207 ? 16.845  1.007   11.276  1.00 31.52 ? 184 HIS A C   1 
ATOM   1310 O  O   . HIS A 1 207 ? 17.443  2.103   11.509  1.00 30.64 ? 184 HIS A O   1 
ATOM   1311 C  CB  . HIS A 1 207 ? 18.202  0.489   9.242   1.00 29.77 ? 184 HIS A CB  1 
ATOM   1312 C  CG  . HIS A 1 207 ? 19.185  -0.461  8.633   1.00 28.91 ? 184 HIS A CG  1 
ATOM   1313 N  ND1 . HIS A 1 207 ? 18.825  -1.407  7.689   1.00 33.27 ? 184 HIS A ND1 1 
ATOM   1314 C  CD2 . HIS A 1 207 ? 20.496  -0.656  8.874   1.00 29.44 ? 184 HIS A CD2 1 
ATOM   1315 C  CE1 . HIS A 1 207 ? 19.887  -2.127  7.365   1.00 34.93 ? 184 HIS A CE1 1 
ATOM   1316 N  NE2 . HIS A 1 207 ? 20.905  -1.710  8.086   1.00 31.52 ? 184 HIS A NE2 1 
ATOM   1317 N  N   . ASP A 1 208 ? 15.632  0.707   11.745  1.00 32.81 ? 185 ASP A N   1 
ATOM   1318 C  CA  . ASP A 1 208 ? 14.930  1.639   12.648  1.00 34.21 ? 185 ASP A CA  1 
ATOM   1319 C  C   . ASP A 1 208 ? 15.752  2.328   13.738  1.00 33.81 ? 185 ASP A C   1 
ATOM   1320 O  O   . ASP A 1 208 ? 15.518  3.494   13.963  1.00 34.79 ? 185 ASP A O   1 
ATOM   1321 C  CB  . ASP A 1 208 ? 13.497  1.204   13.098  1.00 34.58 ? 185 ASP A CB  1 
ATOM   1322 C  CG  . ASP A 1 208 ? 13.465  -0.110  13.818  1.00 35.67 ? 185 ASP A CG  1 
ATOM   1323 O  OD1 . ASP A 1 208 ? 14.476  -0.541  14.389  1.00 37.46 ? 185 ASP A OD1 1 
ATOM   1324 O  OD2 . ASP A 1 208 ? 12.388  -0.708  13.819  1.00 36.35 ? 185 ASP A OD2 1 
ATOM   1325 N  N   . HIS A 1 209 ? 16.752  1.678   14.354  1.00 34.48 ? 186 HIS A N   1 
ATOM   1326 C  CA  . HIS A 1 209 ? 17.472  2.282   15.516  1.00 32.95 ? 186 HIS A CA  1 
ATOM   1327 C  C   . HIS A 1 209 ? 18.351  3.418   15.068  1.00 33.72 ? 186 HIS A C   1 
ATOM   1328 O  O   . HIS A 1 209 ? 18.807  4.203   15.849  1.00 33.32 ? 186 HIS A O   1 
ATOM   1329 C  CB  . HIS A 1 209 ? 18.323  1.239   16.262  1.00 31.88 ? 186 HIS A CB  1 
ATOM   1330 C  CG  . HIS A 1 209 ? 19.156  0.429   15.327  1.00 35.47 ? 186 HIS A CG  1 
ATOM   1331 N  ND1 . HIS A 1 209 ? 20.543  0.525   15.256  1.00 30.83 ? 186 HIS A ND1 1 
ATOM   1332 C  CD2 . HIS A 1 209 ? 18.777  -0.446  14.371  1.00 32.06 ? 186 HIS A CD2 1 
ATOM   1333 C  CE1 . HIS A 1 209 ? 20.963  -0.295  14.306  1.00 34.15 ? 186 HIS A CE1 1 
ATOM   1334 N  NE2 . HIS A 1 209 ? 19.913  -0.883  13.751  1.00 33.50 ? 186 HIS A NE2 1 
ATOM   1335 N  N   . GLU A 1 210 ? 18.593  3.502   13.778  1.00 36.06 ? 187 GLU A N   1 
ATOM   1336 C  CA  . GLU A 1 210 ? 19.613  4.391   13.271  1.00 37.62 ? 187 GLU A CA  1 
ATOM   1337 C  C   . GLU A 1 210 ? 19.004  5.332   12.172  1.00 37.64 ? 187 GLU A C   1 
ATOM   1338 O  O   . GLU A 1 210 ? 19.451  6.466   11.996  1.00 35.98 ? 187 GLU A O   1 
ATOM   1339 C  CB  . GLU A 1 210 ? 20.866  3.568   12.838  1.00 38.49 ? 187 GLU A CB  1 
ATOM   1340 C  CG  . GLU A 1 210 ? 20.769  2.773   11.545  1.00 39.17 ? 187 GLU A CG  1 
ATOM   1341 C  CD  . GLU A 1 210 ? 21.769  1.601   11.494  1.00 41.15 ? 187 GLU A CD  1 
ATOM   1342 O  OE1 . GLU A 1 210 ? 22.927  1.808   11.841  1.00 47.43 ? 187 GLU A OE1 1 
ATOM   1343 O  OE2 . GLU A 1 210 ? 21.419  0.455   11.125  1.00 43.41 ? 187 GLU A OE2 1 
ATOM   1344 N  N   . GLU A 1 211 ? 17.869  4.910   11.575  1.00 36.78 ? 188 GLU A N   1 
ATOM   1345 C  CA  . GLU A 1 211 ? 17.226  5.710   10.635  1.00 35.57 ? 188 GLU A CA  1 
ATOM   1346 C  C   . GLU A 1 211 ? 15.686  5.635   10.764  1.00 34.99 ? 188 GLU A C   1 
ATOM   1347 O  O   . GLU A 1 211 ? 15.127  4.522   10.948  1.00 35.45 ? 188 GLU A O   1 
ATOM   1348 C  CB  . GLU A 1 211 ? 17.712  5.245   9.269   1.00 36.83 ? 188 GLU A CB  1 
ATOM   1349 C  CG  . GLU A 1 211 ? 18.811  6.076   8.709   1.00 39.28 ? 188 GLU A CG  1 
ATOM   1350 C  CD  . GLU A 1 211 ? 19.622  5.359   7.663   1.00 40.15 ? 188 GLU A CD  1 
ATOM   1351 O  OE1 . GLU A 1 211 ? 19.713  5.884   6.569   1.00 43.85 ? 188 GLU A OE1 1 
ATOM   1352 O  OE2 . GLU A 1 211 ? 20.173  4.266   7.926   1.00 45.11 ? 188 GLU A OE2 1 
ATOM   1353 N  N   . SER A 1 212 ? 15.000  6.797   10.632  1.00 31.65 ? 189 SER A N   1 
ATOM   1354 C  CA  . SER A 1 212 ? 13.538  6.838   10.747  1.00 29.75 ? 189 SER A CA  1 
ATOM   1355 C  C   . SER A 1 212 ? 13.039  6.542   9.365   1.00 29.96 ? 189 SER A C   1 
ATOM   1356 O  O   . SER A 1 212 ? 13.809  6.627   8.385   1.00 30.03 ? 189 SER A O   1 
ATOM   1357 C  CB  . SER A 1 212 ? 13.060  8.229   11.141  1.00 29.26 ? 189 SER A CB  1 
ATOM   1358 O  OG  . SER A 1 212 ? 13.709  9.177   10.308  1.00 27.23 ? 189 SER A OG  1 
ATOM   1359 N  N   . LEU A 1 213 ? 11.744  6.270   9.304   1.00 28.57 ? 190 LEU A N   1 
ATOM   1360 C  CA  . LEU A 1 213 ? 11.032  5.878   8.162   1.00 29.00 ? 190 LEU A CA  1 
ATOM   1361 C  C   . LEU A 1 213 ? 11.138  6.996   7.222   1.00 32.02 ? 190 LEU A C   1 
ATOM   1362 O  O   . LEU A 1 213 ? 11.411  6.785   5.978   1.00 31.35 ? 190 LEU A O   1 
ATOM   1363 C  CB  . LEU A 1 213 ? 9.548   5.538   8.546   1.00 28.55 ? 190 LEU A CB  1 
ATOM   1364 C  CG  . LEU A 1 213 ? 8.537   5.067   7.450   1.00 26.80 ? 190 LEU A CG  1 
ATOM   1365 C  CD1 . LEU A 1 213 ? 9.213   4.202   6.434   1.00 27.52 ? 190 LEU A CD1 1 
ATOM   1366 C  CD2 . LEU A 1 213 ? 7.199   4.397   7.955   1.00 29.44 ? 190 LEU A CD2 1 
ATOM   1367 N  N   . ALA A 1 214 ? 10.941  8.203   7.813   1.00 33.84 ? 191 ALA A N   1 
ATOM   1368 C  CA  . ALA A 1 214 ? 11.017  9.481   7.134   1.00 35.15 ? 191 ALA A CA  1 
ATOM   1369 C  C   . ALA A 1 214 ? 12.311  9.788   6.411   1.00 35.62 ? 191 ALA A C   1 
ATOM   1370 O  O   . ALA A 1 214 ? 12.253  10.270  5.310   1.00 38.31 ? 191 ALA A O   1 
ATOM   1371 C  CB  . ALA A 1 214 ? 10.674  10.630  8.125   1.00 36.53 ? 191 ALA A CB  1 
ATOM   1372 N  N   . GLU A 1 215 ? 13.458  9.506   6.993   1.00 35.58 ? 192 GLU A N   1 
ATOM   1373 C  CA  . GLU A 1 215 ? 14.745  9.764   6.321   1.00 37.08 ? 192 GLU A CA  1 
ATOM   1374 C  C   . GLU A 1 215 ? 15.202  8.686   5.257   1.00 37.23 ? 192 GLU A C   1 
ATOM   1375 O  O   . GLU A 1 215 ? 15.813  9.011   4.213   1.00 37.02 ? 192 GLU A O   1 
ATOM   1376 C  CB  . GLU A 1 215 ? 15.830  10.081  7.373   1.00 36.49 ? 192 GLU A CB  1 
ATOM   1377 C  CG  . GLU A 1 215 ? 16.449  8.929   8.099   1.00 38.21 ? 192 GLU A CG  1 
ATOM   1378 C  CD  . GLU A 1 215 ? 17.232  9.426   9.370   1.00 40.42 ? 192 GLU A CD  1 
ATOM   1379 O  OE1 . GLU A 1 215 ? 16.572  9.643   10.440  1.00 45.24 ? 192 GLU A OE1 1 
ATOM   1380 O  OE2 . GLU A 1 215 ? 18.478  9.608   9.301   1.00 38.76 ? 192 GLU A OE2 1 
ATOM   1381 N  N   . LEU A 1 216 ? 14.825  7.661   5.462   1.00 36.02 ? 193 LEU A N   1 
ATOM   1382 C  CA  . LEU A 1 216 ? 14.720  6.568   4.502   1.00 35.11 ? 193 LEU A CA  1 
ATOM   1383 C  C   . LEU A 1 216 ? 13.740  6.907   3.384   1.00 34.56 ? 193 LEU A C   1 
ATOM   1384 O  O   . LEU A 1 216 ? 14.073  6.661   2.159   1.00 33.71 ? 193 LEU A O   1 
ATOM   1385 C  CB  . LEU A 1 216 ? 14.289  5.278   5.205   1.00 34.69 ? 193 LEU A CB  1 
ATOM   1386 C  CG  . LEU A 1 216 ? 15.272  4.703   6.227   1.00 38.64 ? 193 LEU A CG  1 
ATOM   1387 C  CD1 . LEU A 1 216 ? 14.665  3.506   6.943   1.00 43.63 ? 193 LEU A CD1 1 
ATOM   1388 C  CD2 . LEU A 1 216 ? 16.584  4.323   5.557   1.00 36.38 ? 193 LEU A CD2 1 
ATOM   1389 N  N   . VAL A 1 217 ? 12.711  7.324   3.478   1.00 34.43 ? 194 VAL A N   1 
ATOM   1390 C  CA  . VAL A 1 217 ? 11.916  7.831   2.374   1.00 34.43 ? 194 VAL A CA  1 
ATOM   1391 C  C   . VAL A 1 217 ? 12.684  8.900   1.578   1.00 35.40 ? 194 VAL A C   1 
ATOM   1392 O  O   . VAL A 1 217 ? 12.635  8.921   0.314   1.00 34.06 ? 194 VAL A O   1 
ATOM   1393 C  CB  . VAL A 1 217 ? 10.470  8.283   2.797   1.00 33.85 ? 194 VAL A CB  1 
ATOM   1394 C  CG1 . VAL A 1 217 ? 9.790   9.090   1.671   1.00 36.46 ? 194 VAL A CG1 1 
ATOM   1395 C  CG2 . VAL A 1 217 ? 9.575   7.072   3.051   1.00 29.87 ? 194 VAL A CG2 1 
ATOM   1396 N  N   . ASP A 1 218 ? 13.404  9.765   2.292   1.00 36.23 ? 195 ASP A N   1 
ATOM   1397 C  CA  . ASP A 1 218 ? 14.144  10.870  1.623   1.00 35.90 ? 195 ASP A CA  1 
ATOM   1398 C  C   . ASP A 1 218 ? 15.247  10.277  0.815   1.00 34.52 ? 195 ASP A C   1 
ATOM   1399 O  O   . ASP A 1 218 ? 15.498  10.748  -0.269  1.00 35.22 ? 195 ASP A O   1 
ATOM   1400 C  CB  . ASP A 1 218 ? 14.751  11.891  2.592   1.00 35.27 ? 195 ASP A CB  1 
ATOM   1401 C  CG  . ASP A 1 218 ? 13.720  12.710  3.274   1.00 38.20 ? 195 ASP A CG  1 
ATOM   1402 O  OD1 . ASP A 1 218 ? 13.952  13.100  4.452   1.00 43.05 ? 195 ASP A OD1 1 
ATOM   1403 O  OD2 . ASP A 1 218 ? 12.642  12.933  2.669   1.00 44.99 ? 195 ASP A OD2 1 
ATOM   1404 N  N   . ARG A 1 219 ? 15.913  9.273   1.377   1.00 33.35 ? 196 ARG A N   1 
ATOM   1405 C  CA  . ARG A 1 219 ? 17.002  8.505   0.715   1.00 32.93 ? 196 ARG A CA  1 
ATOM   1406 C  C   . ARG A 1 219 ? 16.469  7.797   -0.508  1.00 32.05 ? 196 ARG A C   1 
ATOM   1407 O  O   . ARG A 1 219 ? 17.057  7.869   -1.610  1.00 32.48 ? 196 ARG A O   1 
ATOM   1408 C  CB  . ARG A 1 219 ? 17.524  7.413   1.698   1.00 33.42 ? 196 ARG A CB  1 
ATOM   1409 C  CG  . ARG A 1 219 ? 18.806  7.642   2.585   1.00 37.54 ? 196 ARG A CG  1 
ATOM   1410 C  CD  . ARG A 1 219 ? 19.683  6.264   2.546   1.00 35.92 ? 196 ARG A CD  1 
ATOM   1411 N  NE  . ARG A 1 219 ? 20.015  5.682   3.857   1.00 34.83 ? 196 ARG A NE  1 
ATOM   1412 C  CZ  . ARG A 1 219 ? 20.679  4.507   4.064   1.00 44.10 ? 196 ARG A CZ  1 
ATOM   1413 N  NH1 . ARG A 1 219 ? 21.189  3.701   3.066   1.00 41.68 ? 196 ARG A NH1 1 
ATOM   1414 N  NH2 . ARG A 1 219 ? 20.913  4.139   5.335   1.00 45.66 ? 196 ARG A NH2 1 
ATOM   1415 N  N   . ALA A 1 220 ? 15.361  7.069   -0.327  1.00 30.61 ? 197 ALA A N   1 
ATOM   1416 C  CA  . ALA A 1 220 ? 14.693  6.439   -1.425  1.00 31.73 ? 197 ALA A CA  1 
ATOM   1417 C  C   . ALA A 1 220 ? 14.350  7.419   -2.547  1.00 32.88 ? 197 ALA A C   1 
ATOM   1418 O  O   . ALA A 1 220 ? 14.728  7.165   -3.655  1.00 32.50 ? 197 ALA A O   1 
ATOM   1419 C  CB  . ALA A 1 220 ? 13.468  5.701   -0.975  1.00 32.35 ? 197 ALA A CB  1 
ATOM   1420 N  N   . LEU A 1 221 ? 13.682  8.548   -2.254  1.00 34.42 ? 198 LEU A N   1 
ATOM   1421 C  CA  . LEU A 1 221 ? 13.292  9.487   -3.290  1.00 35.50 ? 198 LEU A CA  1 
ATOM   1422 C  C   . LEU A 1 221 ? 14.517  10.020  -4.005  1.00 36.45 ? 198 LEU A C   1 
ATOM   1423 O  O   . LEU A 1 221 ? 14.527  10.093  -5.182  1.00 36.13 ? 198 LEU A O   1 
ATOM   1424 C  CB  . LEU A 1 221 ? 12.501  10.664  -2.749  1.00 35.23 ? 198 LEU A CB  1 
ATOM   1425 C  CG  . LEU A 1 221 ? 11.203  10.309  -2.027  1.00 36.11 ? 198 LEU A CG  1 
ATOM   1426 C  CD1 . LEU A 1 221 ? 10.909  11.395  -1.027  1.00 32.21 ? 198 LEU A CD1 1 
ATOM   1427 C  CD2 . LEU A 1 221 ? 10.078  10.125  -3.044  1.00 34.57 ? 198 LEU A CD2 1 
ATOM   1428 N  N   . ASP A 1 222 ? 15.541  10.397  -3.279  1.00 37.89 ? 199 ASP A N   1 
ATOM   1429 C  CA  . ASP A 1 222 ? 16.757  10.777  -3.903  1.00 40.63 ? 199 ASP A CA  1 
ATOM   1430 C  C   . ASP A 1 222 ? 17.369  9.774   -4.899  1.00 41.24 ? 199 ASP A C   1 
ATOM   1431 O  O   . ASP A 1 222 ? 17.744  10.155  -6.003  1.00 41.33 ? 199 ASP A O   1 
ATOM   1432 C  CB  . ASP A 1 222 ? 17.756  11.151  -2.849  1.00 42.21 ? 199 ASP A CB  1 
ATOM   1433 C  CG  . ASP A 1 222 ? 18.122  12.557  -2.956  1.00 48.83 ? 199 ASP A CG  1 
ATOM   1434 O  OD1 . ASP A 1 222 ? 18.750  12.884  -4.004  1.00 56.09 ? 199 ASP A OD1 1 
ATOM   1435 O  OD2 . ASP A 1 222 ? 17.744  13.339  -2.044  1.00 58.09 ? 199 ASP A OD2 1 
ATOM   1436 N  N   . ALA A 1 223 ? 17.445  8.511   -4.506  1.00 40.89 ? 200 ALA A N   1 
ATOM   1437 C  CA  . ALA A 1 223 ? 17.951  7.487   -5.366  1.00 42.05 ? 200 ALA A CA  1 
ATOM   1438 C  C   . ALA A 1 223 ? 17.067  7.271   -6.611  1.00 43.61 ? 200 ALA A C   1 
ATOM   1439 O  O   . ALA A 1 223 ? 17.600  7.025   -7.699  1.00 43.92 ? 200 ALA A O   1 
ATOM   1440 C  CB  . ALA A 1 223 ? 18.151  6.188   -4.598  1.00 39.91 ? 200 ALA A CB  1 
ATOM   1441 N  N   . LEU A 1 224 ? 15.740  7.316   -6.446  1.00 45.49 ? 201 LEU A N   1 
ATOM   1442 C  CA  . LEU A 1 224 ? 14.782  7.157   -7.562  1.00 47.62 ? 201 LEU A CA  1 
ATOM   1443 C  C   . LEU A 1 224 ? 14.866  8.344   -8.518  1.00 49.78 ? 201 LEU A C   1 
ATOM   1444 O  O   . LEU A 1 224 ? 14.660  8.205   -9.713  1.00 49.98 ? 201 LEU A O   1 
ATOM   1445 C  CB  . LEU A 1 224 ? 13.347  7.063   -7.079  1.00 46.37 ? 201 LEU A CB  1 
ATOM   1446 C  CG  . LEU A 1 224 ? 12.818  5.821   -6.395  1.00 47.80 ? 201 LEU A CG  1 
ATOM   1447 C  CD1 . LEU A 1 224 ? 11.642  6.174   -5.524  1.00 48.29 ? 201 LEU A CD1 1 
ATOM   1448 C  CD2 . LEU A 1 224 ? 12.413  4.780   -7.384  1.00 49.64 ? 201 LEU A CD2 1 
ATOM   1449 N  N   . GLU A 1 225 ? 15.202  9.506   -8.000  1.00 52.17 ? 202 GLU A N   1 
ATOM   1450 C  CA  . GLU A 1 225 ? 15.243  10.657  -8.834  1.00 55.69 ? 202 GLU A CA  1 
ATOM   1451 C  C   . GLU A 1 225 ? 16.585  10.935  -9.476  1.00 57.46 ? 202 GLU A C   1 
ATOM   1452 O  O   . GLU A 1 225 ? 16.594  11.516  -10.574 1.00 57.83 ? 202 GLU A O   1 
ATOM   1453 C  CB  . GLU A 1 225 ? 14.734  11.884  -8.094  1.00 55.38 ? 202 GLU A CB  1 
ATOM   1454 C  CG  . GLU A 1 225 ? 13.255  11.913  -7.974  1.00 57.86 ? 202 GLU A CG  1 
ATOM   1455 C  CD  . GLU A 1 225 ? 12.772  13.258  -7.497  1.00 64.76 ? 202 GLU A CD  1 
ATOM   1456 O  OE1 . GLU A 1 225 ? 13.610  14.076  -7.063  1.00 68.68 ? 202 GLU A OE1 1 
ATOM   1457 O  OE2 . GLU A 1 225 ? 11.553  13.516  -7.558  1.00 67.29 ? 202 GLU A OE2 1 
ATOM   1458 N  N   . ASN A 1 226 ? 17.682  10.535  -8.809  1.00 59.38 ? 203 ASN A N   1 
ATOM   1459 C  CA  . ASN A 1 226 ? 19.070  10.920  -9.189  1.00 61.57 ? 203 ASN A CA  1 
ATOM   1460 C  C   . ASN A 1 226 ? 20.114  9.783   -9.271  1.00 63.39 ? 203 ASN A C   1 
ATOM   1461 O  O   . ASN A 1 226 ? 21.233  10.032  -9.688  1.00 64.79 ? 203 ASN A O   1 
ATOM   1462 C  CB  . ASN A 1 226 ? 19.658  11.983  -8.223  1.00 61.64 ? 203 ASN A CB  1 
ATOM   1463 C  CG  . ASN A 1 226 ? 18.652  13.066  -7.813  1.00 64.11 ? 203 ASN A CG  1 
ATOM   1464 O  OD1 . ASN A 1 226 ? 18.032  13.702  -8.669  1.00 68.96 ? 203 ASN A OD1 1 
ATOM   1465 N  ND2 . ASN A 1 226 ? 18.496  13.283  -6.494  1.00 60.42 ? 203 ASN A ND2 1 
ATOM   1466 N  N   . GLY A 1 227 ? 19.755  8.547   -8.907  1.00 65.21 ? 204 GLY A N   1 
ATOM   1467 C  CA  . GLY A 1 227 ? 20.722  7.521   -8.476  1.00 66.25 ? 204 GLY A CA  1 
ATOM   1468 C  C   . GLY A 1 227 ? 21.616  6.873   -9.494  1.00 67.45 ? 204 GLY A C   1 
ATOM   1469 O  O   . GLY A 1 227 ? 22.835  6.947   -9.356  1.00 67.67 ? 204 GLY A O   1 
ATOM   1470 N  N   . LEU A 1 228 ? 21.012  6.177   -10.469 1.00 69.03 ? 205 LEU A N   1 
ATOM   1471 C  CA  . LEU A 1 228 ? 21.647  5.896   -11.782 1.00 70.10 ? 205 LEU A CA  1 
ATOM   1472 C  C   . LEU A 1 228 ? 21.548  7.211   -12.597 1.00 71.39 ? 205 LEU A C   1 
ATOM   1473 O  O   . LEU A 1 228 ? 20.412  7.590   -12.955 1.00 70.92 ? 205 LEU A O   1 
ATOM   1474 C  CB  . LEU A 1 228 ? 20.889  4.793   -12.540 1.00 69.89 ? 205 LEU A CB  1 
ATOM   1475 C  CG  . LEU A 1 228 ? 20.132  3.576   -11.970 1.00 70.07 ? 205 LEU A CG  1 
ATOM   1476 C  CD1 . LEU A 1 228 ? 18.636  3.766   -12.032 1.00 68.10 ? 205 LEU A CD1 1 
ATOM   1477 C  CD2 . LEU A 1 228 ? 20.502  2.258   -12.698 1.00 69.31 ? 205 LEU A CD2 1 
ATOM   1478 N  N   . PRO A 1 229 ? 22.683  7.951   -12.850 1.00 73.07 ? 206 PRO A N   1 
ATOM   1479 C  CA  . PRO A 1 229 ? 24.169  8.130   -12.902 1.00 73.78 ? 206 PRO A CA  1 
ATOM   1480 C  C   . PRO A 1 229 ? 25.317  7.111   -13.157 1.00 74.56 ? 206 PRO A C   1 
ATOM   1481 O  O   . PRO A 1 229 ? 25.899  6.494   -12.233 1.00 74.24 ? 206 PRO A O   1 
ATOM   1482 C  CB  . PRO A 1 229 ? 24.420  9.107   -11.755 1.00 73.53 ? 206 PRO A CB  1 
ATOM   1483 C  CG  . PRO A 1 229 ? 23.223  10.097  -12.005 1.00 74.35 ? 206 PRO A CG  1 
ATOM   1484 C  CD  . PRO A 1 229 ? 22.163  9.333   -12.916 1.00 73.33 ? 206 PRO A CD  1 
ATOM   1485 N  N   . ALA A 1 230 ? 25.614  7.026   -14.459 1.00 74.90 ? 207 ALA A N   1 
ATOM   1486 C  CA  . ALA A 1 230 ? 26.868  6.595   -15.056 1.00 75.43 ? 207 ALA A CA  1 
ATOM   1487 C  C   . ALA A 1 230 ? 26.560  5.830   -16.342 1.00 75.71 ? 207 ALA A C   1 
ATOM   1488 O  O   . ALA A 1 230 ? 27.457  5.291   -17.007 1.00 76.47 ? 207 ALA A O   1 
ATOM   1489 C  CB  . ALA A 1 230 ? 27.737  5.776   -14.079 1.00 75.62 ? 207 ALA A CB  1 
HETATM 1490 O  O   . HOH B 2 .   ? 16.472  -1.763  14.396  1.00 39.10 ? 238 HOH A O   1 
HETATM 1491 O  O   . HOH B 2 .   ? 0.838   -0.786  -23.963 1.00 44.78 ? 239 HOH A O   1 
HETATM 1492 O  O   . HOH B 2 .   ? 1.628   -4.757  -5.605  1.00 32.71 ? 240 HOH A O   1 
HETATM 1493 O  O   . HOH B 2 .   ? 5.004   5.904   -21.078 1.00 26.86 ? 241 HOH A O   1 
HETATM 1494 O  O   . HOH B 2 .   ? -0.782  11.341  -20.693 1.00 44.33 ? 242 HOH A O   1 
HETATM 1495 O  O   . HOH B 2 .   ? 4.863   -1.164  -13.427 1.00 38.44 ? 243 HOH A O   1 
HETATM 1496 O  O   . HOH B 2 .   ? 11.192  -0.800  -12.881 1.00 28.28 ? 244 HOH A O   1 
HETATM 1497 O  O   . HOH B 2 .   ? -13.013 -12.590 17.126  1.00 50.05 ? 245 HOH A O   1 
HETATM 1498 O  O   . HOH B 2 .   ? -1.895  -3.189  -20.038 1.00 54.39 ? 246 HOH A O   1 
HETATM 1499 O  O   . HOH B 2 .   ? 5.246   11.423  9.925   1.00 36.80 ? 247 HOH A O   1 
HETATM 1500 O  O   . HOH B 2 .   ? -3.510  8.705   -18.568 1.00 55.84 ? 248 HOH A O   1 
HETATM 1501 O  O   . HOH B 2 .   ? 19.734  8.645   -1.206  1.00 36.23 ? 249 HOH A O   1 
HETATM 1502 O  O   . HOH B 2 .   ? 22.371  6.683   13.231  1.00 49.20 ? 250 HOH A O   1 
HETATM 1503 O  O   . HOH B 2 .   ? 14.410  -9.986  5.402   1.00 38.64 ? 251 HOH A O   1 
HETATM 1504 O  O   . HOH B 2 .   ? 1.298   1.558   13.702  1.00 33.50 ? 252 HOH A O   1 
HETATM 1505 O  O   . HOH B 2 .   ? -0.028  1.123   -18.495 1.00 33.85 ? 253 HOH A O   1 
HETATM 1506 O  O   . HOH B 2 .   ? -4.658  -3.385  -9.743  1.00 44.72 ? 254 HOH A O   1 
HETATM 1507 O  O   . HOH B 2 .   ? -1.084  -4.392  -2.868  1.00 27.05 ? 255 HOH A O   1 
HETATM 1508 O  O   . HOH B 2 .   ? -11.491 -11.086 20.077  1.00 52.85 ? 256 HOH A O   1 
HETATM 1509 O  O   . HOH B 2 .   ? 0.182   7.865   5.869   1.00 34.69 ? 257 HOH A O   1 
HETATM 1510 O  O   . HOH B 2 .   ? -1.923  4.798   -24.651 1.00 55.44 ? 258 HOH A O   1 
HETATM 1511 O  O   . HOH B 2 .   ? -1.793  -0.301  -19.907 1.00 37.61 ? 259 HOH A O   1 
HETATM 1512 O  O   . HOH B 2 .   ? -4.658  -8.418  -2.590  1.00 38.75 ? 260 HOH A O   1 
HETATM 1513 O  O   . HOH B 2 .   ? -25.594 0.276   -5.036  1.00 54.08 ? 261 HOH A O   1 
HETATM 1514 O  O   . HOH B 2 .   ? -20.828 -7.836  18.074  1.00 51.57 ? 262 HOH A O   1 
HETATM 1515 O  O   . HOH B 2 .   ? 15.618  -3.264  1.405   1.00 25.83 ? 263 HOH A O   1 
HETATM 1516 O  O   . HOH B 2 .   ? -4.507  -1.327  4.978   1.00 50.24 ? 264 HOH A O   1 
HETATM 1517 O  O   . HOH B 2 .   ? 7.367   12.890  9.183   1.00 40.63 ? 265 HOH A O   1 
HETATM 1518 O  O   . HOH B 2 .   ? 12.527  -3.998  13.912  1.00 41.04 ? 266 HOH A O   1 
HETATM 1519 O  O   . HOH B 2 .   ? 1.823   12.695  2.816   1.00 50.95 ? 267 HOH A O   1 
HETATM 1520 O  O   . HOH B 2 .   ? 17.733  6.278   -11.126 1.00 58.46 ? 268 HOH A O   1 
HETATM 1521 O  O   . HOH B 2 .   ? -3.911  8.218   2.992   1.00 50.94 ? 269 HOH A O   1 
HETATM 1522 O  O   . HOH B 2 .   ? -0.081  7.559   -1.585  1.00 36.98 ? 270 HOH A O   1 
HETATM 1523 O  O   . HOH B 2 .   ? -3.298  10.713  2.847   1.00 57.05 ? 271 HOH A O   1 
HETATM 1524 O  O   . HOH B 2 .   ? 0.244   -7.676  22.110  1.00 56.94 ? 272 HOH A O   1 
HETATM 1525 O  O   . HOH B 2 .   ? -11.702 -20.216 15.183  1.00 51.25 ? 273 HOH A O   1 
HETATM 1526 O  O   . HOH B 2 .   ? 3.936   16.499  -10.498 1.00 50.65 ? 274 HOH A O   1 
HETATM 1527 O  O   . HOH B 2 .   ? -21.500 -10.526 17.484  1.00 38.28 ? 275 HOH A O   1 
HETATM 1528 O  O   . HOH B 2 .   ? 2.385   0.543   3.640   1.00 25.78 ? 276 HOH A O   1 
HETATM 1529 O  O   . HOH B 2 .   ? -6.842  -18.259 9.637   1.00 55.30 ? 277 HOH A O   1 
HETATM 1530 O  O   . HOH B 2 .   ? -3.363  11.220  7.721   1.00 49.81 ? 278 HOH A O   1 
HETATM 1531 O  O   . HOH B 2 .   ? 6.078   -16.580 1.954   1.00 45.97 ? 279 HOH A O   1 
HETATM 1532 O  O   . HOH B 2 .   ? 2.043   -0.175  -14.508 1.00 41.58 ? 280 HOH A O   1 
HETATM 1533 O  O   . HOH B 2 .   ? 0.305   20.268  -12.484 1.00 48.44 ? 281 HOH A O   1 
HETATM 1534 O  O   . HOH B 2 .   ? -6.401  2.419   -21.877 1.00 69.08 ? 282 HOH A O   1 
HETATM 1535 O  O   . HOH B 2 .   ? -12.505 0.418   7.280   1.00 53.00 ? 283 HOH A O   1 
HETATM 1536 O  O   . HOH B 2 .   ? -5.110  9.168   -1.274  1.00 61.52 ? 284 HOH A O   1 
HETATM 1537 O  O   . HOH B 2 .   ? -5.668  12.765  -18.662 1.00 68.16 ? 285 HOH A O   1 
HETATM 1538 O  O   . HOH B 2 .   ? 1.273   -3.226  -7.950  1.00 55.45 ? 286 HOH A O   1 
HETATM 1539 O  O   . HOH B 2 .   ? 4.122   -0.544  -11.200 1.00 28.67 ? 287 HOH A O   1 
HETATM 1540 O  O   . HOH B 2 .   ? 14.294  11.554  11.242  1.00 52.07 ? 288 HOH A O   1 
HETATM 1541 O  O   . HOH B 2 .   ? -1.063  -4.787  -8.713  1.00 55.48 ? 289 HOH A O   1 
HETATM 1542 O  O   . HOH B 2 .   ? 7.557   18.268  -13.009 1.00 58.79 ? 290 HOH A O   1 
# 
